data_8IBT
#
_entry.id   8IBT
#
_cell.length_a   166.432
_cell.length_b   166.432
_cell.length_c   149.459
_cell.angle_alpha   90.00
_cell.angle_beta   90.00
_cell.angle_gamma   120.00
#
_symmetry.space_group_name_H-M   'P 3 2 1'
#
loop_
_entity.id
_entity.type
_entity.pdbx_description
1 polymer Beta-galactosidase
2 branched beta-D-galactopyranose-(1-3)-2-acetamido-2-deoxy-beta-D-glucopyranose-(1-3)-beta-D-galactopyranose-(1-4)-beta-D-glucopyranose
3 water water
#
_entity_poly.entity_id   1
_entity_poly.type   'polypeptide(L)'
_entity_poly.pdbx_seq_one_letter_code
;MEHRAFKWPQPLAGNKPRIWYGGDYNPDQWPEEVWDEDVALMQQAGVNLVSVAIFSWAKLEPEEGVYDFDWLDRVIDKLG
KAGIAVDLASGTASPPMWMTQAHPEILWVDYRGDVCQPGARQHWRATSPVFLDYALNLCRKMAEHYKDNPYVVSWHVSNE
YGCHNRFDYSEDAERAFQKWCEKKYGTIDAVNDAWGTAFWAQRMNNFSEIIPPRFIGDGNFMNPGKLLDWKRFSSDALLD
FYKAERDALLEIAPKPQTTNFMVSAGCTVLDYDKWGHDVDFVSNDHYFSPGEAHFDEMAYAACLTDGIARKNPWFLMSHS
TSAVNWRPTNYRLEPGELVRDSLAHLAMGADAICYFQWRQSKAGAEKWHSAMVPHAGPDSQIFRDVCELGADLNKLADEG
LLSTKLVKSKVAIVFDYESQWATEHTATPTQEVRHWTEPLDWFRALADNGLTADVVPVRGPWDEYEAVVLPSLAILSEQT
TRRVREYVANGGKLFVTYYTGLVDDRDHVWLGGYPGSIRDVVGVRVEEFAPMGTDAPGTMDHLDLDNGTVAHDFADVITS
VADTAHVVASFKADKWTGFDGAPAITVNDFGDGKAAYVGARLGREGLAKSLPALLEELGIETSAEDDRGEVLRVERADET
GENHFVFLFNRTHDVAVVDVEGEPLVASLAQVNESEHTAAIQPNGVLVVKLAAALEHHHHHH
;
_entity_poly.pdbx_strand_id   A,B
#
loop_
_chem_comp.id
_chem_comp.type
_chem_comp.name
_chem_comp.formula
BGC D-saccharide, beta linking beta-D-glucopyranose 'C6 H12 O6'
GAL D-saccharide, beta linking beta-D-galactopyranose 'C6 H12 O6'
NAG D-saccharide, beta linking 2-acetamido-2-deoxy-beta-D-glucopyranose 'C8 H15 N O6'
#
# COMPACT_ATOMS: atom_id res chain seq x y z
N MET A 1 -0.64 -24.44 15.16
CA MET A 1 -0.61 -23.18 15.97
C MET A 1 0.82 -23.02 16.48
N GLU A 2 1.46 -21.92 16.13
CA GLU A 2 2.86 -21.68 16.50
C GLU A 2 3.87 -22.11 15.42
N HIS A 3 4.55 -21.12 14.85
CA HIS A 3 5.63 -21.33 13.92
C HIS A 3 6.91 -21.40 14.72
N ARG A 4 7.93 -22.06 14.17
CA ARG A 4 9.26 -21.89 14.76
C ARG A 4 9.79 -20.52 14.39
N ALA A 5 10.75 -20.01 15.16
CA ALA A 5 11.43 -18.76 14.83
C ALA A 5 12.10 -18.88 13.45
N PHE A 6 12.04 -17.81 12.70
CA PHE A 6 12.58 -17.78 11.36
C PHE A 6 14.09 -17.84 11.47
N LYS A 7 14.69 -18.78 10.72
CA LYS A 7 16.14 -18.80 10.53
C LYS A 7 16.47 -19.02 9.06
N TRP A 8 17.64 -18.52 8.68
CA TRP A 8 18.07 -18.41 7.31
C TRP A 8 19.54 -18.78 7.20
N PRO A 9 19.95 -19.48 6.13
CA PRO A 9 21.35 -19.87 5.96
C PRO A 9 22.20 -18.61 5.80
N GLN A 10 23.24 -18.54 6.62
CA GLN A 10 24.04 -17.32 6.77
C GLN A 10 25.23 -17.39 5.81
N PRO A 11 25.73 -16.23 5.36
CA PRO A 11 26.89 -16.16 4.49
C PRO A 11 28.13 -16.78 5.12
N LEU A 12 29.06 -17.28 4.29
CA LEU A 12 30.34 -17.76 4.77
C LEU A 12 31.09 -16.58 5.36
N ALA A 13 31.97 -16.89 6.33
CA ALA A 13 32.90 -15.92 6.91
C ALA A 13 33.54 -15.10 5.80
N GLY A 14 33.32 -13.77 5.82
CA GLY A 14 33.94 -12.87 4.87
C GLY A 14 33.07 -12.50 3.67
N ASN A 15 31.85 -13.06 3.60
CA ASN A 15 30.95 -12.69 2.50
C ASN A 15 29.85 -11.77 2.99
N LYS A 16 29.30 -11.01 2.05
CA LYS A 16 28.09 -10.25 2.32
C LYS A 16 26.89 -11.14 2.00
N PRO A 17 25.69 -10.78 2.50
CA PRO A 17 24.48 -11.51 2.14
C PRO A 17 24.25 -11.43 0.64
N ARG A 18 23.73 -12.53 0.09
CA ARG A 18 23.49 -12.65 -1.34
C ARG A 18 22.17 -13.36 -1.56
N ILE A 19 21.52 -13.16 -2.72
CA ILE A 19 20.45 -14.08 -3.07
C ILE A 19 21.13 -15.43 -3.31
N TRP A 20 20.89 -16.41 -2.46
CA TRP A 20 21.53 -17.71 -2.66
C TRP A 20 21.23 -18.23 -4.07
N TYR A 21 22.25 -18.76 -4.77
CA TYR A 21 22.00 -19.18 -6.14
C TYR A 21 22.81 -20.42 -6.45
N GLY A 22 22.14 -21.44 -6.98
CA GLY A 22 22.84 -22.67 -7.36
C GLY A 22 21.91 -23.86 -7.46
N GLY A 23 22.20 -24.97 -6.77
CA GLY A 23 21.29 -26.11 -6.82
C GLY A 23 21.89 -27.40 -6.31
N ASP A 24 21.19 -28.50 -6.58
CA ASP A 24 21.64 -29.81 -6.16
C ASP A 24 22.95 -30.14 -6.87
N TYR A 25 23.97 -30.55 -6.12
CA TYR A 25 25.25 -30.94 -6.70
C TYR A 25 25.48 -32.38 -6.27
N ASN A 26 25.81 -33.23 -7.26
CA ASN A 26 26.04 -34.68 -7.06
C ASN A 26 27.43 -35.09 -7.53
N PRO A 27 28.48 -34.60 -6.85
CA PRO A 27 29.82 -34.93 -7.26
C PRO A 27 30.09 -36.43 -7.18
N ASP A 28 29.42 -37.14 -6.27
CA ASP A 28 29.57 -38.59 -6.14
C ASP A 28 29.22 -39.30 -7.44
N GLN A 29 28.59 -38.61 -8.38
CA GLN A 29 28.23 -39.24 -9.63
C GLN A 29 29.23 -38.94 -10.72
N TRP A 30 30.36 -38.29 -10.40
CA TRP A 30 31.35 -38.00 -11.42
C TRP A 30 32.73 -38.34 -10.90
N PRO A 31 33.73 -38.62 -11.77
CA PRO A 31 35.12 -38.73 -11.33
C PRO A 31 35.57 -37.46 -10.61
N GLU A 32 36.46 -37.61 -9.62
CA GLU A 32 36.83 -36.45 -8.82
C GLU A 32 37.48 -35.36 -9.68
N GLU A 33 38.16 -35.71 -10.76
CA GLU A 33 38.77 -34.67 -11.58
C GLU A 33 37.77 -33.68 -12.15
N VAL A 34 36.49 -34.09 -12.28
CA VAL A 34 35.45 -33.19 -12.74
C VAL A 34 35.15 -32.06 -11.73
N TRP A 35 35.39 -32.28 -10.44
CA TRP A 35 35.03 -31.32 -9.40
C TRP A 35 35.72 -29.96 -9.51
N ASP A 36 36.98 -29.94 -9.95
CA ASP A 36 37.67 -28.66 -10.21
C ASP A 36 37.01 -27.88 -11.36
N GLU A 37 36.52 -28.58 -12.39
CA GLU A 37 35.85 -27.91 -13.50
C GLU A 37 34.51 -27.35 -12.98
N ASP A 38 33.80 -28.11 -12.14
CA ASP A 38 32.50 -27.71 -11.62
C ASP A 38 32.62 -26.39 -10.87
N VAL A 39 33.66 -26.33 -10.04
CA VAL A 39 33.89 -25.18 -9.19
C VAL A 39 34.20 -23.97 -10.06
N ALA A 40 35.03 -24.12 -11.09
CA ALA A 40 35.41 -23.01 -11.97
C ALA A 40 34.15 -22.54 -12.67
N LEU A 41 33.35 -23.49 -13.17
CA LEU A 41 32.10 -23.07 -13.82
C LEU A 41 31.14 -22.44 -12.82
N MET A 42 31.10 -22.92 -11.59
CA MET A 42 30.17 -22.31 -10.67
C MET A 42 30.54 -20.85 -10.42
N GLN A 43 31.85 -20.56 -10.34
CA GLN A 43 32.29 -19.20 -10.09
C GLN A 43 31.90 -18.33 -11.28
N GLN A 44 32.11 -18.84 -12.47
CA GLN A 44 31.70 -18.12 -13.65
C GLN A 44 30.19 -17.77 -13.62
N ALA A 45 29.36 -18.74 -13.25
CA ALA A 45 27.91 -18.58 -13.25
C ALA A 45 27.40 -17.72 -12.11
N GLY A 46 28.24 -17.43 -11.11
CA GLY A 46 27.76 -16.67 -9.96
C GLY A 46 27.10 -17.55 -8.91
N VAL A 47 27.29 -18.88 -9.01
CA VAL A 47 26.77 -19.84 -8.02
C VAL A 47 27.51 -19.70 -6.70
N ASN A 48 26.73 -19.69 -5.65
CA ASN A 48 27.22 -19.39 -4.33
C ASN A 48 26.66 -20.34 -3.26
N LEU A 49 25.83 -21.29 -3.68
CA LEU A 49 25.42 -22.32 -2.74
C LEU A 49 25.04 -23.60 -3.51
N VAL A 50 25.43 -24.75 -2.96
CA VAL A 50 24.94 -26.00 -3.53
C VAL A 50 24.44 -26.96 -2.45
N SER A 51 23.45 -27.81 -2.83
CA SER A 51 22.88 -28.81 -1.97
C SER A 51 23.51 -30.18 -2.28
N VAL A 52 24.21 -30.75 -1.28
CA VAL A 52 25.01 -31.94 -1.45
C VAL A 52 24.51 -33.08 -0.56
N ALA A 53 24.73 -34.32 -1.03
CA ALA A 53 24.63 -35.57 -0.30
C ALA A 53 23.17 -36.02 -0.14
N ILE A 54 22.25 -35.52 -0.98
CA ILE A 54 20.84 -35.78 -0.73
C ILE A 54 20.47 -37.26 -0.81
N PHE A 55 20.97 -37.98 -1.81
CA PHE A 55 20.75 -39.42 -1.85
C PHE A 55 22.05 -40.20 -1.81
N SER A 56 22.92 -39.84 -0.86
CA SER A 56 24.28 -40.36 -0.84
C SER A 56 24.45 -41.41 0.24
N TRP A 57 23.37 -41.94 0.85
CA TRP A 57 23.47 -42.91 1.94
C TRP A 57 24.36 -44.11 1.58
N ALA A 58 24.20 -44.62 0.38
CA ALA A 58 24.92 -45.82 -0.04
C ALA A 58 26.40 -45.52 -0.21
N LYS A 59 26.79 -44.25 -0.31
CA LYS A 59 28.21 -43.90 -0.29
C LYS A 59 28.69 -43.57 1.13
N LEU A 60 27.83 -42.99 1.98
CA LEU A 60 28.28 -42.48 3.28
C LEU A 60 28.39 -43.61 4.30
N GLU A 61 27.50 -44.61 4.11
CA GLU A 61 27.39 -45.78 4.97
C GLU A 61 27.34 -46.94 4.00
N PRO A 62 28.47 -47.27 3.35
CA PRO A 62 28.47 -48.27 2.30
C PRO A 62 28.01 -49.65 2.77
N GLU A 63 28.02 -49.91 4.09
CA GLU A 63 27.48 -51.15 4.67
C GLU A 63 27.26 -50.82 6.12
N GLU A 64 26.44 -51.63 6.81
CA GLU A 64 25.94 -51.24 8.10
C GLU A 64 27.10 -50.96 9.07
N GLY A 65 27.11 -49.76 9.67
CA GLY A 65 28.06 -49.40 10.68
C GLY A 65 29.47 -49.06 10.16
N VAL A 66 29.61 -48.92 8.84
CA VAL A 66 30.84 -48.44 8.19
C VAL A 66 30.54 -47.11 7.49
N TYR A 67 31.31 -46.10 7.83
CA TYR A 67 31.09 -44.73 7.40
C TYR A 67 32.24 -44.26 6.52
N ASP A 68 31.94 -43.55 5.43
CA ASP A 68 32.95 -43.08 4.49
C ASP A 68 32.67 -41.62 4.15
N PHE A 69 33.25 -40.70 4.92
CA PHE A 69 32.95 -39.27 4.83
C PHE A 69 33.99 -38.51 4.01
N ASP A 70 35.13 -39.13 3.76
CA ASP A 70 36.31 -38.42 3.29
C ASP A 70 36.06 -37.73 1.93
N TRP A 71 35.41 -38.41 1.00
CA TRP A 71 35.12 -37.83 -0.30
C TRP A 71 34.31 -36.53 -0.13
N LEU A 72 33.38 -36.51 0.81
CA LEU A 72 32.50 -35.37 0.97
C LEU A 72 33.22 -34.29 1.77
N ASP A 73 34.13 -34.65 2.67
CA ASP A 73 34.93 -33.60 3.30
C ASP A 73 35.67 -32.84 2.20
N ARG A 74 36.17 -33.66 1.25
CA ARG A 74 37.01 -33.12 0.20
C ARG A 74 36.18 -32.22 -0.68
N VAL A 75 35.01 -32.69 -1.12
CA VAL A 75 34.22 -31.85 -1.98
C VAL A 75 33.89 -30.59 -1.21
N ILE A 76 33.47 -30.73 0.05
CA ILE A 76 32.97 -29.53 0.75
C ILE A 76 34.12 -28.52 0.93
N ASP A 77 35.33 -29.04 1.13
CA ASP A 77 36.50 -28.17 1.23
C ASP A 77 36.72 -27.43 -0.11
N LYS A 78 36.65 -28.09 -1.29
CA LYS A 78 36.92 -27.35 -2.51
C LYS A 78 35.83 -26.29 -2.71
N LEU A 79 34.60 -26.55 -2.34
CA LEU A 79 33.55 -25.58 -2.59
C LEU A 79 33.78 -24.34 -1.73
N GLY A 80 33.98 -24.59 -0.45
CA GLY A 80 34.12 -23.54 0.53
C GLY A 80 35.30 -22.63 0.23
N LYS A 81 36.41 -23.24 -0.22
CA LYS A 81 37.64 -22.53 -0.53
C LYS A 81 37.43 -21.67 -1.76
N ALA A 82 36.47 -22.06 -2.61
CA ALA A 82 36.11 -21.17 -3.70
C ALA A 82 34.99 -20.21 -3.29
N GLY A 83 34.61 -20.09 -2.00
CA GLY A 83 33.55 -19.16 -1.65
C GLY A 83 32.13 -19.68 -1.89
N ILE A 84 31.96 -21.00 -2.15
CA ILE A 84 30.63 -21.56 -2.38
C ILE A 84 30.17 -22.29 -1.14
N ALA A 85 28.98 -21.93 -0.65
CA ALA A 85 28.40 -22.52 0.54
C ALA A 85 27.70 -23.84 0.22
N VAL A 86 27.58 -24.68 1.26
CA VAL A 86 26.96 -25.99 1.17
C VAL A 86 25.74 -26.05 2.07
N ASP A 87 24.61 -26.36 1.44
CA ASP A 87 23.42 -26.80 2.11
C ASP A 87 23.50 -28.31 2.21
N LEU A 88 23.85 -28.83 3.40
CA LEU A 88 24.14 -30.23 3.50
C LEU A 88 22.90 -31.06 3.83
N ALA A 89 22.69 -32.14 3.07
CA ALA A 89 21.61 -33.06 3.43
C ALA A 89 21.95 -34.01 4.57
N SER A 90 20.86 -34.53 5.12
CA SER A 90 20.92 -35.58 6.12
C SER A 90 21.45 -36.86 5.49
N GLY A 91 21.18 -37.03 4.19
CA GLY A 91 21.59 -38.20 3.46
C GLY A 91 20.60 -39.35 3.54
N THR A 92 19.47 -39.15 4.25
CA THR A 92 18.53 -40.18 4.68
C THR A 92 17.32 -40.30 3.77
N ALA A 93 17.38 -39.65 2.62
CA ALA A 93 16.21 -39.55 1.77
C ALA A 93 15.73 -40.93 1.30
N SER A 94 16.69 -41.79 0.98
CA SER A 94 16.36 -43.10 0.47
C SER A 94 17.40 -44.10 0.96
N PRO A 95 17.00 -45.27 1.43
CA PRO A 95 17.97 -46.21 1.95
C PRO A 95 18.74 -47.06 0.96
N PRO A 96 19.96 -47.53 1.37
CA PRO A 96 20.76 -48.35 0.50
C PRO A 96 20.17 -49.75 0.37
N MET A 97 20.68 -50.45 -0.60
CA MET A 97 20.28 -51.84 -0.83
C MET A 97 20.61 -52.79 0.33
N TRP A 98 21.78 -52.65 0.97
CA TRP A 98 22.13 -53.55 2.07
C TRP A 98 21.10 -53.47 3.19
N MET A 99 20.53 -52.28 3.34
CA MET A 99 19.61 -52.07 4.43
C MET A 99 18.28 -52.78 4.15
N THR A 100 17.73 -52.63 2.93
CA THR A 100 16.40 -53.15 2.67
C THR A 100 16.52 -54.67 2.45
N GLN A 101 17.70 -55.15 2.09
CA GLN A 101 17.91 -56.60 2.00
C GLN A 101 17.94 -57.22 3.40
N ALA A 102 18.57 -56.56 4.40
CA ALA A 102 18.58 -57.05 5.77
C ALA A 102 17.23 -56.86 6.43
N HIS A 103 16.58 -55.73 6.13
CA HIS A 103 15.33 -55.38 6.77
C HIS A 103 14.22 -55.04 5.75
N PRO A 104 13.58 -56.06 5.13
CA PRO A 104 12.45 -55.84 4.24
C PRO A 104 11.20 -55.24 4.95
N GLU A 105 11.08 -55.38 6.28
CA GLU A 105 10.05 -54.70 7.04
C GLU A 105 10.07 -53.16 6.90
N ILE A 106 11.16 -52.56 6.42
CA ILE A 106 11.26 -51.13 6.10
C ILE A 106 10.38 -50.72 4.92
N LEU A 107 10.12 -51.63 3.96
CA LEU A 107 9.55 -51.20 2.69
C LEU A 107 8.04 -50.98 2.87
N TRP A 108 7.52 -49.92 2.28
CA TRP A 108 6.09 -49.65 2.33
C TRP A 108 5.27 -50.64 1.53
N VAL A 109 4.01 -50.75 1.95
CA VAL A 109 3.12 -51.80 1.45
C VAL A 109 1.91 -51.11 0.86
N ASP A 110 1.45 -51.60 -0.29
CA ASP A 110 0.36 -50.92 -0.98
C ASP A 110 -1.01 -51.47 -0.55
N TYR A 111 -2.09 -50.86 -1.09
CA TYR A 111 -3.44 -51.11 -0.62
C TYR A 111 -3.76 -52.61 -0.77
N ARG A 112 -3.05 -53.31 -1.63
CA ARG A 112 -3.34 -54.72 -1.87
C ARG A 112 -2.40 -55.64 -1.10
N GLY A 113 -1.42 -55.11 -0.36
CA GLY A 113 -0.55 -55.99 0.41
C GLY A 113 0.71 -56.28 -0.40
N ASP A 114 0.88 -55.66 -1.60
CA ASP A 114 2.13 -55.78 -2.30
C ASP A 114 3.17 -54.76 -1.82
N VAL A 115 4.39 -55.28 -1.67
CA VAL A 115 5.48 -54.57 -1.02
C VAL A 115 6.24 -53.81 -2.09
N CYS A 116 6.35 -52.49 -1.94
CA CYS A 116 7.18 -51.70 -2.82
C CYS A 116 8.64 -52.15 -2.66
N GLN A 117 9.30 -52.50 -3.76
CA GLN A 117 10.66 -52.98 -3.73
C GLN A 117 11.60 -51.80 -3.94
N PRO A 118 12.90 -51.96 -3.59
CA PRO A 118 13.95 -51.08 -4.09
C PRO A 118 13.95 -51.14 -5.61
N GLY A 119 14.54 -50.12 -6.23
CA GLY A 119 14.63 -49.97 -7.67
C GLY A 119 14.50 -48.51 -8.07
N ALA A 120 13.78 -47.73 -7.24
CA ALA A 120 13.71 -46.28 -7.45
C ALA A 120 14.16 -45.55 -6.20
N ARG A 121 13.27 -44.82 -5.55
CA ARG A 121 13.67 -44.15 -4.33
C ARG A 121 12.52 -44.02 -3.34
N GLN A 122 12.89 -43.82 -2.08
CA GLN A 122 11.98 -43.45 -1.01
C GLN A 122 11.01 -44.58 -0.68
N HIS A 123 11.46 -45.83 -0.80
CA HIS A 123 10.63 -46.99 -0.54
C HIS A 123 10.63 -47.37 0.95
N TRP A 124 10.33 -46.43 1.86
CA TRP A 124 10.33 -46.72 3.26
C TRP A 124 9.01 -46.29 3.90
N ARG A 125 8.60 -47.01 4.94
CA ARG A 125 7.36 -46.74 5.65
C ARG A 125 7.59 -45.59 6.62
N ALA A 126 6.73 -44.60 6.60
CA ALA A 126 6.85 -43.50 7.59
C ALA A 126 6.82 -43.95 9.06
N THR A 127 6.18 -45.09 9.35
CA THR A 127 6.00 -45.52 10.74
C THR A 127 6.86 -46.74 11.05
N SER A 128 7.88 -47.06 10.25
CA SER A 128 8.81 -48.15 10.56
C SER A 128 9.69 -47.76 11.74
N PRO A 129 9.64 -48.42 12.91
CA PRO A 129 10.57 -48.06 13.97
C PRO A 129 12.02 -48.39 13.54
N VAL A 130 12.17 -49.37 12.66
CA VAL A 130 13.48 -49.79 12.19
C VAL A 130 14.05 -48.77 11.22
N PHE A 131 13.30 -48.33 10.22
CA PHE A 131 13.85 -47.27 9.38
C PHE A 131 14.14 -46.00 10.20
N LEU A 132 13.33 -45.69 11.21
CA LEU A 132 13.62 -44.53 12.06
C LEU A 132 14.99 -44.65 12.73
N ASP A 133 15.33 -45.83 13.25
CA ASP A 133 16.57 -46.01 13.96
C ASP A 133 17.76 -45.79 13.01
N TYR A 134 17.66 -46.31 11.80
CA TYR A 134 18.68 -46.11 10.80
C TYR A 134 18.83 -44.64 10.43
N ALA A 135 17.70 -43.99 10.14
CA ALA A 135 17.77 -42.60 9.75
C ALA A 135 18.43 -41.74 10.84
N LEU A 136 18.00 -41.90 12.10
CA LEU A 136 18.45 -41.03 13.18
C LEU A 136 19.93 -41.28 13.42
N ASN A 137 20.36 -42.53 13.22
CA ASN A 137 21.76 -42.84 13.38
C ASN A 137 22.57 -42.10 12.32
N LEU A 138 22.11 -42.10 11.08
CA LEU A 138 22.90 -41.43 10.07
C LEU A 138 22.88 -39.94 10.32
N CYS A 139 21.73 -39.38 10.72
CA CYS A 139 21.67 -37.95 11.08
C CYS A 139 22.66 -37.61 12.20
N ARG A 140 22.75 -38.45 13.23
CA ARG A 140 23.71 -38.18 14.29
C ARG A 140 25.15 -38.23 13.76
N LYS A 141 25.47 -39.22 12.93
CA LYS A 141 26.84 -39.32 12.41
C LYS A 141 27.16 -38.10 11.54
N MET A 142 26.24 -37.66 10.69
CA MET A 142 26.47 -36.50 9.84
C MET A 142 26.63 -35.24 10.69
N ALA A 143 25.78 -35.12 11.72
CA ALA A 143 25.78 -33.91 12.51
C ALA A 143 27.11 -33.82 13.27
N GLU A 144 27.55 -34.94 13.79
CA GLU A 144 28.77 -35.02 14.59
C GLU A 144 29.96 -34.68 13.71
N HIS A 145 29.95 -35.19 12.45
CA HIS A 145 31.06 -34.95 11.58
C HIS A 145 31.07 -33.51 11.05
N TYR A 146 29.92 -32.87 10.82
CA TYR A 146 29.94 -31.60 10.09
C TYR A 146 29.60 -30.42 11.00
N LYS A 147 29.48 -30.67 12.31
CA LYS A 147 29.00 -29.67 13.25
C LYS A 147 29.92 -28.44 13.34
N ASP A 148 31.22 -28.65 13.19
CA ASP A 148 32.13 -27.53 13.28
C ASP A 148 32.69 -27.20 11.90
N ASN A 149 32.00 -27.65 10.84
CA ASN A 149 32.41 -27.27 9.49
C ASN A 149 31.83 -25.91 9.12
N PRO A 150 32.69 -24.91 8.78
CA PRO A 150 32.24 -23.56 8.49
C PRO A 150 31.69 -23.32 7.09
N TYR A 151 31.93 -24.24 6.16
CA TYR A 151 31.36 -24.15 4.84
C TYR A 151 29.92 -24.70 4.76
N VAL A 152 29.44 -25.39 5.79
CA VAL A 152 28.07 -25.88 5.85
C VAL A 152 27.15 -24.89 6.52
N VAL A 153 26.19 -24.37 5.76
CA VAL A 153 25.37 -23.28 6.27
C VAL A 153 23.92 -23.68 6.59
N SER A 154 23.49 -24.89 6.24
CA SER A 154 22.12 -25.32 6.47
C SER A 154 22.04 -26.84 6.37
N TRP A 155 20.97 -27.38 6.94
CA TRP A 155 20.58 -28.77 6.78
C TRP A 155 19.41 -28.84 5.82
N HIS A 156 19.47 -29.85 4.95
CA HIS A 156 18.44 -30.14 3.99
C HIS A 156 17.92 -31.52 4.39
N VAL A 157 16.89 -31.62 5.22
CA VAL A 157 16.60 -32.85 5.93
C VAL A 157 15.81 -33.74 4.97
N SER A 158 16.31 -34.95 4.71
CA SER A 158 15.71 -35.85 3.75
C SER A 158 15.53 -35.15 2.40
N ASN A 159 14.44 -35.48 1.70
CA ASN A 159 14.04 -34.91 0.42
C ASN A 159 12.56 -35.25 0.11
N GLU A 160 11.75 -34.20 -0.09
CA GLU A 160 10.37 -34.33 -0.55
C GLU A 160 9.59 -35.47 0.12
N TYR A 161 9.47 -35.38 1.45
CA TYR A 161 8.68 -36.37 2.14
C TYR A 161 7.33 -36.65 1.44
N GLY A 162 7.04 -37.93 1.14
CA GLY A 162 5.74 -38.34 0.68
C GLY A 162 5.62 -38.28 -0.84
N CYS A 163 6.66 -37.86 -1.55
CA CYS A 163 6.57 -37.93 -2.99
C CYS A 163 6.23 -39.35 -3.47
N HIS A 164 6.82 -40.39 -2.88
CA HIS A 164 6.60 -41.78 -3.28
C HIS A 164 5.98 -42.59 -2.13
N ASN A 165 6.24 -42.18 -0.87
CA ASN A 165 5.78 -42.94 0.27
C ASN A 165 4.70 -42.27 1.13
N ARG A 166 3.84 -41.49 0.51
CA ARG A 166 2.71 -40.86 1.17
C ARG A 166 1.87 -41.90 1.92
N PHE A 167 1.62 -43.02 1.25
CA PHE A 167 0.69 -44.02 1.76
C PHE A 167 1.39 -45.33 2.00
N ASP A 168 1.20 -45.87 3.19
CA ASP A 168 1.62 -47.20 3.52
C ASP A 168 0.45 -47.91 4.16
N TYR A 169 0.33 -49.19 3.93
CA TYR A 169 -0.80 -49.95 4.42
C TYR A 169 -0.29 -51.13 5.22
N SER A 170 0.96 -51.06 5.70
CA SER A 170 1.58 -52.14 6.46
C SER A 170 0.91 -52.23 7.82
N GLU A 171 1.30 -53.27 8.56
CA GLU A 171 0.99 -53.52 10.00
C GLU A 171 1.55 -52.37 10.86
N ASP A 172 2.67 -51.77 10.47
CA ASP A 172 3.14 -50.59 11.19
C ASP A 172 2.12 -49.44 11.05
N ALA A 173 1.65 -49.16 9.84
CA ALA A 173 0.67 -48.10 9.64
C ALA A 173 -0.64 -48.40 10.34
N GLU A 174 -1.06 -49.65 10.35
CA GLU A 174 -2.29 -50.02 11.04
C GLU A 174 -2.19 -49.66 12.51
N ARG A 175 -1.07 -49.99 13.16
CA ARG A 175 -0.94 -49.72 14.58
C ARG A 175 -0.86 -48.22 14.79
N ALA A 176 -0.18 -47.49 13.89
CA ALA A 176 0.02 -46.07 14.10
C ALA A 176 -1.31 -45.35 13.83
N PHE A 177 -2.08 -45.80 12.84
CA PHE A 177 -3.32 -45.12 12.54
C PHE A 177 -4.29 -45.27 13.70
N GLN A 178 -4.26 -46.45 14.34
CA GLN A 178 -5.08 -46.70 15.53
C GLN A 178 -4.73 -45.72 16.63
N LYS A 179 -3.43 -45.54 16.91
CA LYS A 179 -2.99 -44.60 17.93
C LYS A 179 -3.29 -43.15 17.56
N TRP A 180 -3.19 -42.80 16.30
CA TRP A 180 -3.51 -41.45 15.90
C TRP A 180 -5.01 -41.21 16.06
N CYS A 181 -5.83 -42.22 15.79
CA CYS A 181 -7.27 -42.06 16.01
C CYS A 181 -7.64 -41.95 17.47
N GLU A 182 -7.01 -42.75 18.30
CA GLU A 182 -7.27 -42.65 19.72
C GLU A 182 -6.80 -41.28 20.27
N LYS A 183 -5.67 -40.77 19.79
CA LYS A 183 -5.17 -39.51 20.27
C LYS A 183 -6.09 -38.40 19.77
N LYS A 184 -6.64 -38.54 18.56
CA LYS A 184 -7.51 -37.49 18.06
C LYS A 184 -8.92 -37.55 18.68
N TYR A 185 -9.50 -38.74 18.91
CA TYR A 185 -10.92 -38.80 19.25
C TYR A 185 -11.16 -39.22 20.69
N GLY A 186 -10.17 -39.83 21.33
CA GLY A 186 -10.31 -40.30 22.72
C GLY A 186 -11.06 -41.64 22.85
N THR A 187 -12.27 -41.78 22.27
CA THR A 187 -13.06 -43.01 22.40
C THR A 187 -13.52 -43.51 21.01
N ILE A 188 -13.84 -44.80 20.95
CA ILE A 188 -14.25 -45.41 19.70
C ILE A 188 -15.64 -44.88 19.31
N ASP A 189 -16.42 -44.47 20.33
CA ASP A 189 -17.72 -43.84 20.06
C ASP A 189 -17.49 -42.56 19.26
N ALA A 190 -16.41 -41.81 19.52
CA ALA A 190 -16.24 -40.54 18.84
C ALA A 190 -15.71 -40.79 17.42
N VAL A 191 -14.96 -41.88 17.20
CA VAL A 191 -14.60 -42.32 15.86
C VAL A 191 -15.82 -42.78 15.04
N ASN A 192 -16.62 -43.71 15.58
CA ASN A 192 -17.89 -44.09 14.97
C ASN A 192 -18.75 -42.91 14.54
N ASP A 193 -18.94 -41.95 15.46
CA ASP A 193 -19.60 -40.70 15.14
C ASP A 193 -18.87 -39.89 14.07
N ALA A 194 -17.55 -39.68 14.18
CA ALA A 194 -16.89 -38.86 13.17
C ALA A 194 -17.05 -39.49 11.77
N TRP A 195 -16.81 -40.78 11.65
CA TRP A 195 -16.83 -41.44 10.36
C TRP A 195 -18.24 -41.83 9.91
N GLY A 196 -19.27 -41.73 10.79
CA GLY A 196 -20.63 -41.99 10.38
C GLY A 196 -20.83 -43.47 10.12
N THR A 197 -20.33 -44.32 11.03
CA THR A 197 -20.22 -45.73 10.71
C THR A 197 -21.50 -46.53 10.86
N ALA A 198 -22.61 -45.86 11.14
CA ALA A 198 -23.88 -46.53 11.28
C ALA A 198 -24.43 -47.04 9.91
N PHE A 199 -23.85 -46.59 8.82
CA PHE A 199 -24.17 -47.12 7.51
C PHE A 199 -23.26 -48.32 7.19
N TRP A 200 -23.83 -49.26 6.41
CA TRP A 200 -23.15 -50.39 5.83
C TRP A 200 -22.49 -51.26 6.89
N ALA A 201 -23.10 -51.22 8.07
CA ALA A 201 -22.70 -52.06 9.18
C ALA A 201 -21.22 -51.92 9.47
N GLN A 202 -20.75 -50.68 9.52
CA GLN A 202 -19.35 -50.41 9.72
C GLN A 202 -19.05 -50.07 11.19
N ARG A 203 -20.02 -50.11 12.09
CA ARG A 203 -19.77 -49.64 13.48
C ARG A 203 -18.69 -50.50 14.18
N MET A 204 -17.76 -49.85 14.88
CA MET A 204 -16.65 -50.57 15.50
C MET A 204 -16.84 -50.61 17.03
N ASN A 205 -16.48 -51.75 17.65
CA ASN A 205 -16.54 -51.97 19.10
C ASN A 205 -15.31 -51.45 19.83
N ASN A 206 -14.18 -51.42 19.14
CA ASN A 206 -12.95 -50.94 19.77
C ASN A 206 -11.97 -50.47 18.70
N PHE A 207 -10.84 -49.91 19.17
CA PHE A 207 -9.80 -49.39 18.31
C PHE A 207 -9.12 -50.45 17.44
N SER A 208 -9.01 -51.68 17.96
CA SER A 208 -8.38 -52.78 17.26
C SER A 208 -9.08 -53.11 15.96
N GLU A 209 -10.34 -52.66 15.83
CA GLU A 209 -11.14 -52.88 14.64
C GLU A 209 -10.90 -51.79 13.58
N ILE A 210 -10.09 -50.75 13.86
CA ILE A 210 -9.71 -49.78 12.82
C ILE A 210 -8.58 -50.36 11.99
N ILE A 211 -8.86 -50.60 10.71
CA ILE A 211 -7.79 -51.00 9.82
C ILE A 211 -7.50 -49.85 8.86
N PRO A 212 -6.33 -49.79 8.20
CA PRO A 212 -6.14 -48.86 7.09
C PRO A 212 -7.13 -49.06 5.97
N PRO A 213 -7.42 -48.01 5.20
CA PRO A 213 -8.29 -48.21 4.03
C PRO A 213 -7.66 -48.98 2.86
N ARG A 214 -7.42 -50.27 3.09
CA ARG A 214 -6.94 -51.28 2.14
C ARG A 214 -7.96 -51.65 1.09
N PHE A 215 -7.48 -52.35 0.05
CA PHE A 215 -8.29 -52.87 -1.08
C PHE A 215 -9.69 -53.34 -0.69
N ILE A 216 -10.71 -52.80 -1.35
CA ILE A 216 -12.11 -53.12 -1.12
C ILE A 216 -12.77 -53.52 -2.43
N GLY A 217 -11.97 -53.87 -3.47
CA GLY A 217 -12.54 -54.05 -4.81
C GLY A 217 -12.49 -52.74 -5.57
N ASP A 218 -11.93 -52.81 -6.78
CA ASP A 218 -11.65 -51.58 -7.51
C ASP A 218 -13.04 -51.08 -7.92
N GLY A 219 -13.29 -49.79 -7.74
CA GLY A 219 -14.60 -49.26 -8.06
C GLY A 219 -15.53 -49.11 -6.84
N ASN A 220 -15.22 -49.76 -5.70
CA ASN A 220 -16.10 -49.64 -4.54
C ASN A 220 -15.72 -48.41 -3.73
N PHE A 221 -16.56 -48.01 -2.75
CA PHE A 221 -16.52 -46.69 -2.14
C PHE A 221 -16.08 -46.78 -0.69
N MET A 222 -14.88 -46.26 -0.38
CA MET A 222 -14.35 -46.24 0.96
C MET A 222 -15.12 -45.22 1.79
N ASN A 223 -15.09 -45.39 3.10
CA ASN A 223 -15.73 -44.46 4.01
C ASN A 223 -15.01 -43.11 3.92
N PRO A 224 -15.73 -42.01 3.64
CA PRO A 224 -15.08 -40.73 3.34
C PRO A 224 -14.44 -40.03 4.52
N GLY A 225 -15.08 -40.16 5.69
CA GLY A 225 -14.57 -39.61 6.93
C GLY A 225 -13.22 -40.24 7.26
N LYS A 226 -13.20 -41.57 7.09
CA LYS A 226 -12.02 -42.33 7.34
C LYS A 226 -10.94 -42.00 6.32
N LEU A 227 -11.29 -41.87 5.06
CA LEU A 227 -10.25 -41.62 4.06
C LEU A 227 -9.63 -40.23 4.26
N LEU A 228 -10.41 -39.22 4.65
CA LEU A 228 -9.93 -37.90 4.98
C LEU A 228 -8.97 -37.93 6.15
N ASP A 229 -9.31 -38.69 7.19
CA ASP A 229 -8.43 -38.90 8.31
C ASP A 229 -7.22 -39.73 7.90
N TRP A 230 -7.34 -40.66 6.93
CA TRP A 230 -6.18 -41.41 6.50
C TRP A 230 -5.14 -40.47 5.88
N LYS A 231 -5.64 -39.49 5.14
CA LYS A 231 -4.77 -38.52 4.51
C LYS A 231 -4.16 -37.56 5.53
N ARG A 232 -4.90 -37.22 6.57
CA ARG A 232 -4.33 -36.35 7.58
C ARG A 232 -3.26 -37.08 8.34
N PHE A 233 -3.53 -38.36 8.62
CA PHE A 233 -2.64 -39.25 9.33
C PHE A 233 -1.37 -39.54 8.54
N SER A 234 -1.48 -39.67 7.21
CA SER A 234 -0.32 -39.97 6.40
C SER A 234 0.58 -38.73 6.37
N SER A 235 -0.02 -37.57 6.30
CA SER A 235 0.72 -36.33 6.37
C SER A 235 1.40 -36.19 7.75
N ASP A 236 0.66 -36.46 8.84
CA ASP A 236 1.21 -36.35 10.19
C ASP A 236 2.29 -37.38 10.51
N ALA A 237 2.19 -38.57 9.89
CA ALA A 237 3.16 -39.63 10.18
C ALA A 237 4.50 -39.23 9.54
N LEU A 238 4.45 -38.71 8.34
CA LEU A 238 5.67 -38.20 7.72
C LEU A 238 6.19 -36.94 8.48
N LEU A 239 5.32 -36.06 8.95
CA LEU A 239 5.76 -34.88 9.69
C LEU A 239 6.46 -35.24 11.01
N ASP A 240 5.99 -36.28 11.70
CA ASP A 240 6.64 -36.76 12.91
C ASP A 240 8.03 -37.31 12.60
N PHE A 241 8.18 -38.00 11.48
CA PHE A 241 9.49 -38.47 11.08
C PHE A 241 10.43 -37.29 10.77
N TYR A 242 9.96 -36.32 9.98
CA TYR A 242 10.74 -35.10 9.76
C TYR A 242 11.20 -34.50 11.10
N LYS A 243 10.27 -34.21 12.01
CA LYS A 243 10.58 -33.65 13.32
C LYS A 243 11.68 -34.41 14.07
N ALA A 244 11.62 -35.75 14.00
CA ALA A 244 12.59 -36.53 14.70
C ALA A 244 13.96 -36.33 14.05
N GLU A 245 14.04 -36.33 12.72
CA GLU A 245 15.31 -36.21 12.01
C GLU A 245 15.90 -34.82 12.23
N ARG A 246 15.09 -33.78 11.99
CA ARG A 246 15.43 -32.44 12.40
C ARG A 246 16.00 -32.38 13.82
N ASP A 247 15.30 -32.97 14.81
CA ASP A 247 15.69 -32.77 16.20
C ASP A 247 16.99 -33.53 16.47
N ALA A 248 17.20 -34.66 15.79
CA ALA A 248 18.44 -35.39 15.95
C ALA A 248 19.62 -34.59 15.41
N LEU A 249 19.48 -33.93 14.25
CA LEU A 249 20.53 -33.08 13.71
C LEU A 249 20.81 -31.90 14.63
N LEU A 250 19.74 -31.18 14.99
CA LEU A 250 19.87 -29.91 15.65
C LEU A 250 20.50 -30.04 17.04
N GLU A 251 20.22 -31.16 17.73
CA GLU A 251 20.77 -31.34 19.07
C GLU A 251 22.30 -31.40 19.01
N ILE A 252 22.89 -31.92 17.90
CA ILE A 252 24.34 -32.01 17.77
C ILE A 252 24.89 -30.78 17.02
N ALA A 253 24.18 -30.33 15.97
CA ALA A 253 24.72 -29.36 15.03
C ALA A 253 23.66 -28.34 14.68
N PRO A 254 23.41 -27.35 15.55
CA PRO A 254 22.32 -26.40 15.33
C PRO A 254 22.58 -25.42 14.17
N LYS A 255 22.10 -25.75 12.99
CA LYS A 255 22.15 -24.86 11.85
C LYS A 255 20.73 -24.64 11.33
N PRO A 256 20.49 -23.54 10.60
CA PRO A 256 19.23 -23.30 9.92
C PRO A 256 18.86 -24.58 9.17
N GLN A 257 17.62 -25.09 9.35
CA GLN A 257 17.19 -26.32 8.74
C GLN A 257 15.84 -26.18 8.06
N THR A 258 15.69 -26.91 6.95
CA THR A 258 14.45 -26.99 6.18
C THR A 258 14.28 -28.38 5.61
N THR A 259 13.08 -28.71 5.11
CA THR A 259 12.89 -29.84 4.20
C THR A 259 12.08 -29.30 3.02
N ASN A 260 12.35 -29.84 1.82
CA ASN A 260 11.80 -29.28 0.61
C ASN A 260 10.39 -29.80 0.37
N PHE A 261 9.47 -28.83 0.27
CA PHE A 261 8.09 -29.02 -0.09
C PHE A 261 7.91 -29.22 -1.60
N MET A 262 6.65 -29.55 -1.98
CA MET A 262 6.24 -29.71 -3.38
C MET A 262 4.99 -28.86 -3.63
N VAL A 263 5.01 -27.62 -3.12
CA VAL A 263 3.89 -26.71 -3.38
C VAL A 263 3.73 -26.40 -4.87
N SER A 264 2.54 -26.74 -5.39
CA SER A 264 2.10 -26.35 -6.71
C SER A 264 0.58 -26.30 -6.65
N ALA A 265 -0.08 -25.83 -7.70
CA ALA A 265 -1.52 -25.56 -7.59
C ALA A 265 -2.23 -26.86 -7.21
N GLY A 266 -1.73 -27.98 -7.74
CA GLY A 266 -2.48 -29.24 -7.73
C GLY A 266 -1.91 -30.35 -6.83
N CYS A 267 -0.76 -30.10 -6.16
CA CYS A 267 -0.13 -31.08 -5.31
C CYS A 267 -0.55 -30.93 -3.84
N THR A 268 -1.12 -31.98 -3.26
CA THR A 268 -1.58 -31.93 -1.88
C THR A 268 -1.18 -33.19 -1.17
N VAL A 269 -0.03 -33.74 -1.55
CA VAL A 269 0.44 -34.96 -0.93
C VAL A 269 0.48 -34.77 0.60
N LEU A 270 0.81 -33.54 1.03
CA LEU A 270 0.90 -33.18 2.45
C LEU A 270 0.14 -31.87 2.71
N ASP A 271 -0.24 -31.66 3.97
CA ASP A 271 -0.74 -30.36 4.41
C ASP A 271 0.47 -29.45 4.64
N TYR A 272 0.89 -28.82 3.55
CA TYR A 272 2.15 -28.07 3.55
C TYR A 272 2.09 -26.84 4.43
N ASP A 273 0.89 -26.35 4.74
CA ASP A 273 0.80 -25.19 5.60
C ASP A 273 1.03 -25.64 7.03
N LYS A 274 0.52 -26.83 7.41
CA LYS A 274 0.91 -27.36 8.70
C LYS A 274 2.42 -27.60 8.75
N TRP A 275 2.99 -28.17 7.69
CA TRP A 275 4.41 -28.48 7.70
C TRP A 275 5.22 -27.21 7.85
N GLY A 276 4.68 -26.12 7.36
CA GLY A 276 5.34 -24.85 7.42
C GLY A 276 5.58 -24.40 8.85
N HIS A 277 4.91 -25.02 9.84
CA HIS A 277 5.11 -24.63 11.22
C HIS A 277 6.36 -25.31 11.80
N ASP A 278 6.96 -26.29 11.09
CA ASP A 278 8.01 -27.10 11.68
C ASP A 278 9.37 -26.85 11.03
N VAL A 279 9.37 -26.04 9.98
CA VAL A 279 10.64 -25.70 9.34
C VAL A 279 11.12 -24.33 9.83
N ASP A 280 12.43 -24.10 9.82
CA ASP A 280 13.01 -22.80 10.19
C ASP A 280 12.82 -21.78 9.05
N PHE A 281 13.00 -22.25 7.84
CA PHE A 281 12.58 -21.52 6.66
C PHE A 281 11.91 -22.50 5.72
N VAL A 282 10.92 -21.95 5.04
CA VAL A 282 10.21 -22.62 3.96
C VAL A 282 11.06 -22.72 2.69
N SER A 283 11.13 -23.94 2.13
CA SER A 283 11.79 -24.26 0.89
C SER A 283 10.88 -25.13 0.01
N ASN A 284 10.97 -24.94 -1.32
CA ASN A 284 10.00 -25.45 -2.26
C ASN A 284 10.63 -25.93 -3.55
N ASP A 285 10.12 -27.05 -4.06
CA ASP A 285 10.48 -27.56 -5.37
C ASP A 285 9.28 -27.37 -6.28
N HIS A 286 9.48 -26.72 -7.43
CA HIS A 286 8.33 -26.47 -8.26
C HIS A 286 8.80 -26.57 -9.69
N TYR A 287 8.09 -27.34 -10.50
CA TYR A 287 8.44 -27.51 -11.91
C TYR A 287 7.27 -27.03 -12.77
N PHE A 288 7.59 -26.25 -13.82
CA PHE A 288 6.57 -25.61 -14.64
C PHE A 288 5.51 -26.59 -15.16
N SER A 289 4.26 -26.11 -15.31
CA SER A 289 3.24 -26.79 -16.08
C SER A 289 3.30 -26.36 -17.52
N PRO A 290 3.22 -27.34 -18.43
CA PRO A 290 3.29 -27.05 -19.87
C PRO A 290 2.07 -26.32 -20.43
N GLY A 291 2.33 -25.51 -21.45
CA GLY A 291 1.29 -24.84 -22.21
C GLY A 291 0.95 -23.50 -21.58
N GLU A 292 -0.26 -23.05 -21.83
CA GLU A 292 -0.60 -21.65 -21.63
C GLU A 292 -0.59 -21.28 -20.14
N ALA A 293 -0.72 -22.25 -19.19
CA ALA A 293 -0.76 -21.94 -17.78
C ALA A 293 0.61 -21.85 -17.12
N HIS A 294 1.70 -22.13 -17.86
CA HIS A 294 3.05 -22.16 -17.33
C HIS A 294 3.32 -21.01 -16.38
N PHE A 295 3.14 -19.77 -16.85
CA PHE A 295 3.58 -18.59 -16.10
C PHE A 295 2.65 -18.43 -14.90
N ASP A 296 1.35 -18.33 -15.20
CA ASP A 296 0.35 -18.08 -14.15
C ASP A 296 0.37 -19.10 -12.99
N GLU A 297 0.61 -20.40 -13.28
CA GLU A 297 0.45 -21.44 -12.26
C GLU A 297 1.68 -21.41 -11.36
N MET A 298 2.79 -21.11 -11.99
CA MET A 298 4.04 -20.88 -11.29
C MET A 298 3.96 -19.63 -10.39
N ALA A 299 3.43 -18.53 -10.87
CA ALA A 299 3.31 -17.35 -10.01
C ALA A 299 2.38 -17.66 -8.83
N TYR A 300 1.26 -18.34 -9.11
CA TYR A 300 0.35 -18.84 -8.09
C TYR A 300 1.07 -19.68 -7.02
N ALA A 301 1.80 -20.71 -7.44
CA ALA A 301 2.44 -21.66 -6.53
C ALA A 301 3.47 -20.92 -5.70
N ALA A 302 4.22 -20.01 -6.34
CA ALA A 302 5.18 -19.17 -5.61
C ALA A 302 4.48 -18.31 -4.56
N CYS A 303 3.32 -17.78 -4.92
CA CYS A 303 2.51 -16.95 -4.09
C CYS A 303 2.03 -17.72 -2.88
N LEU A 304 1.52 -18.96 -3.12
CA LEU A 304 1.08 -19.85 -2.04
C LEU A 304 2.25 -20.24 -1.16
N THR A 305 3.42 -20.46 -1.78
CA THR A 305 4.59 -20.70 -0.97
C THR A 305 4.79 -19.54 -0.01
N ASP A 306 4.76 -18.33 -0.51
CA ASP A 306 4.97 -17.13 0.32
C ASP A 306 3.94 -17.08 1.44
N GLY A 307 2.69 -17.43 1.11
CA GLY A 307 1.59 -17.47 2.06
C GLY A 307 1.79 -18.53 3.14
N ILE A 308 2.30 -19.71 2.74
CA ILE A 308 2.73 -20.70 3.69
C ILE A 308 3.83 -20.13 4.58
N ALA A 309 4.72 -19.31 4.01
CA ALA A 309 5.82 -18.71 4.74
C ALA A 309 5.40 -17.49 5.59
N ARG A 310 4.11 -17.10 5.58
CA ARG A 310 3.58 -15.95 6.31
C ARG A 310 4.40 -14.69 5.99
N LYS A 311 4.81 -14.58 4.73
CA LYS A 311 5.47 -13.45 4.08
C LYS A 311 6.94 -13.33 4.45
N ASN A 312 7.43 -14.27 5.25
CA ASN A 312 8.87 -14.43 5.43
C ASN A 312 9.57 -14.76 4.12
N PRO A 313 10.88 -14.45 3.96
CA PRO A 313 11.63 -14.93 2.82
C PRO A 313 11.58 -16.45 2.75
N TRP A 314 11.64 -17.00 1.56
CA TRP A 314 11.62 -18.44 1.38
C TRP A 314 12.63 -18.80 0.30
N PHE A 315 12.92 -20.10 0.28
CA PHE A 315 13.98 -20.66 -0.51
C PHE A 315 13.38 -21.55 -1.60
N LEU A 316 13.66 -21.20 -2.85
CA LEU A 316 13.31 -22.08 -3.94
C LEU A 316 14.42 -23.12 -4.08
N MET A 317 14.20 -24.27 -3.46
CA MET A 317 15.19 -25.34 -3.51
C MET A 317 15.33 -26.00 -4.90
N SER A 318 14.28 -26.01 -5.76
CA SER A 318 14.47 -26.64 -7.07
C SER A 318 13.45 -26.13 -8.08
N HIS A 319 13.86 -26.15 -9.34
CA HIS A 319 13.04 -25.90 -10.51
C HIS A 319 13.94 -26.33 -11.66
N SER A 320 13.53 -26.24 -12.92
CA SER A 320 14.37 -26.75 -13.99
C SER A 320 14.86 -25.62 -14.91
N THR A 321 16.08 -25.80 -15.44
CA THR A 321 16.58 -24.94 -16.51
C THR A 321 15.79 -25.07 -17.81
N SER A 322 15.33 -26.29 -18.07
CA SER A 322 14.50 -26.53 -19.26
C SER A 322 13.61 -27.76 -18.94
N ALA A 323 13.68 -28.81 -19.74
CA ALA A 323 12.74 -29.91 -19.59
C ALA A 323 12.94 -30.66 -18.28
N VAL A 324 11.85 -31.23 -17.74
CA VAL A 324 11.94 -32.32 -16.78
C VAL A 324 11.94 -33.66 -17.53
N ASN A 325 11.93 -34.78 -16.79
CA ASN A 325 12.04 -36.08 -17.39
C ASN A 325 10.92 -37.01 -16.94
N TRP A 326 9.91 -36.50 -16.22
CA TRP A 326 8.88 -37.39 -15.68
C TRP A 326 7.48 -37.16 -16.24
N ARG A 327 7.29 -36.26 -17.20
CA ARG A 327 6.00 -36.15 -17.83
C ARG A 327 5.92 -37.09 -19.06
N PRO A 328 4.70 -37.38 -19.58
CA PRO A 328 4.54 -38.17 -20.80
C PRO A 328 5.25 -37.51 -21.97
N THR A 329 5.18 -36.18 -22.00
CA THR A 329 5.86 -35.31 -22.97
C THR A 329 6.61 -34.20 -22.22
N ASN A 330 7.95 -34.20 -22.29
CA ASN A 330 8.75 -33.27 -21.50
C ASN A 330 9.16 -32.09 -22.37
N TYR A 331 8.25 -31.10 -22.45
CA TYR A 331 8.45 -29.91 -23.25
C TYR A 331 9.69 -29.20 -22.75
N ARG A 332 10.42 -28.49 -23.66
CA ARG A 332 11.48 -27.60 -23.20
C ARG A 332 10.93 -26.22 -22.82
N LEU A 333 11.74 -25.47 -22.07
CA LEU A 333 11.47 -24.05 -21.95
C LEU A 333 11.85 -23.30 -23.22
N GLU A 334 11.05 -22.26 -23.54
CA GLU A 334 11.36 -21.33 -24.60
C GLU A 334 12.42 -20.33 -24.17
N PRO A 335 13.02 -19.61 -25.15
CA PRO A 335 14.02 -18.58 -24.87
C PRO A 335 13.42 -17.55 -23.94
N GLY A 336 14.27 -17.13 -23.00
CA GLY A 336 13.86 -16.22 -21.95
C GLY A 336 13.21 -16.86 -20.74
N GLU A 337 12.72 -18.09 -20.86
CA GLU A 337 11.87 -18.58 -19.77
C GLU A 337 12.71 -18.96 -18.56
N LEU A 338 13.95 -19.45 -18.77
CA LEU A 338 14.83 -19.77 -17.64
C LEU A 338 14.96 -18.57 -16.68
N VAL A 339 15.34 -17.41 -17.21
CA VAL A 339 15.44 -16.24 -16.37
C VAL A 339 14.04 -15.81 -15.90
N ARG A 340 13.03 -15.83 -16.75
CA ARG A 340 11.75 -15.28 -16.35
C ARG A 340 11.20 -16.07 -15.15
N ASP A 341 11.24 -17.40 -15.26
CA ASP A 341 10.67 -18.29 -14.26
C ASP A 341 11.40 -18.15 -12.93
N SER A 342 12.73 -18.05 -12.98
CA SER A 342 13.47 -17.82 -11.74
C SER A 342 13.02 -16.50 -11.12
N LEU A 343 12.81 -15.48 -11.94
CA LEU A 343 12.51 -14.17 -11.36
C LEU A 343 11.07 -14.12 -10.86
N ALA A 344 10.24 -15.05 -11.36
CA ALA A 344 8.87 -15.15 -10.91
C ALA A 344 8.81 -15.55 -9.45
N HIS A 345 9.64 -16.57 -9.07
CA HIS A 345 9.73 -17.03 -7.69
C HIS A 345 10.34 -15.94 -6.81
N LEU A 346 11.36 -15.26 -7.38
CA LEU A 346 12.02 -14.18 -6.67
C LEU A 346 11.00 -13.06 -6.38
N ALA A 347 10.20 -12.73 -7.38
CA ALA A 347 9.22 -11.68 -7.21
C ALA A 347 8.27 -11.99 -6.06
N MET A 348 7.92 -13.27 -5.91
CA MET A 348 6.92 -13.72 -4.96
C MET A 348 7.55 -13.97 -3.60
N GLY A 349 8.84 -13.63 -3.45
CA GLY A 349 9.37 -13.55 -2.09
C GLY A 349 10.56 -14.43 -1.79
N ALA A 350 11.03 -15.21 -2.77
CA ALA A 350 12.21 -16.04 -2.58
C ALA A 350 13.47 -15.19 -2.45
N ASP A 351 14.36 -15.59 -1.56
CA ASP A 351 15.67 -15.00 -1.46
C ASP A 351 16.74 -16.06 -1.73
N ALA A 352 16.37 -17.20 -2.32
CA ALA A 352 17.29 -18.22 -2.83
C ALA A 352 16.67 -18.80 -4.10
N ILE A 353 17.49 -19.02 -5.10
CA ILE A 353 17.05 -19.56 -6.37
C ILE A 353 17.95 -20.76 -6.73
N CYS A 354 17.39 -21.99 -6.65
CA CYS A 354 18.19 -23.20 -6.91
C CYS A 354 17.49 -24.16 -7.87
N TYR A 355 18.32 -24.95 -8.59
CA TYR A 355 17.86 -25.88 -9.60
C TYR A 355 18.16 -27.31 -9.21
N PHE A 356 17.29 -28.24 -9.61
CA PHE A 356 17.74 -29.59 -9.86
C PHE A 356 18.06 -29.67 -11.36
N GLN A 357 19.34 -29.85 -11.68
CA GLN A 357 20.49 -29.90 -10.78
C GLN A 357 21.68 -29.23 -11.47
N TRP A 358 22.86 -29.24 -10.81
CA TRP A 358 24.01 -28.52 -11.32
C TRP A 358 24.47 -29.06 -12.68
N ARG A 359 24.84 -30.35 -12.69
CA ARG A 359 25.37 -31.01 -13.88
C ARG A 359 24.49 -32.19 -14.27
N GLN A 360 24.07 -32.18 -15.54
CA GLN A 360 23.08 -33.13 -16.05
C GLN A 360 23.69 -34.53 -15.99
N SER A 361 22.98 -35.48 -15.39
CA SER A 361 23.43 -36.87 -15.28
C SER A 361 23.55 -37.50 -16.65
N LYS A 362 24.64 -38.27 -16.80
CA LYS A 362 24.91 -38.99 -18.02
C LYS A 362 24.39 -40.42 -17.93
N ALA A 363 23.95 -40.84 -16.73
CA ALA A 363 23.37 -42.18 -16.65
C ALA A 363 22.38 -42.18 -15.50
N GLY A 364 21.51 -43.18 -15.48
CA GLY A 364 20.48 -43.32 -14.48
C GLY A 364 19.18 -42.69 -14.92
N ALA A 365 18.20 -42.74 -14.03
CA ALA A 365 16.82 -42.39 -14.34
C ALA A 365 16.60 -40.89 -14.59
N GLU A 366 17.55 -40.08 -14.11
CA GLU A 366 17.50 -38.61 -14.26
C GLU A 366 18.28 -38.06 -15.45
N LYS A 367 18.91 -38.90 -16.27
CA LYS A 367 19.77 -38.39 -17.33
C LYS A 367 19.05 -37.46 -18.29
N TRP A 368 17.72 -37.52 -18.44
CA TRP A 368 17.11 -36.64 -19.41
C TRP A 368 16.52 -35.40 -18.79
N HIS A 369 16.71 -35.24 -17.49
CA HIS A 369 16.27 -34.02 -16.85
C HIS A 369 17.30 -32.92 -17.11
N SER A 370 16.83 -31.76 -17.54
CA SER A 370 17.69 -30.60 -17.76
C SER A 370 18.51 -30.25 -16.54
N ALA A 371 19.65 -29.59 -16.75
CA ALA A 371 20.58 -29.18 -15.69
C ALA A 371 21.21 -27.81 -16.01
N MET A 372 22.04 -27.30 -15.09
CA MET A 372 22.61 -25.97 -15.24
C MET A 372 23.76 -26.04 -16.24
N VAL A 373 24.43 -27.21 -16.24
CA VAL A 373 25.39 -27.63 -17.23
C VAL A 373 24.84 -28.86 -17.95
N PRO A 374 24.28 -28.70 -19.16
CA PRO A 374 23.65 -29.81 -19.86
C PRO A 374 24.70 -30.77 -20.36
N HIS A 375 24.21 -31.88 -20.93
CA HIS A 375 25.10 -32.81 -21.60
C HIS A 375 26.05 -32.07 -22.51
N ALA A 376 25.47 -31.11 -23.26
CA ALA A 376 26.17 -30.26 -24.22
C ALA A 376 27.39 -29.61 -23.58
N GLY A 377 27.32 -29.36 -22.26
CA GLY A 377 28.34 -28.67 -21.52
C GLY A 377 28.16 -27.14 -21.55
N PRO A 378 29.19 -26.42 -21.07
CA PRO A 378 29.09 -24.98 -20.86
C PRO A 378 28.89 -24.12 -22.10
N ASP A 379 29.33 -24.65 -23.23
CA ASP A 379 29.08 -23.99 -24.50
C ASP A 379 27.66 -24.32 -24.94
N SER A 380 26.67 -23.72 -24.26
CA SER A 380 25.24 -23.92 -24.52
C SER A 380 24.46 -22.66 -24.15
N GLN A 381 23.28 -22.47 -24.74
CA GLN A 381 22.40 -21.35 -24.42
C GLN A 381 22.00 -21.45 -22.95
N ILE A 382 21.80 -22.68 -22.46
CA ILE A 382 21.39 -22.87 -21.08
C ILE A 382 22.41 -22.37 -20.08
N PHE A 383 23.68 -22.69 -20.29
CA PHE A 383 24.68 -22.29 -19.33
C PHE A 383 24.92 -20.78 -19.43
N ARG A 384 24.83 -20.23 -20.64
CA ARG A 384 24.98 -18.77 -20.75
C ARG A 384 23.87 -18.11 -19.96
N ASP A 385 22.62 -18.63 -20.08
CA ASP A 385 21.45 -18.07 -19.42
C ASP A 385 21.56 -18.21 -17.90
N VAL A 386 22.20 -19.28 -17.45
CA VAL A 386 22.44 -19.50 -16.05
C VAL A 386 23.43 -18.43 -15.53
N CYS A 387 24.42 -18.11 -16.36
CA CYS A 387 25.43 -17.11 -16.04
C CYS A 387 24.77 -15.72 -15.97
N GLU A 388 23.88 -15.44 -16.92
CA GLU A 388 23.17 -14.16 -16.97
C GLU A 388 22.29 -14.05 -15.73
N LEU A 389 21.64 -15.14 -15.36
CA LEU A 389 20.82 -15.11 -14.17
C LEU A 389 21.70 -14.81 -12.97
N GLY A 390 22.86 -15.48 -12.90
CA GLY A 390 23.73 -15.25 -11.75
C GLY A 390 24.05 -13.77 -11.56
N ALA A 391 24.28 -13.10 -12.68
CA ALA A 391 24.64 -11.69 -12.70
C ALA A 391 23.43 -10.86 -12.28
N ASP A 392 22.23 -11.17 -12.79
CA ASP A 392 20.99 -10.48 -12.41
C ASP A 392 20.78 -10.58 -10.90
N LEU A 393 21.03 -11.74 -10.33
CA LEU A 393 20.73 -11.88 -8.91
C LEU A 393 21.74 -11.15 -8.03
N ASN A 394 23.01 -11.12 -8.44
CA ASN A 394 24.00 -10.30 -7.74
C ASN A 394 23.58 -8.83 -7.79
N LYS A 395 23.06 -8.39 -8.92
CA LYS A 395 22.68 -6.99 -9.07
C LYS A 395 21.52 -6.64 -8.14
N LEU A 396 20.52 -7.50 -8.04
CA LEU A 396 19.32 -7.21 -7.29
C LEU A 396 19.60 -7.22 -5.80
N ALA A 397 20.53 -8.04 -5.35
CA ALA A 397 20.92 -7.96 -3.96
C ALA A 397 21.74 -6.67 -3.66
N ASP A 398 22.59 -6.27 -4.62
CA ASP A 398 23.40 -5.02 -4.48
C ASP A 398 22.45 -3.83 -4.33
N GLU A 399 21.29 -3.88 -5.00
CA GLU A 399 20.30 -2.81 -4.92
C GLU A 399 19.31 -2.93 -3.75
N GLY A 400 19.45 -3.93 -2.84
CA GLY A 400 18.62 -4.01 -1.64
C GLY A 400 17.45 -5.00 -1.69
N LEU A 401 17.40 -5.99 -2.59
CA LEU A 401 16.21 -6.86 -2.63
C LEU A 401 16.09 -7.68 -1.33
N LEU A 402 17.20 -7.99 -0.66
CA LEU A 402 17.17 -9.04 0.35
C LEU A 402 16.31 -8.64 1.54
N SER A 403 15.54 -9.64 1.97
CA SER A 403 14.59 -9.50 3.06
C SER A 403 13.47 -8.50 2.74
N THR A 404 13.39 -7.82 1.54
CA THR A 404 12.09 -7.28 1.19
C THR A 404 11.11 -8.42 1.21
N LYS A 405 9.83 -8.09 1.29
CA LYS A 405 8.76 -9.05 1.40
C LYS A 405 7.66 -8.76 0.40
N LEU A 406 7.01 -9.82 -0.04
CA LEU A 406 5.88 -9.70 -0.93
C LEU A 406 4.83 -8.84 -0.29
N VAL A 407 4.44 -7.81 -1.03
CA VAL A 407 3.48 -6.84 -0.54
C VAL A 407 2.15 -7.53 -0.28
N LYS A 408 1.39 -6.95 0.68
CA LYS A 408 0.05 -7.35 1.02
C LYS A 408 -0.94 -6.97 -0.08
N SER A 409 -1.65 -7.97 -0.61
CA SER A 409 -2.63 -7.75 -1.67
C SER A 409 -3.87 -7.17 -1.03
N LYS A 410 -4.72 -6.62 -1.89
CA LYS A 410 -6.11 -6.38 -1.52
C LYS A 410 -6.90 -7.67 -1.33
N VAL A 411 -6.55 -8.72 -2.05
CA VAL A 411 -7.38 -9.92 -2.07
C VAL A 411 -6.59 -11.10 -1.52
N ALA A 412 -7.19 -11.84 -0.57
CA ALA A 412 -6.66 -13.11 -0.16
C ALA A 412 -7.52 -14.24 -0.70
N ILE A 413 -6.92 -15.11 -1.52
CA ILE A 413 -7.56 -16.31 -1.98
C ILE A 413 -7.28 -17.41 -0.94
N VAL A 414 -8.31 -18.02 -0.33
CA VAL A 414 -8.07 -19.00 0.68
C VAL A 414 -7.83 -20.39 0.06
N PHE A 415 -6.85 -21.12 0.60
CA PHE A 415 -6.50 -22.47 0.23
C PHE A 415 -6.48 -23.39 1.42
N ASP A 416 -7.06 -24.60 1.26
CA ASP A 416 -7.14 -25.58 2.33
C ASP A 416 -6.78 -26.99 1.81
N TYR A 417 -5.58 -27.49 2.17
CA TYR A 417 -5.21 -28.84 1.82
C TYR A 417 -6.31 -29.87 2.15
N GLU A 418 -7.03 -29.65 3.25
CA GLU A 418 -7.95 -30.64 3.73
C GLU A 418 -9.22 -30.63 2.89
N SER A 419 -9.61 -29.46 2.40
CA SER A 419 -10.78 -29.33 1.59
C SER A 419 -10.51 -30.04 0.27
N GLN A 420 -9.31 -29.91 -0.25
CA GLN A 420 -8.96 -30.64 -1.42
C GLN A 420 -9.15 -32.14 -1.18
N TRP A 421 -8.53 -32.66 -0.14
CA TRP A 421 -8.68 -34.07 0.19
C TRP A 421 -10.16 -34.46 0.24
N ALA A 422 -10.96 -33.63 0.92
CA ALA A 422 -12.39 -33.94 0.99
C ALA A 422 -13.06 -34.09 -0.38
N THR A 423 -12.66 -33.24 -1.34
CA THR A 423 -13.28 -33.28 -2.64
C THR A 423 -12.77 -34.43 -3.48
N GLU A 424 -11.73 -35.14 -3.02
CA GLU A 424 -11.16 -36.28 -3.76
C GLU A 424 -11.92 -37.59 -3.62
N HIS A 425 -12.87 -37.71 -2.73
CA HIS A 425 -13.64 -38.95 -2.65
C HIS A 425 -14.38 -39.23 -3.96
N THR A 426 -14.55 -40.54 -4.24
CA THR A 426 -15.25 -41.04 -5.41
C THR A 426 -16.76 -40.88 -5.40
N ALA A 427 -17.43 -40.62 -4.26
CA ALA A 427 -18.89 -40.52 -4.29
C ALA A 427 -19.39 -39.09 -4.01
N THR A 428 -18.72 -38.10 -4.59
CA THR A 428 -19.12 -36.70 -4.54
C THR A 428 -20.00 -36.39 -5.76
N PRO A 429 -20.63 -35.18 -5.84
CA PRO A 429 -21.51 -34.87 -6.95
C PRO A 429 -20.85 -35.03 -8.32
N THR A 430 -19.52 -34.83 -8.39
CA THR A 430 -18.82 -34.98 -9.62
C THR A 430 -17.32 -35.02 -9.40
N GLN A 431 -16.67 -35.96 -10.11
CA GLN A 431 -15.24 -36.14 -10.07
C GLN A 431 -14.58 -34.99 -10.81
N GLU A 432 -15.34 -34.17 -11.54
CA GLU A 432 -14.74 -33.09 -12.31
C GLU A 432 -14.44 -31.89 -11.44
N VAL A 433 -14.94 -31.90 -10.21
CA VAL A 433 -14.75 -30.78 -9.30
C VAL A 433 -13.86 -31.19 -8.14
N ARG A 434 -12.74 -30.48 -8.01
CA ARG A 434 -11.89 -30.56 -6.84
C ARG A 434 -11.69 -29.15 -6.29
N HIS A 435 -11.24 -29.01 -5.04
CA HIS A 435 -10.98 -27.70 -4.47
C HIS A 435 -9.93 -26.95 -5.29
N TRP A 436 -8.84 -27.61 -5.71
CA TRP A 436 -7.61 -26.89 -6.04
C TRP A 436 -7.71 -25.99 -7.24
N THR A 437 -8.56 -26.35 -8.20
CA THR A 437 -8.54 -25.60 -9.45
C THR A 437 -9.14 -24.20 -9.27
N GLU A 438 -10.13 -24.07 -8.39
CA GLU A 438 -10.87 -22.82 -8.28
C GLU A 438 -9.96 -21.66 -7.77
N PRO A 439 -9.16 -21.81 -6.70
CA PRO A 439 -8.27 -20.71 -6.32
C PRO A 439 -7.32 -20.30 -7.44
N LEU A 440 -6.86 -21.24 -8.26
CA LEU A 440 -5.97 -20.87 -9.35
C LEU A 440 -6.77 -20.09 -10.37
N ASP A 441 -8.00 -20.52 -10.61
CA ASP A 441 -8.84 -19.82 -11.56
C ASP A 441 -9.02 -18.36 -11.10
N TRP A 442 -9.34 -18.14 -9.83
CA TRP A 442 -9.52 -16.81 -9.28
C TRP A 442 -8.23 -16.03 -9.35
N PHE A 443 -7.07 -16.67 -9.13
CA PHE A 443 -5.84 -15.89 -9.23
C PHE A 443 -5.63 -15.35 -10.64
N ARG A 444 -5.92 -16.22 -11.62
CA ARG A 444 -5.68 -15.80 -12.98
C ARG A 444 -6.73 -14.75 -13.38
N ALA A 445 -7.97 -14.91 -12.93
CA ALA A 445 -9.01 -14.01 -13.43
C ALA A 445 -8.81 -12.62 -12.84
N LEU A 446 -8.42 -12.58 -11.57
CA LEU A 446 -8.02 -11.34 -10.95
C LEU A 446 -6.82 -10.72 -11.66
N ALA A 447 -5.83 -11.54 -12.05
CA ALA A 447 -4.73 -11.03 -12.83
C ALA A 447 -5.23 -10.35 -14.11
N ASP A 448 -6.16 -10.98 -14.81
CA ASP A 448 -6.77 -10.46 -16.03
C ASP A 448 -7.40 -9.08 -15.81
N ASN A 449 -7.80 -8.83 -14.57
CA ASN A 449 -8.43 -7.57 -14.21
C ASN A 449 -7.41 -6.64 -13.56
N GLY A 450 -6.10 -6.96 -13.61
CA GLY A 450 -5.04 -6.06 -13.16
C GLY A 450 -4.77 -6.10 -11.66
N LEU A 451 -5.22 -7.15 -10.96
CA LEU A 451 -4.96 -7.30 -9.53
C LEU A 451 -4.15 -8.57 -9.23
N THR A 452 -3.07 -8.44 -8.44
CA THR A 452 -2.26 -9.55 -7.96
C THR A 452 -2.73 -10.02 -6.60
N ALA A 453 -3.36 -11.22 -6.56
CA ALA A 453 -3.86 -11.79 -5.32
C ALA A 453 -2.74 -12.34 -4.46
N ASP A 454 -2.95 -12.33 -3.11
CA ASP A 454 -2.24 -13.21 -2.21
C ASP A 454 -3.01 -14.53 -2.12
N VAL A 455 -2.25 -15.64 -1.98
CA VAL A 455 -2.83 -16.94 -1.68
C VAL A 455 -2.49 -17.28 -0.23
N VAL A 456 -3.55 -17.42 0.57
CA VAL A 456 -3.36 -17.53 2.00
C VAL A 456 -4.00 -18.82 2.48
N PRO A 457 -3.23 -19.69 3.18
CA PRO A 457 -3.83 -20.90 3.75
C PRO A 457 -4.89 -20.53 4.78
N VAL A 458 -5.83 -21.45 4.99
CA VAL A 458 -7.03 -21.20 5.78
C VAL A 458 -6.63 -20.88 7.22
N ARG A 459 -5.52 -21.43 7.71
CA ARG A 459 -5.09 -21.14 9.07
C ARG A 459 -4.56 -19.69 9.14
N GLY A 460 -4.03 -19.14 8.04
CA GLY A 460 -3.38 -17.85 8.15
C GLY A 460 -4.37 -16.67 8.14
N PRO A 461 -3.83 -15.43 8.09
CA PRO A 461 -4.59 -14.22 8.41
C PRO A 461 -5.38 -13.61 7.24
N TRP A 462 -6.20 -14.43 6.60
CA TRP A 462 -6.99 -13.95 5.47
C TRP A 462 -8.04 -12.94 5.95
N ASP A 463 -8.46 -13.05 7.20
CA ASP A 463 -9.52 -12.19 7.67
C ASP A 463 -8.96 -10.80 8.00
N GLU A 464 -7.69 -10.53 7.71
CA GLU A 464 -7.18 -9.17 7.80
C GLU A 464 -7.23 -8.47 6.44
N TYR A 465 -7.74 -9.15 5.38
CA TYR A 465 -7.64 -8.63 4.03
C TYR A 465 -8.89 -7.84 3.65
N GLU A 466 -8.70 -6.92 2.72
CA GLU A 466 -9.76 -6.07 2.24
C GLU A 466 -10.86 -6.92 1.60
N ALA A 467 -10.45 -7.87 0.78
CA ALA A 467 -11.33 -8.89 0.24
C ALA A 467 -10.71 -10.28 0.39
N VAL A 468 -11.61 -11.28 0.33
CA VAL A 468 -11.32 -12.69 0.53
C VAL A 468 -12.19 -13.51 -0.43
N VAL A 469 -11.54 -14.51 -1.06
CA VAL A 469 -12.19 -15.53 -1.89
C VAL A 469 -12.19 -16.89 -1.18
N LEU A 470 -13.39 -17.46 -1.01
CA LEU A 470 -13.59 -18.85 -0.63
C LEU A 470 -13.88 -19.62 -1.90
N PRO A 471 -12.85 -20.32 -2.43
CA PRO A 471 -12.96 -20.95 -3.73
C PRO A 471 -13.09 -22.45 -3.59
N SER A 472 -14.32 -22.93 -3.86
CA SER A 472 -14.71 -24.33 -3.71
C SER A 472 -14.09 -24.86 -2.43
N LEU A 473 -14.28 -24.08 -1.38
CA LEU A 473 -13.68 -24.44 -0.10
C LEU A 473 -14.68 -25.33 0.63
N ALA A 474 -14.65 -26.63 0.26
CA ALA A 474 -15.69 -27.60 0.62
C ALA A 474 -15.88 -27.72 2.13
N ILE A 475 -14.80 -27.55 2.89
CA ILE A 475 -14.90 -27.68 4.34
C ILE A 475 -15.00 -26.28 4.94
N LEU A 476 -15.97 -26.05 5.83
CA LEU A 476 -15.93 -24.95 6.77
C LEU A 476 -16.22 -25.51 8.15
N SER A 477 -15.19 -25.57 9.03
CA SER A 477 -15.38 -25.93 10.43
C SER A 477 -16.25 -24.89 11.15
N GLU A 478 -16.59 -25.20 12.41
CA GLU A 478 -17.29 -24.25 13.27
C GLU A 478 -16.45 -22.98 13.39
N GLN A 479 -15.17 -23.16 13.64
CA GLN A 479 -14.26 -22.06 13.86
C GLN A 479 -14.14 -21.19 12.60
N THR A 480 -13.92 -21.83 11.44
CA THR A 480 -13.75 -21.03 10.23
C THR A 480 -15.08 -20.37 9.88
N THR A 481 -16.20 -21.04 10.13
CA THR A 481 -17.51 -20.45 9.86
C THR A 481 -17.60 -19.14 10.67
N ARG A 482 -17.27 -19.19 11.96
CA ARG A 482 -17.30 -18.00 12.80
C ARG A 482 -16.36 -16.91 12.28
N ARG A 483 -15.15 -17.28 11.84
CA ARG A 483 -14.20 -16.28 11.31
C ARG A 483 -14.78 -15.57 10.09
N VAL A 484 -15.52 -16.33 9.26
CA VAL A 484 -16.10 -15.80 8.02
C VAL A 484 -17.25 -14.83 8.32
N ARG A 485 -18.12 -15.24 9.25
CA ARG A 485 -19.27 -14.45 9.63
C ARG A 485 -18.80 -13.12 10.19
N GLU A 486 -17.79 -13.17 11.07
CA GLU A 486 -17.26 -11.98 11.70
C GLU A 486 -16.54 -11.14 10.67
N TYR A 487 -15.78 -11.79 9.79
CA TYR A 487 -15.01 -11.05 8.82
C TYR A 487 -15.93 -10.13 8.04
N VAL A 488 -17.02 -10.71 7.52
CA VAL A 488 -17.97 -9.94 6.73
C VAL A 488 -18.71 -8.95 7.62
N ALA A 489 -19.25 -9.41 8.77
CA ALA A 489 -19.99 -8.50 9.63
C ALA A 489 -19.23 -7.18 9.79
N ASN A 490 -17.89 -7.25 9.94
CA ASN A 490 -17.08 -6.13 10.38
C ASN A 490 -16.46 -5.36 9.23
N GLY A 491 -16.96 -5.53 8.00
CA GLY A 491 -16.56 -4.69 6.89
C GLY A 491 -15.83 -5.44 5.79
N GLY A 492 -15.68 -6.76 5.91
CA GLY A 492 -15.04 -7.57 4.90
C GLY A 492 -15.81 -7.62 3.58
N LYS A 493 -15.06 -7.88 2.48
CA LYS A 493 -15.65 -8.13 1.19
C LYS A 493 -15.35 -9.59 0.79
N LEU A 494 -16.39 -10.41 0.65
CA LEU A 494 -16.19 -11.84 0.52
C LEU A 494 -16.80 -12.30 -0.79
N PHE A 495 -16.04 -13.15 -1.50
CA PHE A 495 -16.50 -13.93 -2.62
C PHE A 495 -16.55 -15.40 -2.22
N VAL A 496 -17.68 -16.02 -2.52
CA VAL A 496 -17.88 -17.41 -2.16
C VAL A 496 -18.34 -18.15 -3.40
N THR A 497 -17.77 -19.32 -3.70
CA THR A 497 -18.22 -20.08 -4.85
C THR A 497 -18.95 -21.37 -4.48
N TYR A 498 -19.53 -21.98 -5.52
CA TYR A 498 -20.06 -23.34 -5.55
C TYR A 498 -19.04 -24.26 -4.88
N TYR A 499 -19.52 -25.27 -4.14
CA TYR A 499 -18.69 -26.26 -3.47
C TYR A 499 -17.96 -25.66 -2.27
N THR A 500 -18.49 -24.58 -1.71
CA THR A 500 -17.91 -24.07 -0.47
C THR A 500 -18.80 -24.47 0.71
N GLY A 501 -18.21 -24.85 1.83
CA GLY A 501 -18.97 -24.97 3.07
C GLY A 501 -20.05 -26.05 3.00
N LEU A 502 -19.74 -27.06 2.22
CA LEU A 502 -20.66 -28.18 2.13
C LEU A 502 -20.62 -28.93 3.44
N VAL A 503 -19.43 -29.06 4.07
CA VAL A 503 -19.29 -29.96 5.21
C VAL A 503 -18.46 -29.30 6.30
N ASP A 504 -18.47 -29.91 7.50
CA ASP A 504 -17.61 -29.49 8.55
C ASP A 504 -16.32 -30.29 8.42
N ASP A 505 -15.48 -30.21 9.46
CA ASP A 505 -14.13 -30.76 9.36
C ASP A 505 -14.15 -32.27 9.58
N ARG A 506 -15.35 -32.83 9.80
CA ARG A 506 -15.45 -34.29 9.87
C ARG A 506 -16.06 -34.82 8.57
N ASP A 507 -16.34 -33.94 7.61
CA ASP A 507 -17.06 -34.27 6.37
C ASP A 507 -18.52 -34.59 6.68
N HIS A 508 -19.05 -34.01 7.78
CA HIS A 508 -20.48 -34.02 8.03
C HIS A 508 -21.08 -32.81 7.29
N VAL A 509 -22.18 -33.08 6.59
CA VAL A 509 -22.87 -32.04 5.82
C VAL A 509 -23.56 -31.01 6.75
N TRP A 510 -23.36 -29.72 6.43
CA TRP A 510 -24.18 -28.65 7.00
C TRP A 510 -25.58 -28.66 6.34
N LEU A 511 -26.60 -28.97 7.17
CA LEU A 511 -27.96 -29.23 6.70
C LEU A 511 -28.75 -27.93 6.56
N GLY A 512 -29.91 -28.03 5.91
CA GLY A 512 -30.82 -26.91 5.84
C GLY A 512 -30.77 -26.15 4.52
N GLY A 513 -29.90 -26.56 3.59
CA GLY A 513 -29.55 -25.71 2.46
C GLY A 513 -28.05 -25.34 2.48
N TYR A 514 -27.42 -25.57 1.35
CA TYR A 514 -26.01 -25.26 1.20
C TYR A 514 -25.88 -23.75 0.90
N PRO A 515 -24.79 -23.04 1.27
CA PRO A 515 -23.76 -23.54 2.17
C PRO A 515 -24.26 -23.38 3.61
N GLY A 516 -24.43 -24.54 4.26
CA GLY A 516 -25.32 -24.69 5.39
C GLY A 516 -24.89 -23.97 6.67
N SER A 517 -23.61 -23.60 6.78
CA SER A 517 -23.13 -22.87 7.94
C SER A 517 -23.12 -21.37 7.69
N ILE A 518 -23.25 -20.87 6.45
CA ILE A 518 -23.15 -19.42 6.21
C ILE A 518 -24.26 -18.91 5.27
N ARG A 519 -25.47 -19.53 5.24
CA ARG A 519 -26.52 -19.03 4.37
C ARG A 519 -26.77 -17.53 4.64
N ASP A 520 -26.83 -17.14 5.94
CA ASP A 520 -27.11 -15.76 6.35
C ASP A 520 -26.08 -14.81 5.76
N VAL A 521 -24.83 -15.26 5.64
CA VAL A 521 -23.78 -14.38 5.18
C VAL A 521 -23.90 -14.16 3.69
N VAL A 522 -24.21 -15.23 2.95
CA VAL A 522 -24.21 -15.11 1.51
C VAL A 522 -25.60 -14.78 0.95
N GLY A 523 -26.66 -15.02 1.71
CA GLY A 523 -28.00 -14.56 1.35
C GLY A 523 -28.61 -15.40 0.25
N VAL A 524 -28.15 -16.66 0.16
CA VAL A 524 -28.75 -17.62 -0.75
C VAL A 524 -28.92 -18.94 -0.02
N ARG A 525 -29.81 -19.76 -0.59
CA ARG A 525 -30.08 -21.11 -0.17
C ARG A 525 -30.07 -21.98 -1.41
N VAL A 526 -29.17 -22.99 -1.40
CA VAL A 526 -29.05 -23.93 -2.50
C VAL A 526 -29.71 -25.24 -2.09
N GLU A 527 -30.53 -25.82 -2.95
CA GLU A 527 -31.23 -27.06 -2.57
C GLU A 527 -30.53 -28.32 -3.10
N GLU A 528 -29.91 -28.21 -4.27
CA GLU A 528 -29.21 -29.32 -4.88
C GLU A 528 -28.27 -28.73 -5.92
N PHE A 529 -27.50 -29.63 -6.55
CA PHE A 529 -26.54 -29.26 -7.57
C PHE A 529 -26.99 -29.81 -8.91
N ALA A 530 -26.43 -29.21 -9.96
CA ALA A 530 -26.55 -29.71 -11.29
C ALA A 530 -25.15 -29.83 -11.86
N PRO A 531 -24.51 -31.00 -11.66
CA PRO A 531 -23.32 -31.32 -12.42
C PRO A 531 -23.63 -31.38 -13.90
N MET A 532 -22.59 -31.12 -14.69
CA MET A 532 -22.65 -31.05 -16.13
C MET A 532 -21.44 -31.76 -16.73
N GLY A 533 -21.55 -32.17 -17.99
CA GLY A 533 -20.55 -33.03 -18.59
C GLY A 533 -21.07 -33.55 -19.94
N THR A 534 -20.21 -34.36 -20.54
CA THR A 534 -20.42 -35.01 -21.82
C THR A 534 -20.20 -36.52 -21.72
N ASP A 535 -20.69 -37.15 -20.67
CA ASP A 535 -20.46 -38.57 -20.42
C ASP A 535 -21.36 -39.47 -21.23
N ALA A 536 -22.49 -38.97 -21.71
CA ALA A 536 -23.41 -39.68 -22.59
C ALA A 536 -24.07 -38.68 -23.52
N PRO A 537 -24.63 -39.14 -24.65
CA PRO A 537 -25.36 -38.24 -25.54
C PRO A 537 -26.47 -37.52 -24.80
N GLY A 538 -26.61 -36.22 -25.02
CA GLY A 538 -27.75 -35.42 -24.54
C GLY A 538 -27.55 -34.95 -23.10
N THR A 539 -26.36 -35.16 -22.53
CA THR A 539 -26.21 -34.66 -21.16
C THR A 539 -26.10 -33.13 -21.22
N MET A 540 -26.52 -32.48 -20.15
CA MET A 540 -26.39 -31.04 -20.07
C MET A 540 -24.93 -30.74 -19.82
N ASP A 541 -24.32 -30.00 -20.75
CA ASP A 541 -22.89 -29.81 -20.76
C ASP A 541 -22.50 -28.35 -20.54
N HIS A 542 -23.44 -27.41 -20.44
CA HIS A 542 -23.09 -26.03 -20.11
C HIS A 542 -24.34 -25.27 -19.71
N LEU A 543 -24.18 -24.09 -19.09
CA LEU A 543 -25.26 -23.14 -18.91
C LEU A 543 -24.77 -21.71 -19.18
N ASP A 544 -25.46 -21.01 -20.07
CA ASP A 544 -25.15 -19.61 -20.35
C ASP A 544 -25.58 -18.78 -19.16
N LEU A 545 -24.85 -17.69 -18.90
CA LEU A 545 -25.33 -16.63 -18.03
C LEU A 545 -25.63 -15.39 -18.85
N ASP A 546 -26.45 -14.52 -18.26
CA ASP A 546 -26.95 -13.35 -18.97
C ASP A 546 -25.94 -12.20 -18.90
N ASN A 547 -24.70 -12.41 -18.36
CA ASN A 547 -23.63 -11.43 -18.44
C ASN A 547 -22.63 -11.85 -19.51
N GLY A 548 -23.02 -12.76 -20.39
CA GLY A 548 -22.17 -13.16 -21.51
C GLY A 548 -21.10 -14.20 -21.13
N THR A 549 -21.27 -14.92 -20.00
CA THR A 549 -20.35 -16.00 -19.65
C THR A 549 -21.02 -17.38 -19.76
N VAL A 550 -20.21 -18.46 -19.66
CA VAL A 550 -20.72 -19.83 -19.74
C VAL A 550 -20.24 -20.66 -18.54
N ALA A 551 -21.18 -21.34 -17.88
CA ALA A 551 -20.80 -22.27 -16.83
C ALA A 551 -20.63 -23.67 -17.41
N HIS A 552 -19.63 -24.37 -16.91
CA HIS A 552 -19.34 -25.76 -17.24
C HIS A 552 -19.20 -26.54 -15.93
N ASP A 553 -19.47 -27.88 -15.98
CA ASP A 553 -19.14 -28.88 -14.96
C ASP A 553 -20.04 -28.88 -13.72
N PHE A 554 -20.45 -27.72 -13.25
CA PHE A 554 -21.21 -27.66 -12.01
C PHE A 554 -21.96 -26.33 -11.97
N ALA A 555 -23.25 -26.39 -11.60
CA ALA A 555 -23.99 -25.22 -11.18
C ALA A 555 -24.87 -25.55 -9.98
N ASP A 556 -24.97 -24.58 -9.07
CA ASP A 556 -25.91 -24.65 -7.95
C ASP A 556 -27.35 -24.41 -8.37
N VAL A 557 -28.31 -25.02 -7.66
CA VAL A 557 -29.74 -24.70 -7.78
C VAL A 557 -30.15 -23.75 -6.65
N ILE A 558 -30.06 -22.43 -6.88
CA ILE A 558 -30.41 -21.44 -5.84
C ILE A 558 -31.92 -21.26 -5.88
N THR A 559 -32.61 -21.44 -4.74
CA THR A 559 -34.06 -21.42 -4.74
C THR A 559 -34.60 -20.26 -3.91
N SER A 560 -33.76 -19.60 -3.09
CA SER A 560 -34.14 -18.33 -2.49
C SER A 560 -32.93 -17.39 -2.35
N VAL A 561 -33.25 -16.09 -2.37
CA VAL A 561 -32.32 -14.97 -2.25
C VAL A 561 -32.89 -14.02 -1.18
N ALA A 562 -32.11 -13.76 -0.14
CA ALA A 562 -32.52 -12.89 0.93
C ALA A 562 -32.81 -11.45 0.45
N ASP A 563 -33.56 -10.74 1.29
CA ASP A 563 -34.04 -9.38 1.04
C ASP A 563 -32.86 -8.41 0.98
N THR A 564 -31.81 -8.69 1.77
CA THR A 564 -30.62 -7.88 1.79
C THR A 564 -29.69 -8.18 0.63
N ALA A 565 -30.10 -9.06 -0.29
CA ALA A 565 -29.29 -9.43 -1.44
C ALA A 565 -30.00 -9.11 -2.76
N HIS A 566 -29.22 -9.09 -3.84
CA HIS A 566 -29.84 -9.03 -5.14
C HIS A 566 -29.05 -9.91 -6.10
N VAL A 567 -29.68 -10.22 -7.22
CA VAL A 567 -29.11 -11.03 -8.26
C VAL A 567 -28.34 -10.19 -9.26
N VAL A 568 -27.09 -10.57 -9.56
CA VAL A 568 -26.32 -9.86 -10.58
C VAL A 568 -26.33 -10.59 -11.90
N ALA A 569 -26.51 -11.91 -11.88
CA ALA A 569 -26.54 -12.61 -13.14
C ALA A 569 -27.36 -13.86 -12.96
N SER A 570 -27.99 -14.22 -14.07
CA SER A 570 -28.97 -15.26 -14.11
C SER A 570 -28.56 -16.17 -15.23
N PHE A 571 -28.94 -17.45 -15.10
CA PHE A 571 -28.69 -18.43 -16.13
C PHE A 571 -29.69 -18.18 -17.25
N LYS A 572 -29.28 -18.47 -18.48
CA LYS A 572 -30.19 -18.64 -19.59
C LYS A 572 -30.09 -20.09 -20.08
N ALA A 573 -31.24 -20.76 -20.18
CA ALA A 573 -31.26 -22.18 -20.47
C ALA A 573 -32.60 -22.55 -21.14
N ASP A 574 -32.58 -23.69 -21.83
CA ASP A 574 -33.80 -24.35 -22.27
C ASP A 574 -34.73 -24.59 -21.09
N LYS A 575 -36.01 -24.39 -21.33
CA LYS A 575 -36.97 -24.29 -20.25
C LYS A 575 -36.99 -25.59 -19.45
N TRP A 576 -36.86 -26.74 -20.10
CA TRP A 576 -37.04 -28.02 -19.41
C TRP A 576 -35.91 -28.30 -18.39
N THR A 577 -34.76 -27.60 -18.47
CA THR A 577 -33.70 -27.79 -17.48
C THR A 577 -34.07 -27.21 -16.12
N GLY A 578 -35.05 -26.29 -16.09
CA GLY A 578 -35.38 -25.56 -14.87
C GLY A 578 -34.43 -24.38 -14.61
N PHE A 579 -33.45 -24.13 -15.48
CA PHE A 579 -32.48 -23.09 -15.16
C PHE A 579 -32.77 -21.75 -15.83
N ASP A 580 -33.79 -21.67 -16.69
CA ASP A 580 -34.00 -20.42 -17.41
C ASP A 580 -34.38 -19.32 -16.42
N GLY A 581 -33.59 -18.25 -16.29
CA GLY A 581 -33.92 -17.21 -15.31
C GLY A 581 -33.50 -17.53 -13.87
N ALA A 582 -32.89 -18.69 -13.59
CA ALA A 582 -32.51 -18.95 -12.20
C ALA A 582 -31.30 -18.08 -11.84
N PRO A 583 -31.16 -17.67 -10.57
CA PRO A 583 -30.01 -16.89 -10.15
C PRO A 583 -28.68 -17.67 -10.30
N ALA A 584 -27.65 -16.98 -10.79
CA ALA A 584 -26.31 -17.53 -10.98
C ALA A 584 -25.30 -16.86 -10.06
N ILE A 585 -25.37 -15.53 -9.93
CA ILE A 585 -24.39 -14.76 -9.17
C ILE A 585 -25.11 -13.67 -8.38
N THR A 586 -24.89 -13.64 -7.07
CA THR A 586 -25.56 -12.68 -6.23
C THR A 586 -24.56 -11.85 -5.40
N VAL A 587 -25.10 -10.79 -4.79
CA VAL A 587 -24.38 -10.00 -3.80
C VAL A 587 -25.31 -9.66 -2.65
N ASN A 588 -24.80 -9.86 -1.43
CA ASN A 588 -25.58 -9.68 -0.23
C ASN A 588 -24.89 -8.70 0.71
N ASP A 589 -25.71 -7.96 1.47
CA ASP A 589 -25.25 -7.03 2.50
C ASP A 589 -25.37 -7.71 3.85
N PHE A 590 -24.31 -7.67 4.63
CA PHE A 590 -24.28 -8.42 5.87
C PHE A 590 -23.43 -7.60 6.84
N GLY A 591 -24.08 -7.08 7.90
CA GLY A 591 -23.52 -6.03 8.74
C GLY A 591 -22.91 -4.91 7.88
N ASP A 592 -21.65 -4.58 8.15
CA ASP A 592 -20.96 -3.55 7.39
C ASP A 592 -20.33 -4.12 6.12
N GLY A 593 -20.41 -5.43 5.86
CA GLY A 593 -19.67 -5.96 4.71
C GLY A 593 -20.59 -6.41 3.58
N LYS A 594 -19.95 -7.11 2.63
CA LYS A 594 -20.67 -7.75 1.55
C LYS A 594 -20.08 -9.11 1.21
N ALA A 595 -20.96 -9.96 0.68
CA ALA A 595 -20.61 -11.28 0.18
C ALA A 595 -21.27 -11.50 -1.17
N ALA A 596 -20.43 -11.72 -2.17
CA ALA A 596 -20.84 -12.25 -3.48
C ALA A 596 -20.80 -13.79 -3.49
N TYR A 597 -21.77 -14.38 -4.18
CA TYR A 597 -21.88 -15.81 -4.32
C TYR A 597 -21.85 -16.16 -5.79
N VAL A 598 -20.89 -16.99 -6.18
CA VAL A 598 -20.77 -17.38 -7.57
C VAL A 598 -21.16 -18.84 -7.70
N GLY A 599 -22.37 -19.05 -8.20
CA GLY A 599 -23.04 -20.32 -8.06
C GLY A 599 -22.75 -21.27 -9.20
N ALA A 600 -21.56 -21.16 -9.79
CA ALA A 600 -21.18 -22.09 -10.83
C ALA A 600 -19.72 -21.90 -11.18
N ARG A 601 -19.16 -22.92 -11.83
CA ARG A 601 -17.80 -22.87 -12.37
C ARG A 601 -17.78 -22.12 -13.70
N LEU A 602 -17.24 -20.90 -13.64
CA LEU A 602 -17.12 -20.05 -14.81
C LEU A 602 -15.73 -20.07 -15.44
N GLY A 603 -14.74 -20.69 -14.77
CA GLY A 603 -13.38 -20.74 -15.24
C GLY A 603 -12.70 -19.37 -15.17
N ARG A 604 -11.40 -19.35 -15.46
CA ARG A 604 -10.65 -18.13 -15.55
C ARG A 604 -11.45 -17.14 -16.38
N GLU A 605 -11.88 -17.55 -17.58
CA GLU A 605 -12.35 -16.59 -18.56
C GLU A 605 -13.72 -16.04 -18.13
N GLY A 606 -14.63 -16.92 -17.67
CA GLY A 606 -15.89 -16.44 -17.12
C GLY A 606 -15.71 -15.57 -15.87
N LEU A 607 -14.80 -15.93 -14.98
CA LEU A 607 -14.66 -15.10 -13.80
C LEU A 607 -14.08 -13.74 -14.22
N ALA A 608 -13.11 -13.73 -15.14
CA ALA A 608 -12.44 -12.49 -15.53
C ALA A 608 -13.48 -11.47 -16.01
N LYS A 609 -14.42 -11.95 -16.81
CA LYS A 609 -15.47 -11.14 -17.41
C LYS A 609 -16.52 -10.78 -16.37
N SER A 610 -16.67 -11.61 -15.33
CA SER A 610 -17.74 -11.34 -14.38
C SER A 610 -17.23 -10.34 -13.36
N LEU A 611 -15.89 -10.23 -13.23
CA LEU A 611 -15.30 -9.54 -12.09
C LEU A 611 -15.54 -8.03 -12.08
N PRO A 612 -15.50 -7.27 -13.20
CA PRO A 612 -15.69 -5.80 -13.07
C PRO A 612 -16.92 -5.41 -12.23
N ALA A 613 -18.09 -5.97 -12.53
CA ALA A 613 -19.32 -5.57 -11.86
C ALA A 613 -19.25 -5.96 -10.39
N LEU A 614 -18.64 -7.11 -10.10
CA LEU A 614 -18.47 -7.58 -8.73
C LEU A 614 -17.40 -6.78 -7.98
N LEU A 615 -16.28 -6.41 -8.63
CA LEU A 615 -15.30 -5.56 -7.95
C LEU A 615 -15.93 -4.19 -7.68
N GLU A 616 -16.69 -3.67 -8.64
CA GLU A 616 -17.35 -2.39 -8.42
C GLU A 616 -18.32 -2.47 -7.25
N GLU A 617 -19.19 -3.48 -7.20
CA GLU A 617 -20.15 -3.56 -6.11
C GLU A 617 -19.47 -3.71 -4.76
N LEU A 618 -18.34 -4.44 -4.71
CA LEU A 618 -17.71 -4.67 -3.43
C LEU A 618 -16.74 -3.56 -3.10
N GLY A 619 -16.60 -2.53 -3.97
CA GLY A 619 -15.76 -1.38 -3.64
C GLY A 619 -14.27 -1.75 -3.66
N ILE A 620 -13.89 -2.69 -4.52
CA ILE A 620 -12.51 -3.03 -4.73
C ILE A 620 -12.03 -2.35 -6.01
N GLU A 621 -11.04 -1.47 -5.84
CA GLU A 621 -10.56 -0.58 -6.86
C GLU A 621 -9.49 -1.31 -7.67
N THR A 622 -9.52 -1.16 -8.98
CA THR A 622 -8.43 -1.66 -9.81
C THR A 622 -8.10 -0.64 -10.92
N SER A 623 -6.95 -0.80 -11.56
CA SER A 623 -6.65 -0.09 -12.80
C SER A 623 -7.86 -0.12 -13.75
N ALA A 624 -8.08 0.97 -14.49
CA ALA A 624 -9.14 1.06 -15.49
C ALA A 624 -8.66 0.65 -16.88
N GLU A 625 -7.33 0.61 -17.10
CA GLU A 625 -6.74 0.49 -18.43
C GLU A 625 -7.23 -0.77 -19.14
N ASP A 626 -7.28 -0.70 -20.49
CA ASP A 626 -7.69 -1.81 -21.34
C ASP A 626 -6.69 -2.97 -21.25
N ASP A 627 -5.40 -2.64 -21.06
CA ASP A 627 -4.29 -3.59 -21.13
C ASP A 627 -3.89 -4.14 -19.74
N ARG A 628 -4.66 -3.77 -18.70
CA ARG A 628 -4.77 -4.30 -17.34
C ARG A 628 -4.17 -5.70 -17.19
N GLY A 629 -4.64 -6.63 -18.03
CA GLY A 629 -4.42 -8.06 -17.85
C GLY A 629 -3.11 -8.56 -18.46
N GLU A 630 -2.48 -7.74 -19.30
CA GLU A 630 -1.43 -8.20 -20.17
C GLU A 630 -0.21 -8.56 -19.37
N VAL A 631 -0.05 -7.94 -18.21
CA VAL A 631 1.20 -8.02 -17.46
C VAL A 631 0.84 -8.30 -16.02
N LEU A 632 1.54 -9.19 -15.33
CA LEU A 632 1.43 -9.40 -13.91
C LEU A 632 2.48 -8.53 -13.25
N ARG A 633 2.02 -7.68 -12.32
CA ARG A 633 2.86 -6.76 -11.56
C ARG A 633 2.96 -7.36 -10.17
N VAL A 634 4.20 -7.55 -9.71
CA VAL A 634 4.41 -8.13 -8.40
C VAL A 634 5.38 -7.26 -7.62
N GLU A 635 5.07 -6.93 -6.36
CA GLU A 635 5.92 -6.01 -5.64
C GLU A 635 6.44 -6.60 -4.33
N ARG A 636 7.71 -6.28 -4.04
CA ARG A 636 8.35 -6.51 -2.75
C ARG A 636 8.77 -5.15 -2.18
N ALA A 637 8.74 -5.00 -0.85
CA ALA A 637 9.20 -3.82 -0.15
C ALA A 637 9.62 -4.21 1.25
N ASP A 638 10.57 -3.47 1.86
CA ASP A 638 10.85 -3.51 3.29
C ASP A 638 9.71 -2.81 4.03
N GLU A 639 9.73 -2.91 5.36
CA GLU A 639 8.65 -2.44 6.21
C GLU A 639 8.44 -0.94 6.03
N THR A 640 9.53 -0.17 5.83
CA THR A 640 9.47 1.29 5.69
C THR A 640 8.98 1.68 4.30
N GLY A 641 9.25 0.85 3.29
CA GLY A 641 8.83 1.14 1.94
C GLY A 641 9.87 1.93 1.15
N GLU A 642 11.09 2.00 1.70
CA GLU A 642 12.17 2.78 1.10
C GLU A 642 12.97 1.93 0.11
N ASN A 643 12.89 0.60 0.25
CA ASN A 643 13.34 -0.35 -0.77
C ASN A 643 12.09 -1.08 -1.27
N HIS A 644 11.70 -0.72 -2.50
CA HIS A 644 10.46 -1.16 -3.11
C HIS A 644 10.77 -1.61 -4.54
N PHE A 645 10.46 -2.87 -4.86
CA PHE A 645 10.79 -3.38 -6.18
C PHE A 645 9.49 -3.78 -6.85
N VAL A 646 9.42 -3.61 -8.19
CA VAL A 646 8.26 -4.01 -8.98
C VAL A 646 8.79 -4.88 -10.10
N PHE A 647 8.20 -6.08 -10.22
CA PHE A 647 8.54 -7.05 -11.22
C PHE A 647 7.39 -7.12 -12.23
N LEU A 648 7.69 -6.94 -13.51
CA LEU A 648 6.64 -6.92 -14.53
C LEU A 648 6.86 -8.04 -15.52
N PHE A 649 5.82 -8.87 -15.68
CA PHE A 649 5.88 -10.10 -16.47
C PHE A 649 4.79 -10.14 -17.51
N ASN A 650 5.18 -10.30 -18.77
CA ASN A 650 4.20 -10.40 -19.83
C ASN A 650 3.56 -11.77 -19.66
N ARG A 651 2.23 -11.81 -19.75
CA ARG A 651 1.43 -13.03 -19.67
C ARG A 651 0.99 -13.48 -21.05
N THR A 652 1.44 -12.82 -22.10
CA THR A 652 0.77 -12.95 -23.37
C THR A 652 1.80 -13.35 -24.40
N HIS A 653 1.28 -13.56 -25.62
CA HIS A 653 2.10 -13.76 -26.81
C HIS A 653 2.12 -12.50 -27.68
N ASP A 654 1.80 -11.33 -27.12
CA ASP A 654 1.94 -10.07 -27.86
C ASP A 654 3.03 -9.26 -27.15
N VAL A 655 3.52 -8.19 -27.79
CA VAL A 655 4.46 -7.29 -27.15
C VAL A 655 3.63 -6.46 -26.16
N ALA A 656 3.97 -6.44 -24.89
CA ALA A 656 3.24 -5.57 -23.94
C ALA A 656 4.02 -4.27 -23.68
N VAL A 657 3.38 -3.11 -23.89
CA VAL A 657 4.05 -1.85 -23.58
C VAL A 657 3.52 -1.38 -22.23
N VAL A 658 4.44 -0.98 -21.38
CA VAL A 658 4.05 -0.51 -20.06
C VAL A 658 4.72 0.82 -19.70
N ASP A 659 3.98 1.65 -18.94
CA ASP A 659 4.50 2.77 -18.15
C ASP A 659 5.45 2.24 -17.07
N VAL A 660 6.71 2.67 -17.15
CA VAL A 660 7.84 2.28 -16.32
C VAL A 660 8.05 3.32 -15.23
N GLU A 661 8.07 2.94 -13.94
CA GLU A 661 7.93 3.96 -12.91
C GLU A 661 9.15 4.08 -12.01
N GLY A 662 10.22 3.33 -12.21
CA GLY A 662 11.40 3.62 -11.40
C GLY A 662 12.69 3.44 -12.18
N GLU A 663 13.74 3.00 -11.49
CA GLU A 663 14.99 2.65 -12.13
C GLU A 663 14.95 1.18 -12.59
N PRO A 664 15.11 0.92 -13.89
CA PRO A 664 15.22 -0.45 -14.39
C PRO A 664 16.50 -1.11 -13.92
N LEU A 665 16.42 -2.35 -13.40
CA LEU A 665 17.61 -3.03 -12.91
C LEU A 665 17.92 -4.27 -13.74
N VAL A 666 16.87 -5.01 -14.11
CA VAL A 666 17.03 -6.22 -14.91
C VAL A 666 15.89 -6.25 -15.90
N ALA A 667 16.30 -6.62 -17.11
CA ALA A 667 15.50 -6.63 -18.30
C ALA A 667 15.85 -7.90 -19.07
N SER A 668 14.89 -8.78 -19.22
CA SER A 668 15.02 -9.95 -20.08
C SER A 668 13.90 -9.93 -21.10
N LEU A 669 14.29 -9.78 -22.37
CA LEU A 669 13.36 -9.73 -23.49
C LEU A 669 12.44 -8.54 -23.32
N ALA A 670 13.05 -7.44 -22.86
CA ALA A 670 12.34 -6.18 -22.66
C ALA A 670 13.26 -5.01 -22.94
N GLN A 671 12.69 -3.95 -23.51
CA GLN A 671 13.45 -2.75 -23.86
C GLN A 671 12.82 -1.49 -23.26
N VAL A 672 13.67 -0.69 -22.60
CA VAL A 672 13.19 0.46 -21.85
C VAL A 672 13.46 1.74 -22.64
N ASN A 673 12.54 2.69 -22.43
CA ASN A 673 12.68 4.09 -22.84
C ASN A 673 12.56 4.99 -21.61
N GLU A 676 11.33 8.90 -20.84
CA GLU A 676 9.93 8.72 -21.34
C GLU A 676 9.18 7.60 -20.60
N HIS A 677 9.84 6.83 -19.73
CA HIS A 677 9.15 6.00 -18.75
C HIS A 677 8.22 4.98 -19.43
N THR A 678 8.74 4.35 -20.48
CA THR A 678 8.02 3.36 -21.29
C THR A 678 8.87 2.10 -21.38
N ALA A 679 8.25 0.94 -21.58
CA ALA A 679 9.02 -0.25 -21.90
C ALA A 679 8.18 -1.22 -22.70
N ALA A 680 8.84 -1.95 -23.59
CA ALA A 680 8.13 -2.90 -24.44
C ALA A 680 8.59 -4.29 -24.02
N ILE A 681 7.66 -5.15 -23.57
CA ILE A 681 8.06 -6.44 -23.09
C ILE A 681 7.56 -7.53 -24.03
N GLN A 682 8.54 -8.21 -24.62
CA GLN A 682 8.35 -9.35 -25.52
C GLN A 682 7.68 -10.50 -24.78
N PRO A 683 7.00 -11.40 -25.51
CA PRO A 683 6.50 -12.62 -24.90
C PRO A 683 7.61 -13.31 -24.10
N ASN A 684 7.25 -13.82 -22.92
CA ASN A 684 8.18 -14.41 -21.97
C ASN A 684 9.19 -13.42 -21.41
N GLY A 685 8.90 -12.11 -21.51
CA GLY A 685 9.87 -11.14 -21.02
C GLY A 685 9.55 -10.73 -19.59
N VAL A 686 10.53 -10.13 -18.92
CA VAL A 686 10.37 -9.58 -17.57
C VAL A 686 11.21 -8.31 -17.42
N LEU A 687 10.67 -7.34 -16.67
CA LEU A 687 11.40 -6.15 -16.28
C LEU A 687 11.27 -6.01 -14.78
N VAL A 688 12.38 -5.75 -14.14
CA VAL A 688 12.36 -5.41 -12.74
C VAL A 688 12.96 -4.03 -12.53
N VAL A 689 12.24 -3.27 -11.69
CA VAL A 689 12.43 -1.85 -11.46
C VAL A 689 12.50 -1.64 -9.96
N LYS A 690 13.41 -0.77 -9.52
CA LYS A 690 13.41 -0.27 -8.17
C LYS A 690 12.78 1.13 -8.14
N LEU A 691 11.76 1.32 -7.30
CA LEU A 691 11.06 2.57 -7.19
C LEU A 691 11.89 3.55 -6.36
N ALA A 692 11.90 4.83 -6.73
CA ALA A 692 12.51 5.88 -5.90
C ALA A 692 11.54 6.24 -4.77
N ALA A 693 11.99 6.06 -3.53
CA ALA A 693 11.15 6.22 -2.36
C ALA A 693 10.61 7.64 -2.22
N ALA A 694 11.31 8.62 -2.81
CA ALA A 694 10.91 10.01 -2.66
C ALA A 694 9.84 10.39 -3.67
N LEU A 695 9.42 9.48 -4.57
CA LEU A 695 8.49 9.79 -5.65
C LEU A 695 7.18 9.02 -5.47
N GLU A 696 6.19 9.19 -6.37
CA GLU A 696 4.97 8.38 -6.40
C GLU A 696 5.26 6.95 -5.90
N MET B 1 6.59 8.14 -1.87
CA MET B 1 5.25 8.62 -1.43
C MET B 1 4.53 7.44 -0.76
N GLU B 2 3.20 7.37 -0.97
CA GLU B 2 2.26 6.36 -0.51
C GLU B 2 1.27 6.96 0.48
N HIS B 3 0.06 7.20 -0.01
CA HIS B 3 -1.03 7.70 0.78
C HIS B 3 -1.76 6.56 1.47
N ARG B 4 -2.37 6.88 2.62
CA ARG B 4 -3.38 6.03 3.21
C ARG B 4 -4.63 5.98 2.32
N ALA B 5 -5.34 4.84 2.36
CA ALA B 5 -6.63 4.66 1.72
C ALA B 5 -7.59 5.75 2.17
N PHE B 6 -8.25 6.41 1.24
CA PHE B 6 -9.17 7.46 1.59
C PHE B 6 -10.37 6.88 2.33
N LYS B 7 -10.78 7.50 3.44
CA LYS B 7 -12.04 7.22 4.11
C LYS B 7 -12.70 8.54 4.49
N TRP B 8 -14.02 8.54 4.46
CA TRP B 8 -14.83 9.70 4.68
C TRP B 8 -15.79 9.33 5.78
N PRO B 9 -16.13 10.25 6.69
CA PRO B 9 -17.12 9.95 7.72
C PRO B 9 -18.48 9.76 7.08
N GLN B 10 -19.17 8.72 7.58
CA GLN B 10 -20.33 8.12 6.96
C GLN B 10 -21.61 8.53 7.65
N PRO B 11 -22.77 8.49 6.95
CA PRO B 11 -23.98 9.01 7.56
C PRO B 11 -24.39 8.23 8.81
N LEU B 12 -25.13 8.86 9.73
CA LEU B 12 -25.79 8.07 10.75
C LEU B 12 -26.77 7.11 10.05
N ALA B 13 -26.95 5.93 10.64
CA ALA B 13 -27.93 4.94 10.26
C ALA B 13 -29.29 5.61 10.07
N GLY B 14 -29.79 5.54 8.84
CA GLY B 14 -31.07 6.14 8.54
C GLY B 14 -30.96 7.37 7.65
N ASN B 15 -29.73 7.92 7.50
CA ASN B 15 -29.55 9.19 6.83
C ASN B 15 -28.84 8.99 5.49
N LYS B 16 -29.14 9.88 4.54
CA LYS B 16 -28.44 9.84 3.27
C LYS B 16 -27.19 10.71 3.39
N PRO B 17 -26.19 10.53 2.50
CA PRO B 17 -25.03 11.41 2.47
C PRO B 17 -25.46 12.87 2.37
N ARG B 18 -24.69 13.72 3.07
CA ARG B 18 -24.86 15.17 3.00
C ARG B 18 -23.46 15.79 2.96
N ILE B 19 -23.38 17.01 2.48
CA ILE B 19 -22.25 17.87 2.74
C ILE B 19 -22.31 18.12 4.25
N TRP B 20 -21.31 17.62 4.97
CA TRP B 20 -21.30 17.88 6.40
C TRP B 20 -21.29 19.38 6.65
N TYR B 21 -22.13 19.82 7.56
CA TYR B 21 -22.20 21.23 7.88
C TYR B 21 -22.28 21.37 9.39
N GLY B 22 -21.43 22.23 9.98
CA GLY B 22 -21.54 22.58 11.38
C GLY B 22 -20.26 23.19 11.93
N GLY B 23 -19.69 22.65 13.02
CA GLY B 23 -18.52 23.25 13.65
C GLY B 23 -18.17 22.69 15.03
N ASP B 24 -17.17 23.36 15.60
CA ASP B 24 -16.73 23.02 16.91
C ASP B 24 -17.87 23.35 17.86
N TYR B 25 -18.09 22.44 18.79
CA TYR B 25 -19.21 22.59 19.71
C TYR B 25 -18.62 22.30 21.06
N ASN B 26 -18.82 23.24 21.97
CA ASN B 26 -18.15 23.26 23.27
C ASN B 26 -19.19 23.34 24.38
N PRO B 27 -20.00 22.29 24.55
CA PRO B 27 -21.12 22.34 25.50
C PRO B 27 -20.65 22.43 26.94
N ASP B 28 -19.40 21.96 27.15
CA ASP B 28 -18.81 21.94 28.46
C ASP B 28 -18.55 23.36 28.92
N GLN B 29 -18.80 24.36 28.07
CA GLN B 29 -18.62 25.74 28.44
C GLN B 29 -19.93 26.40 28.77
N TRP B 30 -21.01 25.62 28.75
CA TRP B 30 -22.31 26.23 29.01
C TRP B 30 -23.08 25.39 30.02
N PRO B 31 -24.02 26.01 30.76
CA PRO B 31 -24.97 25.22 31.55
C PRO B 31 -25.65 24.20 30.65
N GLU B 32 -25.97 23.02 31.17
CA GLU B 32 -26.63 21.99 30.40
C GLU B 32 -28.00 22.39 29.85
N GLU B 33 -28.72 23.29 30.52
CA GLU B 33 -29.98 23.79 29.99
C GLU B 33 -29.83 24.27 28.55
N VAL B 34 -28.69 24.92 28.24
CA VAL B 34 -28.49 25.55 26.95
C VAL B 34 -28.40 24.50 25.85
N TRP B 35 -28.09 23.25 26.19
CA TRP B 35 -27.81 22.28 25.14
C TRP B 35 -29.06 22.01 24.30
N ASP B 36 -30.23 21.97 24.93
CA ASP B 36 -31.45 21.75 24.17
C ASP B 36 -31.74 22.93 23.22
N GLU B 37 -31.37 24.16 23.60
CA GLU B 37 -31.46 25.28 22.67
C GLU B 37 -30.48 25.05 21.50
N ASP B 38 -29.24 24.65 21.77
CA ASP B 38 -28.22 24.45 20.74
C ASP B 38 -28.76 23.52 19.66
N VAL B 39 -29.25 22.37 20.11
CA VAL B 39 -29.75 21.33 19.24
C VAL B 39 -30.95 21.85 18.42
N ALA B 40 -31.85 22.64 19.03
CA ALA B 40 -33.00 23.13 18.26
C ALA B 40 -32.51 24.08 17.18
N LEU B 41 -31.50 24.90 17.52
CA LEU B 41 -31.06 25.90 16.56
C LEU B 41 -30.23 25.23 15.50
N MET B 42 -29.55 24.14 15.85
CA MET B 42 -28.74 23.44 14.88
C MET B 42 -29.68 22.87 13.78
N GLN B 43 -30.84 22.33 14.16
CA GLN B 43 -31.80 21.83 13.20
C GLN B 43 -32.36 22.96 12.35
N GLN B 44 -32.67 24.11 12.92
CA GLN B 44 -33.09 25.23 12.10
C GLN B 44 -32.01 25.56 11.06
N ALA B 45 -30.73 25.52 11.51
CA ALA B 45 -29.61 25.96 10.70
C ALA B 45 -29.27 24.92 9.63
N GLY B 46 -29.72 23.67 9.81
CA GLY B 46 -29.37 22.61 8.87
C GLY B 46 -28.03 21.94 9.21
N VAL B 47 -27.59 22.12 10.47
CA VAL B 47 -26.34 21.56 10.93
C VAL B 47 -26.55 20.05 11.12
N ASN B 48 -25.55 19.26 10.70
CA ASN B 48 -25.64 17.83 10.72
C ASN B 48 -24.40 17.17 11.31
N LEU B 49 -23.34 17.94 11.60
CA LEU B 49 -22.15 17.42 12.25
C LEU B 49 -21.53 18.47 13.16
N VAL B 50 -21.08 18.01 14.34
CA VAL B 50 -20.31 18.83 15.26
C VAL B 50 -19.05 18.10 15.66
N SER B 51 -18.06 18.91 16.00
CA SER B 51 -16.78 18.44 16.48
C SER B 51 -16.69 18.72 17.99
N VAL B 52 -16.57 17.67 18.80
CA VAL B 52 -16.68 17.77 20.24
C VAL B 52 -15.39 17.35 20.96
N ALA B 53 -15.19 17.93 22.14
CA ALA B 53 -14.22 17.51 23.15
C ALA B 53 -12.78 17.89 22.81
N ILE B 54 -12.57 18.85 21.92
CA ILE B 54 -11.21 18.98 21.39
C ILE B 54 -10.26 19.36 22.53
N PHE B 55 -10.74 20.19 23.45
CA PHE B 55 -9.92 20.70 24.54
C PHE B 55 -10.58 20.33 25.86
N SER B 56 -11.02 19.08 25.97
CA SER B 56 -11.83 18.69 27.11
C SER B 56 -11.05 17.80 28.08
N TRP B 57 -9.72 17.76 28.00
CA TRP B 57 -8.95 16.87 28.87
C TRP B 57 -9.25 17.11 30.35
N ALA B 58 -9.32 18.37 30.75
CA ALA B 58 -9.45 18.65 32.17
C ALA B 58 -10.86 18.37 32.67
N LYS B 59 -11.81 18.12 31.76
CA LYS B 59 -13.13 17.67 32.17
C LYS B 59 -13.21 16.16 32.04
N LEU B 60 -12.57 15.59 31.04
CA LEU B 60 -12.65 14.15 30.85
C LEU B 60 -11.78 13.37 31.85
N GLU B 61 -10.59 13.90 32.23
CA GLU B 61 -9.71 13.26 33.23
C GLU B 61 -9.44 14.34 34.27
N PRO B 62 -10.40 14.62 35.16
CA PRO B 62 -10.32 15.81 36.02
C PRO B 62 -9.19 15.74 37.05
N GLU B 63 -8.65 14.54 37.20
CA GLU B 63 -7.38 14.33 37.91
C GLU B 63 -6.82 13.03 37.39
N GLU B 64 -5.56 12.79 37.70
CA GLU B 64 -4.90 11.63 37.19
C GLU B 64 -5.68 10.38 37.54
N GLY B 65 -5.95 9.60 36.48
CA GLY B 65 -6.55 8.29 36.63
C GLY B 65 -8.03 8.29 37.02
N VAL B 66 -8.68 9.46 37.11
CA VAL B 66 -10.12 9.56 37.28
C VAL B 66 -10.73 10.08 35.97
N TYR B 67 -11.80 9.43 35.52
CA TYR B 67 -12.44 9.68 34.24
C TYR B 67 -13.90 10.05 34.47
N ASP B 68 -14.33 11.09 33.76
CA ASP B 68 -15.67 11.62 33.89
C ASP B 68 -16.26 11.77 32.48
N PHE B 69 -16.98 10.76 31.99
CA PHE B 69 -17.45 10.77 30.62
C PHE B 69 -18.96 11.09 30.53
N ASP B 70 -19.68 11.07 31.65
CA ASP B 70 -21.13 10.98 31.59
C ASP B 70 -21.74 12.20 30.88
N TRP B 71 -21.22 13.40 31.13
CA TRP B 71 -21.64 14.62 30.45
C TRP B 71 -21.49 14.47 28.93
N LEU B 72 -20.39 13.91 28.49
CA LEU B 72 -20.19 13.77 27.06
C LEU B 72 -21.11 12.70 26.47
N ASP B 73 -21.42 11.64 27.22
CA ASP B 73 -22.37 10.65 26.76
C ASP B 73 -23.71 11.32 26.53
N ARG B 74 -24.15 12.17 27.46
CA ARG B 74 -25.45 12.78 27.34
C ARG B 74 -25.47 13.77 26.18
N VAL B 75 -24.49 14.66 26.02
CA VAL B 75 -24.50 15.56 24.88
C VAL B 75 -24.45 14.80 23.56
N ILE B 76 -23.65 13.76 23.46
CA ILE B 76 -23.61 13.05 22.21
C ILE B 76 -24.97 12.41 21.93
N ASP B 77 -25.64 11.89 22.96
CA ASP B 77 -26.87 11.17 22.74
C ASP B 77 -27.94 12.14 22.28
N LYS B 78 -27.90 13.33 22.86
CA LYS B 78 -28.86 14.38 22.55
C LYS B 78 -28.61 14.88 21.12
N LEU B 79 -27.34 14.96 20.66
CA LEU B 79 -27.09 15.38 19.28
C LEU B 79 -27.60 14.31 18.28
N GLY B 80 -27.29 13.03 18.52
CA GLY B 80 -27.59 11.98 17.59
C GLY B 80 -29.06 11.62 17.54
N LYS B 81 -29.78 11.73 18.66
CA LYS B 81 -31.22 11.55 18.61
C LYS B 81 -31.87 12.63 17.76
N ALA B 82 -31.20 13.77 17.65
CA ALA B 82 -31.73 14.77 16.76
C ALA B 82 -31.10 14.66 15.37
N GLY B 83 -30.46 13.53 15.01
CA GLY B 83 -29.90 13.40 13.68
C GLY B 83 -28.59 14.19 13.45
N ILE B 84 -27.87 14.63 14.52
CA ILE B 84 -26.61 15.36 14.38
C ILE B 84 -25.45 14.45 14.76
N ALA B 85 -24.55 14.26 13.81
CA ALA B 85 -23.44 13.36 13.98
C ALA B 85 -22.30 14.06 14.72
N VAL B 86 -21.42 13.25 15.30
CA VAL B 86 -20.32 13.75 16.13
C VAL B 86 -18.99 13.28 15.57
N ASP B 87 -18.20 14.28 15.20
CA ASP B 87 -16.77 14.15 15.00
C ASP B 87 -16.08 14.31 16.36
N LEU B 88 -15.63 13.19 16.91
CA LEU B 88 -15.15 13.14 18.28
C LEU B 88 -13.65 13.36 18.36
N ALA B 89 -13.25 14.31 19.19
CA ALA B 89 -11.83 14.58 19.44
C ALA B 89 -11.24 13.51 20.31
N SER B 90 -9.93 13.30 20.18
CA SER B 90 -9.19 12.55 21.20
C SER B 90 -9.26 13.24 22.55
N GLY B 91 -9.39 14.58 22.55
CA GLY B 91 -9.30 15.35 23.79
C GLY B 91 -7.87 15.65 24.21
N THR B 92 -6.89 15.22 23.41
CA THR B 92 -5.52 15.31 23.84
C THR B 92 -4.79 16.59 23.40
N ALA B 93 -5.50 17.61 22.97
CA ALA B 93 -4.83 18.73 22.32
C ALA B 93 -3.94 19.53 23.27
N SER B 94 -4.37 19.68 24.52
CA SER B 94 -3.62 20.44 25.51
C SER B 94 -3.80 19.82 26.89
N PRO B 95 -2.73 19.65 27.67
CA PRO B 95 -2.85 18.99 28.97
C PRO B 95 -3.55 19.81 30.05
N PRO B 96 -4.18 19.14 31.04
CA PRO B 96 -4.71 19.78 32.23
C PRO B 96 -3.60 20.24 33.16
N MET B 97 -3.94 21.20 34.00
CA MET B 97 -3.02 21.79 34.96
C MET B 97 -2.47 20.76 35.94
N TRP B 98 -3.27 19.74 36.38
CA TRP B 98 -2.73 18.80 37.36
C TRP B 98 -1.50 18.15 36.76
N MET B 99 -1.53 17.97 35.43
CA MET B 99 -0.57 17.12 34.77
C MET B 99 0.77 17.84 34.64
N THR B 100 0.71 19.12 34.30
CA THR B 100 1.94 19.89 34.12
C THR B 100 2.53 20.30 35.48
N GLN B 101 1.69 20.43 36.51
CA GLN B 101 2.14 20.66 37.87
C GLN B 101 2.97 19.47 38.31
N ALA B 102 2.47 18.26 38.03
CA ALA B 102 3.10 17.03 38.43
C ALA B 102 4.29 16.67 37.53
N HIS B 103 4.29 17.08 36.25
CA HIS B 103 5.32 16.72 35.28
C HIS B 103 5.68 17.94 34.42
N PRO B 104 6.46 18.87 35.00
CA PRO B 104 6.91 20.06 34.27
C PRO B 104 7.84 19.74 33.10
N GLU B 105 8.40 18.52 33.09
CA GLU B 105 9.19 17.99 32.00
C GLU B 105 8.35 17.87 30.72
N ILE B 106 7.03 17.98 30.81
CA ILE B 106 6.19 18.02 29.62
C ILE B 106 6.33 19.35 28.88
N LEU B 107 6.62 20.42 29.59
CA LEU B 107 6.54 21.74 28.95
C LEU B 107 7.69 21.93 27.96
N TRP B 108 7.38 22.54 26.80
CA TRP B 108 8.37 22.80 25.78
C TRP B 108 9.22 23.98 26.24
N VAL B 109 10.45 24.00 25.69
CA VAL B 109 11.54 24.87 26.07
C VAL B 109 11.95 25.72 24.85
N ASP B 110 12.10 27.03 25.05
CA ASP B 110 12.44 27.90 23.96
C ASP B 110 13.95 27.90 23.77
N TYR B 111 14.37 28.64 22.73
CA TYR B 111 15.74 28.65 22.20
C TYR B 111 16.74 29.13 23.26
N ARG B 112 16.21 29.85 24.25
CA ARG B 112 17.03 30.42 25.31
C ARG B 112 17.03 29.54 26.55
N GLY B 113 16.25 28.46 26.57
CA GLY B 113 16.12 27.66 27.75
C GLY B 113 14.96 28.07 28.64
N ASP B 114 14.08 28.98 28.22
CA ASP B 114 12.96 29.35 29.07
C ASP B 114 11.80 28.41 28.77
N VAL B 115 11.19 27.90 29.84
CA VAL B 115 10.14 26.90 29.83
C VAL B 115 8.81 27.54 29.51
N CYS B 116 8.15 27.14 28.41
CA CYS B 116 6.77 27.55 28.17
C CYS B 116 5.85 27.01 29.28
N GLN B 117 5.12 27.90 29.91
CA GLN B 117 4.26 27.55 31.01
C GLN B 117 2.84 27.37 30.50
N PRO B 118 2.00 26.72 31.28
CA PRO B 118 0.57 26.74 31.04
C PRO B 118 0.02 28.15 31.27
N GLY B 119 -1.15 28.38 30.67
CA GLY B 119 -1.80 29.68 30.62
C GLY B 119 -2.48 29.98 29.27
N ALA B 120 -2.08 29.27 28.19
CA ALA B 120 -2.81 29.26 26.93
C ALA B 120 -3.03 27.81 26.51
N ARG B 121 -2.48 27.36 25.37
CA ARG B 121 -2.56 25.93 25.09
C ARG B 121 -1.34 25.36 24.37
N GLN B 122 -1.36 24.02 24.31
CA GLN B 122 -0.52 23.19 23.50
C GLN B 122 0.93 23.30 23.97
N HIS B 123 1.13 23.39 25.31
CA HIS B 123 2.42 23.71 25.87
C HIS B 123 3.17 22.41 26.17
N TRP B 124 3.13 21.45 25.25
CA TRP B 124 3.81 20.18 25.40
C TRP B 124 4.89 20.00 24.38
N ARG B 125 5.95 19.24 24.77
CA ARG B 125 7.01 18.81 23.86
C ARG B 125 6.59 17.61 23.00
N ALA B 126 6.89 17.71 21.70
CA ALA B 126 6.57 16.70 20.72
C ALA B 126 7.32 15.41 21.04
N THR B 127 8.51 15.52 21.63
CA THR B 127 9.32 14.34 21.91
C THR B 127 9.29 13.92 23.39
N SER B 128 8.35 14.40 24.20
CA SER B 128 8.25 14.00 25.60
C SER B 128 7.76 12.56 25.69
N PRO B 129 8.51 11.59 26.23
CA PRO B 129 7.95 10.27 26.46
C PRO B 129 6.81 10.33 27.46
N VAL B 130 6.89 11.28 28.41
CA VAL B 130 5.92 11.30 29.48
C VAL B 130 4.59 11.77 28.91
N PHE B 131 4.60 12.87 28.17
CA PHE B 131 3.35 13.36 27.62
C PHE B 131 2.77 12.31 26.68
N LEU B 132 3.63 11.62 25.91
CA LEU B 132 3.17 10.62 24.99
C LEU B 132 2.41 9.54 25.75
N ASP B 133 2.90 9.17 26.93
CA ASP B 133 2.21 8.14 27.68
C ASP B 133 0.85 8.63 28.15
N TYR B 134 0.73 9.94 28.42
CA TYR B 134 -0.51 10.44 28.95
C TYR B 134 -1.51 10.58 27.82
N ALA B 135 -1.06 11.08 26.66
CA ALA B 135 -1.97 11.25 25.55
C ALA B 135 -2.48 9.91 25.02
N LEU B 136 -1.59 8.90 24.88
CA LEU B 136 -2.00 7.58 24.42
C LEU B 136 -2.98 6.94 25.39
N ASN B 137 -2.82 7.22 26.68
CA ASN B 137 -3.72 6.69 27.69
C ASN B 137 -5.14 7.24 27.49
N LEU B 138 -5.28 8.54 27.26
CA LEU B 138 -6.62 9.06 27.07
C LEU B 138 -7.18 8.66 25.70
N CYS B 139 -6.33 8.60 24.67
CA CYS B 139 -6.85 8.06 23.43
C CYS B 139 -7.50 6.72 23.69
N ARG B 140 -6.86 5.88 24.51
CA ARG B 140 -7.34 4.51 24.68
C ARG B 140 -8.65 4.52 25.47
N LYS B 141 -8.76 5.37 26.49
CA LYS B 141 -9.98 5.40 27.28
C LYS B 141 -11.12 5.91 26.40
N MET B 142 -10.82 6.90 25.57
CA MET B 142 -11.84 7.48 24.72
C MET B 142 -12.29 6.43 23.68
N ALA B 143 -11.35 5.81 23.02
CA ALA B 143 -11.63 4.74 22.05
C ALA B 143 -12.46 3.63 22.71
N GLU B 144 -12.00 3.10 23.86
CA GLU B 144 -12.77 2.05 24.51
C GLU B 144 -14.18 2.52 24.84
N HIS B 145 -14.36 3.77 25.25
CA HIS B 145 -15.67 4.19 25.69
C HIS B 145 -16.59 4.42 24.52
N TYR B 146 -16.09 4.99 23.40
CA TYR B 146 -16.96 5.42 22.34
C TYR B 146 -16.95 4.48 21.15
N LYS B 147 -16.34 3.31 21.24
CA LYS B 147 -16.15 2.52 20.04
C LYS B 147 -17.47 1.97 19.47
N ASP B 148 -18.51 1.72 20.29
CA ASP B 148 -19.79 1.22 19.80
C ASP B 148 -20.82 2.33 19.73
N ASN B 149 -20.39 3.59 19.87
CA ASN B 149 -21.35 4.70 19.91
C ASN B 149 -21.89 4.94 18.51
N PRO B 150 -23.22 4.82 18.24
CA PRO B 150 -23.72 4.88 16.86
C PRO B 150 -23.71 6.30 16.28
N TYR B 151 -23.48 7.29 17.13
CA TYR B 151 -23.58 8.68 16.75
C TYR B 151 -22.20 9.34 16.50
N VAL B 152 -21.10 8.60 16.73
CA VAL B 152 -19.76 9.13 16.50
C VAL B 152 -19.24 8.58 15.18
N VAL B 153 -19.00 9.48 14.22
CA VAL B 153 -18.69 9.08 12.85
C VAL B 153 -17.21 9.20 12.50
N SER B 154 -16.38 9.88 13.30
CA SER B 154 -14.99 10.06 12.94
C SER B 154 -14.19 10.55 14.16
N TRP B 155 -12.86 10.40 14.10
CA TRP B 155 -11.93 10.90 15.10
C TRP B 155 -11.25 12.19 14.58
N HIS B 156 -11.25 13.22 15.43
CA HIS B 156 -10.50 14.46 15.29
C HIS B 156 -9.31 14.41 16.25
N VAL B 157 -8.15 13.99 15.71
CA VAL B 157 -7.03 13.66 16.56
C VAL B 157 -6.30 14.94 16.92
N SER B 158 -6.31 15.27 18.23
CA SER B 158 -5.65 16.44 18.80
C SER B 158 -6.26 17.72 18.25
N ASN B 159 -5.42 18.74 17.98
CA ASN B 159 -5.83 19.93 17.25
C ASN B 159 -4.60 20.69 16.78
N GLU B 160 -4.48 20.93 15.46
CA GLU B 160 -3.54 21.85 14.85
C GLU B 160 -2.15 21.69 15.45
N TYR B 161 -1.67 20.46 15.42
CA TYR B 161 -0.28 20.24 15.78
C TYR B 161 0.61 21.38 15.28
N GLY B 162 1.45 21.86 16.20
CA GLY B 162 2.57 22.70 15.89
C GLY B 162 2.18 24.18 15.81
N CYS B 163 0.92 24.49 16.08
CA CYS B 163 0.47 25.86 16.02
C CYS B 163 1.26 26.68 17.03
N HIS B 164 1.50 26.06 18.20
CA HIS B 164 2.21 26.70 19.28
C HIS B 164 3.46 25.92 19.68
N ASN B 165 3.47 24.59 19.45
CA ASN B 165 4.61 23.79 19.83
C ASN B 165 5.45 23.20 18.72
N ARG B 166 5.63 23.96 17.63
CA ARG B 166 6.46 23.51 16.52
C ARG B 166 7.89 23.23 16.97
N PHE B 167 8.41 24.17 17.77
CA PHE B 167 9.80 24.13 18.18
C PHE B 167 9.95 23.93 19.68
N ASP B 168 10.80 22.98 20.03
CA ASP B 168 11.18 22.67 21.39
C ASP B 168 12.69 22.51 21.36
N TYR B 169 13.40 23.08 22.36
CA TYR B 169 14.84 23.05 22.45
C TYR B 169 15.25 22.29 23.72
N SER B 170 14.33 21.54 24.31
CA SER B 170 14.56 20.72 25.51
C SER B 170 15.60 19.63 25.27
N GLU B 171 15.97 18.90 26.32
CA GLU B 171 16.91 17.80 26.18
C GLU B 171 16.27 16.61 25.47
N ASP B 172 14.94 16.53 25.53
CA ASP B 172 14.23 15.49 24.79
C ASP B 172 14.44 15.75 23.30
N ALA B 173 14.28 17.00 22.86
CA ALA B 173 14.46 17.35 21.47
C ALA B 173 15.91 17.10 21.06
N GLU B 174 16.86 17.41 21.94
CA GLU B 174 18.27 17.21 21.63
C GLU B 174 18.49 15.75 21.27
N ARG B 175 17.95 14.83 22.10
CA ARG B 175 18.21 13.40 21.93
C ARG B 175 17.45 12.93 20.68
N ALA B 176 16.27 13.50 20.46
CA ALA B 176 15.50 13.01 19.32
C ALA B 176 16.10 13.56 18.02
N PHE B 177 16.67 14.76 18.08
CA PHE B 177 17.28 15.31 16.87
C PHE B 177 18.54 14.54 16.46
N GLN B 178 19.35 14.14 17.44
CA GLN B 178 20.53 13.32 17.21
C GLN B 178 20.11 12.03 16.53
N LYS B 179 18.99 11.47 17.00
CA LYS B 179 18.56 10.19 16.47
C LYS B 179 17.95 10.38 15.10
N TRP B 180 17.22 11.46 14.87
CA TRP B 180 16.67 11.68 13.55
C TRP B 180 17.82 11.86 12.57
N CYS B 181 18.88 12.58 12.96
CA CYS B 181 19.96 12.87 12.05
C CYS B 181 20.70 11.58 11.71
N GLU B 182 20.82 10.73 12.72
CA GLU B 182 21.50 9.47 12.57
C GLU B 182 20.69 8.59 11.61
N LYS B 183 19.36 8.69 11.63
CA LYS B 183 18.57 7.83 10.77
C LYS B 183 18.69 8.34 9.34
N LYS B 184 18.70 9.65 9.21
CA LYS B 184 18.71 10.24 7.90
C LYS B 184 20.08 10.09 7.24
N TYR B 185 21.17 10.33 7.96
CA TYR B 185 22.46 10.47 7.31
C TYR B 185 23.36 9.24 7.55
N GLY B 186 23.10 8.48 8.61
CA GLY B 186 23.87 7.26 8.89
C GLY B 186 25.22 7.50 9.57
N THR B 187 26.08 8.40 9.07
CA THR B 187 27.34 8.66 9.76
C THR B 187 27.49 10.16 10.02
N ILE B 188 28.39 10.50 10.94
CA ILE B 188 28.56 11.89 11.32
C ILE B 188 29.25 12.62 10.18
N ASP B 189 30.04 11.91 9.36
CA ASP B 189 30.65 12.55 8.19
C ASP B 189 29.60 12.98 7.18
N ALA B 190 28.48 12.25 7.06
CA ALA B 190 27.44 12.68 6.14
C ALA B 190 26.70 13.91 6.69
N VAL B 191 26.51 13.99 8.00
CA VAL B 191 26.00 15.20 8.61
C VAL B 191 26.93 16.38 8.34
N ASN B 192 28.22 16.25 8.65
CA ASN B 192 29.14 17.36 8.43
C ASN B 192 29.16 17.82 6.97
N ASP B 193 29.10 16.86 6.03
CA ASP B 193 29.15 17.23 4.62
C ASP B 193 27.86 17.99 4.26
N ALA B 194 26.75 17.44 4.73
CA ALA B 194 25.46 17.97 4.40
C ALA B 194 25.29 19.40 4.95
N TRP B 195 25.76 19.67 6.19
CA TRP B 195 25.58 20.97 6.81
C TRP B 195 26.77 21.85 6.51
N GLY B 196 27.80 21.31 5.83
CA GLY B 196 28.85 22.18 5.36
C GLY B 196 29.66 22.70 6.52
N THR B 197 29.91 21.85 7.49
CA THR B 197 30.44 22.31 8.77
C THR B 197 31.93 22.62 8.71
N ALA B 198 32.54 22.62 7.54
CA ALA B 198 33.95 22.96 7.51
C ALA B 198 34.18 24.49 7.68
N PHE B 199 33.15 25.35 7.59
CA PHE B 199 33.28 26.76 7.96
C PHE B 199 33.00 26.98 9.45
N TRP B 200 33.63 27.99 10.02
CA TRP B 200 33.41 28.46 11.38
C TRP B 200 33.71 27.38 12.43
N ALA B 201 34.65 26.46 12.11
CA ALA B 201 35.08 25.43 13.06
C ALA B 201 33.89 24.70 13.62
N GLN B 202 32.90 24.40 12.76
CA GLN B 202 31.72 23.68 13.25
C GLN B 202 31.81 22.15 13.09
N ARG B 203 32.93 21.59 12.70
CA ARG B 203 33.00 20.16 12.37
C ARG B 203 32.82 19.32 13.63
N MET B 204 31.96 18.30 13.53
CA MET B 204 31.60 17.47 14.67
C MET B 204 32.24 16.08 14.58
N ASN B 205 32.66 15.57 15.74
CA ASN B 205 33.32 14.30 15.84
C ASN B 205 32.32 13.15 15.94
N ASN B 206 31.14 13.43 16.50
CA ASN B 206 30.17 12.37 16.71
C ASN B 206 28.81 13.02 16.89
N PHE B 207 27.81 12.16 16.96
CA PHE B 207 26.40 12.52 17.06
C PHE B 207 26.06 13.20 18.37
N SER B 208 26.88 12.98 19.41
CA SER B 208 26.71 13.63 20.71
C SER B 208 26.92 15.13 20.60
N GLU B 209 27.68 15.54 19.57
CA GLU B 209 28.02 16.93 19.37
C GLU B 209 26.95 17.69 18.60
N ILE B 210 25.83 17.03 18.23
CA ILE B 210 24.71 17.75 17.61
C ILE B 210 23.75 18.23 18.67
N ILE B 211 23.61 19.55 18.72
CA ILE B 211 22.68 20.19 19.60
C ILE B 211 21.59 20.85 18.75
N PRO B 212 20.41 21.15 19.32
CA PRO B 212 19.39 21.97 18.68
C PRO B 212 19.94 23.37 18.44
N PRO B 213 19.37 24.09 17.48
CA PRO B 213 19.85 25.43 17.14
C PRO B 213 19.36 26.42 18.16
N ARG B 214 19.94 26.35 19.34
CA ARG B 214 19.56 27.17 20.47
C ARG B 214 20.16 28.55 20.28
N PHE B 215 19.86 29.46 21.22
CA PHE B 215 20.36 30.84 21.28
C PHE B 215 21.87 30.91 20.95
N ILE B 216 22.22 31.75 19.97
CA ILE B 216 23.58 32.06 19.55
C ILE B 216 23.82 33.57 19.55
N GLY B 217 23.07 34.32 20.38
CA GLY B 217 23.01 35.79 20.33
C GLY B 217 22.07 36.26 19.19
N ASP B 218 21.19 37.21 19.49
CA ASP B 218 20.20 37.67 18.52
C ASP B 218 20.92 38.46 17.43
N GLY B 219 20.59 38.22 16.16
CA GLY B 219 21.37 38.81 15.05
C GLY B 219 22.37 37.85 14.39
N ASN B 220 22.86 36.85 15.11
CA ASN B 220 23.89 35.96 14.59
C ASN B 220 23.29 34.87 13.70
N PHE B 221 24.16 34.18 12.93
CA PHE B 221 23.75 33.42 11.78
C PHE B 221 23.91 31.94 12.05
N MET B 222 22.77 31.22 12.18
CA MET B 222 22.72 29.78 12.41
C MET B 222 23.13 29.04 11.12
N ASN B 223 23.66 27.84 11.26
CA ASN B 223 24.02 27.03 10.12
C ASN B 223 22.74 26.71 9.34
N PRO B 224 22.68 27.06 8.05
CA PRO B 224 21.47 26.98 7.25
C PRO B 224 21.07 25.57 6.93
N GLY B 225 22.06 24.71 6.61
CA GLY B 225 21.78 23.28 6.48
C GLY B 225 21.05 22.68 7.70
N LYS B 226 21.49 23.10 8.89
CA LYS B 226 20.98 22.59 10.14
C LYS B 226 19.62 23.17 10.45
N LEU B 227 19.42 24.49 10.27
CA LEU B 227 18.13 25.08 10.52
C LEU B 227 17.08 24.42 9.62
N LEU B 228 17.43 24.10 8.38
CA LEU B 228 16.46 23.45 7.49
C LEU B 228 16.08 22.05 7.96
N ASP B 229 17.07 21.21 8.32
CA ASP B 229 16.86 19.93 8.98
C ASP B 229 16.08 20.02 10.29
N TRP B 230 16.31 21.07 11.10
CA TRP B 230 15.56 21.29 12.35
C TRP B 230 14.06 21.40 12.09
N LYS B 231 13.74 22.10 11.00
CA LYS B 231 12.37 22.26 10.58
C LYS B 231 11.75 20.95 10.08
N ARG B 232 12.54 20.19 9.30
CA ARG B 232 12.09 18.87 8.87
C ARG B 232 11.82 17.99 10.09
N PHE B 233 12.80 17.96 10.99
CA PHE B 233 12.73 17.16 12.19
C PHE B 233 11.57 17.57 13.08
N SER B 234 11.32 18.88 13.19
CA SER B 234 10.24 19.38 14.04
C SER B 234 8.86 18.97 13.48
N SER B 235 8.71 19.01 12.15
CA SER B 235 7.53 18.54 11.44
C SER B 235 7.39 17.02 11.60
N ASP B 236 8.48 16.27 11.49
CA ASP B 236 8.45 14.82 11.61
C ASP B 236 8.14 14.37 13.04
N ALA B 237 8.54 15.16 14.04
CA ALA B 237 8.44 14.68 15.42
C ALA B 237 6.97 14.77 15.80
N LEU B 238 6.32 15.84 15.34
CA LEU B 238 4.93 16.00 15.60
C LEU B 238 4.14 14.94 14.78
N LEU B 239 4.58 14.63 13.54
CA LEU B 239 3.88 13.67 12.69
C LEU B 239 4.00 12.29 13.36
N ASP B 240 5.16 11.98 13.94
CA ASP B 240 5.23 10.72 14.64
C ASP B 240 4.32 10.68 15.85
N PHE B 241 4.14 11.82 16.53
CA PHE B 241 3.23 11.91 17.65
C PHE B 241 1.79 11.67 17.21
N TYR B 242 1.40 12.33 16.13
CA TYR B 242 0.08 12.11 15.54
C TYR B 242 -0.13 10.66 15.14
N LYS B 243 0.88 10.02 14.59
CA LYS B 243 0.71 8.68 14.11
C LYS B 243 0.46 7.70 15.28
N ALA B 244 1.16 7.92 16.38
CA ALA B 244 0.97 7.12 17.57
C ALA B 244 -0.45 7.29 18.10
N GLU B 245 -0.93 8.55 18.15
CA GLU B 245 -2.25 8.86 18.67
C GLU B 245 -3.31 8.20 17.79
N ARG B 246 -3.24 8.49 16.49
CA ARG B 246 -4.04 7.84 15.46
C ARG B 246 -4.09 6.31 15.67
N ASP B 247 -2.94 5.64 15.72
CA ASP B 247 -2.87 4.20 15.84
C ASP B 247 -3.49 3.70 17.15
N ALA B 248 -3.39 4.48 18.21
CA ALA B 248 -3.92 4.04 19.50
C ALA B 248 -5.45 4.02 19.46
N LEU B 249 -6.00 5.06 18.82
CA LEU B 249 -7.45 5.16 18.67
C LEU B 249 -7.97 4.02 17.79
N LEU B 250 -7.35 3.84 16.64
CA LEU B 250 -7.89 2.99 15.58
C LEU B 250 -7.79 1.51 15.95
N GLU B 251 -6.80 1.14 16.76
CA GLU B 251 -6.55 -0.25 17.17
C GLU B 251 -7.69 -0.75 18.05
N ILE B 252 -8.39 0.18 18.71
CA ILE B 252 -9.52 -0.12 19.56
C ILE B 252 -10.81 0.24 18.87
N ALA B 253 -10.89 1.46 18.30
CA ALA B 253 -12.11 1.92 17.69
C ALA B 253 -11.86 2.44 16.27
N PRO B 254 -11.77 1.58 15.23
CA PRO B 254 -11.50 2.09 13.88
C PRO B 254 -12.66 2.95 13.40
N LYS B 255 -12.32 4.20 13.10
CA LYS B 255 -13.26 5.12 12.50
C LYS B 255 -12.46 5.99 11.56
N PRO B 256 -13.12 6.55 10.54
CA PRO B 256 -12.46 7.55 9.70
C PRO B 256 -11.79 8.59 10.58
N GLN B 257 -10.53 8.93 10.28
CA GLN B 257 -9.80 9.81 11.18
C GLN B 257 -8.96 10.80 10.39
N THR B 258 -8.87 11.99 10.96
CA THR B 258 -8.02 13.06 10.47
C THR B 258 -7.44 13.85 11.64
N THR B 259 -6.60 14.81 11.25
CA THR B 259 -6.20 15.88 12.14
C THR B 259 -6.14 17.17 11.33
N ASN B 260 -6.45 18.30 11.96
CA ASN B 260 -6.77 19.50 11.24
C ASN B 260 -5.47 20.27 10.93
N PHE B 261 -5.25 20.59 9.64
CA PHE B 261 -4.06 21.27 9.16
C PHE B 261 -4.27 22.77 9.23
N MET B 262 -3.23 23.55 8.91
CA MET B 262 -3.34 25.00 8.86
C MET B 262 -2.88 25.50 7.49
N VAL B 263 -3.50 24.99 6.44
CA VAL B 263 -3.03 25.33 5.10
C VAL B 263 -3.50 26.71 4.71
N SER B 264 -2.54 27.61 4.50
CA SER B 264 -2.85 28.94 4.00
C SER B 264 -1.68 29.34 3.10
N ALA B 265 -1.79 30.43 2.39
CA ALA B 265 -0.70 30.72 1.46
C ALA B 265 0.64 30.77 2.21
N GLY B 266 0.67 31.44 3.37
CA GLY B 266 1.89 31.72 4.09
C GLY B 266 2.19 30.89 5.35
N CYS B 267 1.40 29.86 5.61
CA CYS B 267 1.65 29.02 6.77
C CYS B 267 2.34 27.71 6.39
N THR B 268 3.59 27.58 6.86
CA THR B 268 4.42 26.40 6.68
C THR B 268 5.03 25.89 7.98
N VAL B 269 4.21 25.82 9.03
CA VAL B 269 4.58 25.25 10.32
C VAL B 269 4.95 23.78 10.18
N LEU B 270 4.21 23.07 9.32
CA LEU B 270 4.47 21.66 9.05
C LEU B 270 4.63 21.47 7.54
N ASP B 271 5.26 20.36 7.12
CA ASP B 271 5.16 19.96 5.72
C ASP B 271 3.81 19.29 5.48
N TYR B 272 2.80 20.11 5.20
CA TYR B 272 1.45 19.59 5.20
C TYR B 272 1.23 18.57 4.06
N ASP B 273 2.05 18.59 3.02
CA ASP B 273 1.93 17.63 1.96
C ASP B 273 2.34 16.28 2.52
N LYS B 274 3.42 16.27 3.28
CA LYS B 274 3.85 15.01 3.83
C LYS B 274 2.81 14.46 4.82
N TRP B 275 2.30 15.34 5.66
CA TRP B 275 1.28 14.95 6.63
C TRP B 275 0.03 14.45 5.90
N GLY B 276 -0.18 14.90 4.66
CA GLY B 276 -1.37 14.49 3.93
C GLY B 276 -1.40 12.98 3.64
N HIS B 277 -0.24 12.30 3.77
CA HIS B 277 -0.09 10.88 3.53
C HIS B 277 -0.55 10.04 4.73
N ASP B 278 -0.83 10.64 5.92
CA ASP B 278 -1.08 9.87 7.14
C ASP B 278 -2.50 10.10 7.68
N VAL B 279 -3.29 10.85 6.94
CA VAL B 279 -4.65 11.13 7.37
C VAL B 279 -5.53 10.24 6.50
N ASP B 280 -6.74 9.95 6.95
CA ASP B 280 -7.63 9.19 6.06
C ASP B 280 -8.35 10.12 5.09
N PHE B 281 -8.53 11.36 5.56
CA PHE B 281 -9.04 12.41 4.72
C PHE B 281 -8.42 13.70 5.22
N VAL B 282 -8.08 14.56 4.25
CA VAL B 282 -7.53 15.86 4.57
C VAL B 282 -8.58 16.78 5.19
N SER B 283 -8.24 17.41 6.34
CA SER B 283 -9.09 18.40 6.96
C SER B 283 -8.25 19.66 7.15
N ASN B 284 -8.89 20.83 6.95
CA ASN B 284 -8.19 22.10 7.04
C ASN B 284 -8.98 23.13 7.82
N ASP B 285 -8.16 24.02 8.46
CA ASP B 285 -8.59 25.26 9.08
C ASP B 285 -7.96 26.42 8.34
N HIS B 286 -8.80 27.40 7.95
CA HIS B 286 -8.37 28.52 7.16
C HIS B 286 -9.23 29.69 7.54
N TYR B 287 -8.58 30.82 7.82
CA TYR B 287 -9.26 32.04 8.19
C TYR B 287 -8.82 33.10 7.19
N PHE B 288 -9.79 33.92 6.77
CA PHE B 288 -9.57 34.90 5.73
C PHE B 288 -8.42 35.85 6.07
N SER B 289 -7.67 36.25 5.04
CA SER B 289 -6.72 37.34 5.12
C SER B 289 -7.42 38.67 4.83
N PRO B 290 -7.14 39.73 5.59
CA PRO B 290 -7.93 40.95 5.44
C PRO B 290 -7.53 41.69 4.17
N GLY B 291 -8.51 42.45 3.64
CA GLY B 291 -8.35 43.36 2.51
C GLY B 291 -8.55 42.66 1.17
N GLU B 292 -7.95 43.28 0.16
CA GLU B 292 -8.08 42.93 -1.23
C GLU B 292 -7.76 41.44 -1.50
N ALA B 293 -6.81 40.87 -0.78
CA ALA B 293 -6.36 39.50 -1.02
C ALA B 293 -7.29 38.44 -0.40
N HIS B 294 -8.31 38.87 0.33
CA HIS B 294 -9.25 37.97 0.99
C HIS B 294 -9.74 36.82 0.11
N PHE B 295 -10.43 37.17 -0.97
CA PHE B 295 -11.05 36.16 -1.79
C PHE B 295 -9.96 35.29 -2.42
N ASP B 296 -8.98 35.90 -3.11
CA ASP B 296 -8.02 35.19 -3.90
C ASP B 296 -7.19 34.23 -3.06
N GLU B 297 -6.82 34.63 -1.84
CA GLU B 297 -5.89 33.85 -1.06
C GLU B 297 -6.63 32.66 -0.49
N MET B 298 -7.90 32.87 -0.21
CA MET B 298 -8.73 31.79 0.30
C MET B 298 -8.91 30.71 -0.78
N ALA B 299 -9.13 31.18 -2.00
CA ALA B 299 -9.34 30.24 -3.11
C ALA B 299 -8.06 29.44 -3.34
N TYR B 300 -6.93 30.14 -3.30
CA TYR B 300 -5.61 29.52 -3.38
C TYR B 300 -5.40 28.45 -2.32
N ALA B 301 -5.68 28.77 -1.06
CA ALA B 301 -5.43 27.89 0.06
C ALA B 301 -6.33 26.67 -0.05
N ALA B 302 -7.59 26.91 -0.45
CA ALA B 302 -8.49 25.78 -0.67
C ALA B 302 -8.00 24.94 -1.85
N CYS B 303 -7.49 25.60 -2.88
CA CYS B 303 -6.90 24.91 -4.03
C CYS B 303 -5.64 24.11 -3.65
N LEU B 304 -4.79 24.67 -2.75
CA LEU B 304 -3.64 23.92 -2.23
C LEU B 304 -4.14 22.76 -1.39
N THR B 305 -5.16 22.96 -0.57
CA THR B 305 -5.67 21.86 0.23
C THR B 305 -6.12 20.74 -0.70
N ASP B 306 -6.90 21.06 -1.74
CA ASP B 306 -7.34 20.03 -2.69
C ASP B 306 -6.16 19.30 -3.34
N GLY B 307 -5.08 20.04 -3.55
CA GLY B 307 -3.87 19.51 -4.14
C GLY B 307 -3.15 18.56 -3.22
N ILE B 308 -3.12 18.93 -1.93
CA ILE B 308 -2.62 18.05 -0.89
C ILE B 308 -3.49 16.78 -0.82
N ALA B 309 -4.80 16.94 -0.94
CA ALA B 309 -5.72 15.82 -0.96
C ALA B 309 -5.58 14.95 -2.22
N ARG B 310 -4.79 15.39 -3.20
CA ARG B 310 -4.69 14.77 -4.52
C ARG B 310 -6.05 14.64 -5.18
N LYS B 311 -6.94 15.63 -5.01
CA LYS B 311 -8.24 15.76 -5.67
C LYS B 311 -9.34 14.86 -5.03
N ASN B 312 -8.96 14.07 -4.02
CA ASN B 312 -9.96 13.53 -3.13
C ASN B 312 -10.78 14.64 -2.47
N PRO B 313 -12.06 14.40 -2.20
CA PRO B 313 -12.78 15.29 -1.32
C PRO B 313 -12.03 15.52 -0.01
N TRP B 314 -12.21 16.72 0.54
CA TRP B 314 -11.63 17.07 1.82
C TRP B 314 -12.62 17.87 2.65
N PHE B 315 -12.20 18.06 3.90
CA PHE B 315 -13.05 18.56 4.97
C PHE B 315 -12.55 19.94 5.42
N LEU B 316 -13.45 20.92 5.38
CA LEU B 316 -13.13 22.21 5.92
C LEU B 316 -13.51 22.16 7.40
N MET B 317 -12.49 21.94 8.24
CA MET B 317 -12.71 21.69 9.65
C MET B 317 -13.03 23.03 10.34
N SER B 318 -12.54 24.15 9.80
CA SER B 318 -12.79 25.41 10.47
C SER B 318 -12.52 26.61 9.55
N HIS B 319 -13.33 27.64 9.75
CA HIS B 319 -13.08 28.98 9.28
C HIS B 319 -13.98 29.87 10.13
N SER B 320 -14.19 31.13 9.74
CA SER B 320 -14.80 32.17 10.55
C SER B 320 -16.17 32.59 9.98
N THR B 321 -17.19 32.84 10.82
CA THR B 321 -18.44 33.44 10.33
C THR B 321 -18.28 34.95 10.10
N SER B 322 -17.39 35.58 10.89
CA SER B 322 -17.05 36.97 10.76
C SER B 322 -15.62 37.16 11.30
N ALA B 323 -15.42 38.07 12.24
CA ALA B 323 -14.07 38.40 12.72
C ALA B 323 -13.39 37.21 13.37
N VAL B 324 -12.06 37.18 13.35
CA VAL B 324 -11.32 36.31 14.26
C VAL B 324 -10.91 37.18 15.44
N ASN B 325 -10.08 36.63 16.35
CA ASN B 325 -9.76 37.28 17.60
C ASN B 325 -8.24 37.50 17.72
N TRP B 326 -7.41 37.02 16.80
CA TRP B 326 -6.00 36.91 17.08
C TRP B 326 -5.12 37.82 16.19
N ARG B 327 -5.70 38.67 15.34
CA ARG B 327 -4.87 39.62 14.63
C ARG B 327 -4.86 40.95 15.36
N PRO B 328 -3.90 41.84 15.02
CA PRO B 328 -3.87 43.20 15.56
C PRO B 328 -5.15 44.00 15.28
N THR B 329 -5.71 43.84 14.07
CA THR B 329 -7.01 44.44 13.78
C THR B 329 -7.94 43.37 13.26
N ASN B 330 -9.01 43.06 14.00
CA ASN B 330 -9.84 41.91 13.61
C ASN B 330 -11.04 42.38 12.79
N TYR B 331 -10.81 42.54 11.47
CA TYR B 331 -11.83 43.03 10.52
C TYR B 331 -12.95 42.03 10.46
N ARG B 332 -14.18 42.51 10.26
CA ARG B 332 -15.35 41.66 10.05
C ARG B 332 -15.49 41.26 8.58
N LEU B 333 -16.32 40.24 8.31
CA LEU B 333 -16.75 39.92 6.96
C LEU B 333 -17.82 40.92 6.54
N GLU B 334 -17.78 41.36 5.29
CA GLU B 334 -18.84 42.17 4.71
C GLU B 334 -20.05 41.31 4.37
N PRO B 335 -21.21 41.91 4.12
CA PRO B 335 -22.39 41.11 3.75
C PRO B 335 -22.15 40.19 2.57
N GLY B 336 -22.71 38.98 2.61
CA GLY B 336 -22.46 38.04 1.51
C GLY B 336 -21.22 37.19 1.72
N GLU B 337 -20.24 37.68 2.50
CA GLU B 337 -18.95 36.95 2.53
C GLU B 337 -19.05 35.65 3.30
N LEU B 338 -19.93 35.55 4.31
CA LEU B 338 -20.06 34.27 4.98
C LEU B 338 -20.44 33.17 3.99
N VAL B 339 -21.53 33.37 3.26
CA VAL B 339 -21.95 32.37 2.27
C VAL B 339 -20.86 32.20 1.20
N ARG B 340 -20.29 33.28 0.72
CA ARG B 340 -19.37 33.27 -0.40
C ARG B 340 -18.11 32.50 -0.03
N ASP B 341 -17.55 32.79 1.17
CA ASP B 341 -16.30 32.14 1.56
C ASP B 341 -16.48 30.65 1.72
N SER B 342 -17.59 30.21 2.32
CA SER B 342 -17.83 28.78 2.49
C SER B 342 -17.94 28.09 1.12
N LEU B 343 -18.59 28.74 0.14
CA LEU B 343 -18.78 28.16 -1.18
C LEU B 343 -17.48 28.16 -1.99
N ALA B 344 -16.51 28.98 -1.60
CA ALA B 344 -15.23 28.94 -2.29
C ALA B 344 -14.48 27.67 -1.97
N HIS B 345 -14.46 27.30 -0.67
CA HIS B 345 -13.82 26.07 -0.26
C HIS B 345 -14.55 24.87 -0.88
N LEU B 346 -15.88 24.92 -0.84
CA LEU B 346 -16.73 23.91 -1.48
C LEU B 346 -16.38 23.73 -2.96
N ALA B 347 -16.25 24.85 -3.66
CA ALA B 347 -15.94 24.85 -5.10
C ALA B 347 -14.59 24.18 -5.34
N MET B 348 -13.63 24.42 -4.43
CA MET B 348 -12.29 23.85 -4.53
C MET B 348 -12.27 22.45 -3.94
N GLY B 349 -13.45 21.87 -3.69
CA GLY B 349 -13.49 20.41 -3.50
C GLY B 349 -13.81 19.89 -2.09
N ALA B 350 -14.09 20.77 -1.11
CA ALA B 350 -14.56 20.29 0.19
C ALA B 350 -15.99 19.75 0.07
N ASP B 351 -16.24 18.67 0.82
CA ASP B 351 -17.51 18.02 0.99
C ASP B 351 -17.96 18.12 2.45
N ALA B 352 -17.32 19.00 3.22
CA ALA B 352 -17.71 19.30 4.59
C ALA B 352 -17.29 20.73 4.87
N ILE B 353 -18.20 21.50 5.47
CA ILE B 353 -18.04 22.93 5.70
C ILE B 353 -18.32 23.24 7.16
N CYS B 354 -17.25 23.53 7.93
CA CYS B 354 -17.40 23.69 9.38
C CYS B 354 -16.69 24.93 9.91
N TYR B 355 -17.18 25.41 11.05
CA TYR B 355 -16.72 26.68 11.59
C TYR B 355 -16.09 26.46 12.96
N PHE B 356 -15.16 27.35 13.36
CA PHE B 356 -14.95 27.59 14.79
C PHE B 356 -15.69 28.89 15.04
N GLN B 357 -16.75 28.87 15.86
CA GLN B 357 -17.33 27.72 16.55
C GLN B 357 -18.85 27.85 16.51
N TRP B 358 -19.57 26.85 17.07
CA TRP B 358 -21.03 26.86 17.09
C TRP B 358 -21.58 28.07 17.82
N ARG B 359 -21.21 28.24 19.11
CA ARG B 359 -21.72 29.34 19.92
C ARG B 359 -20.56 30.16 20.50
N GLN B 360 -20.68 31.48 20.42
CA GLN B 360 -19.60 32.37 20.81
C GLN B 360 -19.45 32.30 22.32
N SER B 361 -18.19 32.14 22.76
CA SER B 361 -17.81 32.04 24.14
C SER B 361 -18.04 33.37 24.79
N LYS B 362 -18.65 33.35 25.98
CA LYS B 362 -18.94 34.60 26.70
C LYS B 362 -17.82 34.92 27.67
N ALA B 363 -16.82 34.02 27.73
CA ALA B 363 -15.66 34.25 28.58
C ALA B 363 -14.48 33.41 28.10
N GLY B 364 -13.29 33.83 28.52
CA GLY B 364 -12.01 33.30 28.10
C GLY B 364 -11.41 34.00 26.90
N ALA B 365 -10.31 33.41 26.41
CA ALA B 365 -9.46 34.04 25.41
C ALA B 365 -10.09 34.11 24.00
N GLU B 366 -11.13 33.31 23.77
CA GLU B 366 -11.73 33.24 22.45
C GLU B 366 -13.06 33.97 22.36
N LYS B 367 -13.46 34.69 23.41
CA LYS B 367 -14.80 35.27 23.46
C LYS B 367 -15.02 36.25 22.31
N TRP B 368 -13.98 36.92 21.81
CA TRP B 368 -14.20 37.86 20.72
C TRP B 368 -14.10 37.21 19.35
N HIS B 369 -13.83 35.91 19.28
CA HIS B 369 -13.90 35.22 18.00
C HIS B 369 -15.35 35.00 17.60
N SER B 370 -15.68 35.22 16.31
CA SER B 370 -17.06 35.09 15.85
C SER B 370 -17.51 33.61 15.86
N ALA B 371 -18.82 33.36 15.78
CA ALA B 371 -19.39 32.05 15.89
C ALA B 371 -20.67 31.96 15.04
N MET B 372 -21.24 30.77 14.95
CA MET B 372 -22.47 30.57 14.20
C MET B 372 -23.64 31.20 14.94
N VAL B 373 -23.62 31.11 16.30
CA VAL B 373 -24.52 31.85 17.16
C VAL B 373 -23.74 32.93 17.90
N PRO B 374 -23.78 34.18 17.44
CA PRO B 374 -23.03 35.25 18.11
C PRO B 374 -23.55 35.51 19.51
N HIS B 375 -22.84 36.39 20.20
CA HIS B 375 -23.30 36.89 21.49
C HIS B 375 -24.69 37.47 21.34
N ALA B 376 -24.95 38.12 20.20
CA ALA B 376 -26.26 38.68 19.89
C ALA B 376 -27.34 37.61 19.92
N GLY B 377 -26.97 36.37 19.67
CA GLY B 377 -27.93 35.29 19.64
C GLY B 377 -28.49 35.02 18.23
N PRO B 378 -29.51 34.15 18.14
CA PRO B 378 -30.03 33.70 16.86
C PRO B 378 -30.75 34.79 16.06
N ASP B 379 -31.23 35.84 16.72
CA ASP B 379 -31.80 36.96 16.00
C ASP B 379 -30.64 37.88 15.57
N SER B 380 -29.93 37.48 14.52
CA SER B 380 -28.75 38.18 14.03
C SER B 380 -28.58 37.89 12.55
N GLN B 381 -27.97 38.83 11.81
CA GLN B 381 -27.67 38.61 10.41
C GLN B 381 -26.86 37.34 10.20
N ILE B 382 -25.93 37.10 11.12
CA ILE B 382 -24.98 36.01 10.99
C ILE B 382 -25.73 34.67 11.11
N PHE B 383 -26.58 34.52 12.13
CA PHE B 383 -27.29 33.27 12.22
C PHE B 383 -28.25 33.08 11.02
N ARG B 384 -28.83 34.16 10.48
CA ARG B 384 -29.67 34.00 9.28
C ARG B 384 -28.81 33.46 8.13
N ASP B 385 -27.59 33.97 7.98
CA ASP B 385 -26.69 33.58 6.89
C ASP B 385 -26.29 32.12 7.07
N VAL B 386 -26.14 31.71 8.34
CA VAL B 386 -25.81 30.35 8.68
C VAL B 386 -26.95 29.43 8.24
N CYS B 387 -28.19 29.82 8.53
CA CYS B 387 -29.35 29.03 8.09
C CYS B 387 -29.44 28.95 6.55
N GLU B 388 -29.17 30.08 5.88
CA GLU B 388 -29.27 30.18 4.43
C GLU B 388 -28.23 29.23 3.84
N LEU B 389 -27.03 29.25 4.43
CA LEU B 389 -26.00 28.38 3.92
C LEU B 389 -26.37 26.93 4.16
N GLY B 390 -27.03 26.66 5.27
CA GLY B 390 -27.37 25.29 5.53
C GLY B 390 -28.32 24.75 4.46
N ALA B 391 -29.32 25.57 4.09
CA ALA B 391 -30.27 25.25 3.02
C ALA B 391 -29.50 25.15 1.69
N ASP B 392 -28.52 26.06 1.44
CA ASP B 392 -27.77 25.97 0.18
C ASP B 392 -27.04 24.63 0.07
N LEU B 393 -26.41 24.17 1.15
CA LEU B 393 -25.66 22.93 1.07
C LEU B 393 -26.57 21.69 0.95
N ASN B 394 -27.73 21.70 1.60
CA ASN B 394 -28.70 20.63 1.40
C ASN B 394 -29.09 20.55 -0.07
N LYS B 395 -29.36 21.71 -0.67
CA LYS B 395 -29.66 21.83 -2.09
C LYS B 395 -28.55 21.23 -2.98
N LEU B 396 -27.29 21.58 -2.74
CA LEU B 396 -26.22 21.19 -3.65
C LEU B 396 -25.96 19.68 -3.62
N ALA B 397 -26.11 19.11 -2.41
CA ALA B 397 -25.99 17.67 -2.28
C ALA B 397 -27.17 16.99 -3.00
N ASP B 398 -28.37 17.57 -2.91
CA ASP B 398 -29.54 16.97 -3.56
C ASP B 398 -29.31 16.93 -5.08
N GLU B 399 -28.47 17.79 -5.61
CA GLU B 399 -28.27 17.92 -7.04
C GLU B 399 -27.06 17.12 -7.51
N GLY B 400 -26.37 16.47 -6.56
CA GLY B 400 -25.34 15.50 -6.91
C GLY B 400 -23.89 16.00 -6.76
N LEU B 401 -23.64 17.13 -6.05
CA LEU B 401 -22.29 17.68 -5.83
C LEU B 401 -21.35 16.68 -5.17
N LEU B 402 -21.89 15.81 -4.29
CA LEU B 402 -21.03 14.98 -3.47
C LEU B 402 -20.16 14.05 -4.32
N SER B 403 -18.89 13.97 -3.90
CA SER B 403 -17.86 13.14 -4.49
C SER B 403 -17.42 13.66 -5.86
N THR B 404 -18.07 14.69 -6.44
CA THR B 404 -17.44 15.39 -7.55
C THR B 404 -16.06 15.88 -7.08
N LYS B 405 -15.15 16.04 -8.03
CA LYS B 405 -13.84 16.53 -7.67
C LYS B 405 -13.53 17.78 -8.47
N LEU B 406 -12.55 18.53 -7.94
CA LEU B 406 -12.12 19.76 -8.56
C LEU B 406 -11.47 19.38 -9.88
N VAL B 407 -11.88 20.04 -10.94
CA VAL B 407 -11.45 19.69 -12.28
C VAL B 407 -9.96 19.97 -12.39
N LYS B 408 -9.28 19.18 -13.23
CA LYS B 408 -7.86 19.28 -13.52
C LYS B 408 -7.58 20.51 -14.37
N SER B 409 -6.81 21.49 -13.86
CA SER B 409 -6.53 22.72 -14.62
C SER B 409 -5.58 22.41 -15.78
N LYS B 410 -5.37 23.41 -16.66
CA LYS B 410 -4.30 23.40 -17.64
C LYS B 410 -2.94 23.66 -16.95
N VAL B 411 -2.97 24.41 -15.84
CA VAL B 411 -1.75 24.87 -15.19
C VAL B 411 -1.64 24.29 -13.80
N ALA B 412 -0.43 23.82 -13.46
CA ALA B 412 -0.04 23.43 -12.11
C ALA B 412 0.98 24.42 -11.53
N ILE B 413 0.64 25.14 -10.46
CA ILE B 413 1.62 25.94 -9.74
C ILE B 413 2.22 25.07 -8.62
N VAL B 414 3.55 24.91 -8.61
CA VAL B 414 4.22 24.01 -7.70
C VAL B 414 4.47 24.71 -6.36
N PHE B 415 4.09 24.04 -5.24
CA PHE B 415 4.41 24.50 -3.90
C PHE B 415 5.29 23.52 -3.14
N ASP B 416 6.33 24.00 -2.43
CA ASP B 416 7.26 23.16 -1.68
C ASP B 416 7.49 23.75 -0.28
N TYR B 417 6.98 23.11 0.77
CA TYR B 417 7.14 23.55 2.14
C TYR B 417 8.62 23.76 2.45
N GLU B 418 9.42 22.79 2.04
CA GLU B 418 10.86 22.82 2.32
C GLU B 418 11.60 23.98 1.61
N SER B 419 11.14 24.35 0.42
CA SER B 419 11.71 25.48 -0.29
C SER B 419 11.34 26.73 0.49
N GLN B 420 10.12 26.83 1.01
CA GLN B 420 9.83 27.96 1.85
C GLN B 420 10.84 28.01 3.01
N TRP B 421 10.98 26.90 3.74
CA TRP B 421 11.92 26.84 4.85
C TRP B 421 13.30 27.28 4.39
N ALA B 422 13.76 26.88 3.20
CA ALA B 422 15.13 27.21 2.82
C ALA B 422 15.30 28.73 2.65
N THR B 423 14.21 29.39 2.19
CA THR B 423 14.23 30.85 1.98
C THR B 423 14.05 31.66 3.25
N GLU B 424 13.81 31.03 4.42
CA GLU B 424 13.65 31.79 5.65
C GLU B 424 14.97 32.08 6.37
N HIS B 425 16.07 31.53 5.92
CA HIS B 425 17.33 31.79 6.58
C HIS B 425 17.64 33.28 6.52
N THR B 426 18.39 33.80 7.51
CA THR B 426 18.62 35.25 7.59
C THR B 426 19.79 35.70 6.71
N ALA B 427 20.55 34.79 6.11
CA ALA B 427 21.66 35.21 5.29
C ALA B 427 21.47 34.93 3.79
N THR B 428 20.23 34.96 3.33
CA THR B 428 19.94 34.92 1.91
C THR B 428 20.27 36.28 1.23
N PRO B 429 20.19 36.37 -0.12
CA PRO B 429 20.27 37.64 -0.81
C PRO B 429 19.28 38.72 -0.38
N THR B 430 18.05 38.36 0.01
CA THR B 430 17.20 39.36 0.63
C THR B 430 16.08 38.73 1.43
N GLN B 431 15.75 39.40 2.57
CA GLN B 431 14.74 38.91 3.50
C GLN B 431 13.35 39.19 2.93
N GLU B 432 13.26 40.06 1.93
CA GLU B 432 12.00 40.35 1.25
C GLU B 432 11.57 39.23 0.31
N VAL B 433 12.42 38.24 0.01
CA VAL B 433 12.04 37.14 -0.84
C VAL B 433 11.94 35.82 -0.08
N ARG B 434 10.70 35.28 -0.07
CA ARG B 434 10.35 33.96 0.42
C ARG B 434 9.69 33.23 -0.75
N HIS B 435 9.67 31.89 -0.69
CA HIS B 435 9.01 31.08 -1.69
C HIS B 435 7.52 31.43 -1.81
N TRP B 436 6.85 31.63 -0.66
CA TRP B 436 5.41 31.41 -0.63
C TRP B 436 4.63 32.45 -1.41
N THR B 437 5.20 33.65 -1.58
CA THR B 437 4.45 34.75 -2.16
C THR B 437 4.29 34.49 -3.65
N GLU B 438 5.30 33.92 -4.28
CA GLU B 438 5.31 33.83 -5.74
C GLU B 438 4.20 32.90 -6.27
N PRO B 439 3.97 31.67 -5.76
CA PRO B 439 2.88 30.84 -6.25
C PRO B 439 1.53 31.50 -6.09
N LEU B 440 1.36 32.28 -5.03
CA LEU B 440 0.13 33.01 -4.86
C LEU B 440 0.03 34.14 -5.90
N ASP B 441 1.08 34.93 -6.10
CA ASP B 441 1.05 35.90 -7.19
C ASP B 441 0.67 35.21 -8.51
N TRP B 442 1.27 34.06 -8.82
CA TRP B 442 0.95 33.44 -10.09
C TRP B 442 -0.52 33.00 -10.16
N PHE B 443 -1.09 32.58 -9.03
CA PHE B 443 -2.46 32.15 -9.05
C PHE B 443 -3.35 33.32 -9.39
N ARG B 444 -3.03 34.47 -8.80
CA ARG B 444 -3.86 35.64 -9.00
C ARG B 444 -3.66 36.16 -10.43
N ALA B 445 -2.42 36.16 -10.93
CA ALA B 445 -2.15 36.76 -12.23
C ALA B 445 -2.78 35.93 -13.36
N LEU B 446 -2.84 34.61 -13.16
CA LEU B 446 -3.51 33.69 -14.04
C LEU B 446 -5.01 33.88 -14.02
N ALA B 447 -5.59 34.05 -12.83
CA ALA B 447 -7.01 34.33 -12.75
C ALA B 447 -7.39 35.63 -13.47
N ASP B 448 -6.49 36.60 -13.46
CA ASP B 448 -6.66 37.88 -14.17
C ASP B 448 -6.67 37.71 -15.69
N ASN B 449 -6.12 36.58 -16.14
CA ASN B 449 -6.09 36.17 -17.54
C ASN B 449 -7.17 35.11 -17.84
N GLY B 450 -8.11 34.87 -16.90
CA GLY B 450 -9.25 33.97 -17.07
C GLY B 450 -8.91 32.48 -16.95
N LEU B 451 -7.76 32.20 -16.34
CA LEU B 451 -7.30 30.85 -16.06
C LEU B 451 -7.33 30.59 -14.55
N THR B 452 -7.94 29.47 -14.16
CA THR B 452 -8.02 29.03 -12.78
C THR B 452 -7.00 27.91 -12.58
N ALA B 453 -5.84 28.19 -11.93
CA ALA B 453 -4.76 27.19 -11.85
C ALA B 453 -5.04 26.12 -10.77
N ASP B 454 -4.29 25.03 -10.82
CA ASP B 454 -4.24 24.06 -9.74
C ASP B 454 -2.96 24.35 -8.97
N VAL B 455 -2.98 24.16 -7.65
CA VAL B 455 -1.78 24.35 -6.86
C VAL B 455 -1.38 22.95 -6.46
N VAL B 456 -0.22 22.52 -6.95
CA VAL B 456 0.21 21.14 -6.81
C VAL B 456 1.50 21.07 -5.98
N PRO B 457 1.51 20.32 -4.86
CA PRO B 457 2.71 20.14 -4.07
C PRO B 457 3.76 19.47 -4.93
N VAL B 458 5.02 19.73 -4.59
CA VAL B 458 6.11 19.34 -5.46
C VAL B 458 6.16 17.80 -5.60
N ARG B 459 5.64 17.03 -4.63
CA ARG B 459 5.71 15.57 -4.71
C ARG B 459 4.61 15.04 -5.64
N GLY B 460 3.59 15.86 -5.87
CA GLY B 460 2.43 15.47 -6.62
C GLY B 460 2.66 15.60 -8.12
N PRO B 461 1.63 15.23 -8.91
CA PRO B 461 1.77 14.92 -10.34
C PRO B 461 1.65 16.18 -11.21
N TRP B 462 2.41 17.22 -10.83
CA TRP B 462 2.50 18.43 -11.64
C TRP B 462 3.00 18.11 -13.03
N ASP B 463 3.86 17.10 -13.19
CA ASP B 463 4.40 16.77 -14.50
C ASP B 463 3.38 16.08 -15.43
N GLU B 464 2.12 16.01 -15.05
CA GLU B 464 1.05 15.48 -15.91
C GLU B 464 0.25 16.61 -16.53
N TYR B 465 0.62 17.87 -16.23
CA TYR B 465 -0.13 19.03 -16.63
C TYR B 465 0.41 19.62 -17.93
N GLU B 466 -0.46 20.38 -18.57
CA GLU B 466 -0.17 21.02 -19.82
C GLU B 466 0.91 22.08 -19.61
N ALA B 467 0.72 22.88 -18.57
CA ALA B 467 1.73 23.84 -18.14
C ALA B 467 1.95 23.79 -16.61
N VAL B 468 3.17 24.15 -16.22
CA VAL B 468 3.68 24.07 -14.86
C VAL B 468 4.45 25.36 -14.53
N VAL B 469 4.21 25.89 -13.33
CA VAL B 469 4.94 27.02 -12.79
C VAL B 469 5.82 26.56 -11.61
N LEU B 470 7.11 26.89 -11.72
CA LEU B 470 8.07 26.79 -10.63
C LEU B 470 8.22 28.19 -10.07
N PRO B 471 7.50 28.56 -9.00
CA PRO B 471 7.52 29.92 -8.47
C PRO B 471 8.44 30.14 -7.28
N SER B 472 9.63 30.73 -7.54
CA SER B 472 10.71 30.90 -6.58
C SER B 472 10.86 29.61 -5.78
N LEU B 473 10.94 28.48 -6.50
CA LEU B 473 11.08 27.16 -5.93
C LEU B 473 12.56 26.92 -5.61
N ALA B 474 13.03 27.41 -4.44
CA ALA B 474 14.45 27.60 -4.24
C ALA B 474 15.19 26.28 -4.33
N ILE B 475 14.56 25.19 -3.89
CA ILE B 475 15.17 23.88 -3.91
C ILE B 475 14.82 23.19 -5.21
N LEU B 476 15.83 22.58 -5.84
CA LEU B 476 15.56 21.53 -6.79
C LEU B 476 16.52 20.39 -6.49
N SER B 477 15.96 19.26 -6.04
CA SER B 477 16.78 18.06 -5.85
C SER B 477 17.27 17.50 -7.19
N GLU B 478 18.20 16.56 -7.12
CA GLU B 478 18.53 15.77 -8.31
C GLU B 478 17.26 15.25 -8.97
N GLN B 479 16.37 14.64 -8.18
CA GLN B 479 15.21 13.96 -8.71
C GLN B 479 14.22 14.96 -9.28
N THR B 480 14.06 16.10 -8.61
CA THR B 480 13.09 17.06 -9.12
C THR B 480 13.65 17.67 -10.40
N THR B 481 14.96 17.87 -10.42
CA THR B 481 15.57 18.38 -11.64
C THR B 481 15.32 17.46 -12.83
N ARG B 482 15.51 16.16 -12.64
CA ARG B 482 15.26 15.22 -13.71
C ARG B 482 13.81 15.35 -14.16
N ARG B 483 12.87 15.53 -13.23
CA ARG B 483 11.47 15.57 -13.62
C ARG B 483 11.16 16.85 -14.38
N VAL B 484 11.90 17.93 -14.09
CA VAL B 484 11.61 19.19 -14.78
C VAL B 484 12.12 19.05 -16.22
N ARG B 485 13.31 18.50 -16.35
CA ARG B 485 13.95 18.39 -17.65
C ARG B 485 13.14 17.46 -18.56
N GLU B 486 12.68 16.35 -17.99
CA GLU B 486 11.94 15.36 -18.75
C GLU B 486 10.58 15.93 -19.10
N TYR B 487 9.95 16.60 -18.13
CA TYR B 487 8.66 17.23 -18.40
C TYR B 487 8.74 18.04 -19.69
N VAL B 488 9.80 18.85 -19.79
CA VAL B 488 9.86 19.84 -20.84
C VAL B 488 10.26 19.17 -22.16
N ALA B 489 11.30 18.34 -22.14
CA ALA B 489 11.73 17.62 -23.33
C ALA B 489 10.56 16.88 -23.97
N ASN B 490 9.64 16.32 -23.16
CA ASN B 490 8.54 15.53 -23.68
C ASN B 490 7.28 16.34 -24.04
N GLY B 491 7.35 17.66 -24.10
CA GLY B 491 6.20 18.43 -24.58
C GLY B 491 5.65 19.40 -23.54
N GLY B 492 6.26 19.43 -22.34
CA GLY B 492 5.72 20.28 -21.30
C GLY B 492 6.00 21.78 -21.54
N LYS B 493 5.15 22.64 -20.97
CA LYS B 493 5.28 24.09 -21.07
C LYS B 493 5.56 24.64 -19.68
N LEU B 494 6.77 25.18 -19.46
CA LEU B 494 7.21 25.48 -18.12
C LEU B 494 7.44 26.98 -17.94
N PHE B 495 6.97 27.50 -16.82
CA PHE B 495 7.30 28.82 -16.33
C PHE B 495 8.15 28.74 -15.08
N VAL B 496 9.32 29.38 -15.12
CA VAL B 496 10.31 29.33 -14.07
C VAL B 496 10.59 30.78 -13.71
N THR B 497 10.62 31.06 -12.39
CA THR B 497 10.98 32.39 -11.93
C THR B 497 12.34 32.43 -11.27
N TYR B 498 12.80 33.67 -11.02
CA TYR B 498 13.82 34.06 -10.04
C TYR B 498 13.63 33.28 -8.74
N TYR B 499 14.72 32.91 -8.09
CA TYR B 499 14.86 32.20 -6.85
C TYR B 499 14.45 30.75 -7.00
N THR B 500 14.59 30.19 -8.20
CA THR B 500 14.22 28.80 -8.45
C THR B 500 15.50 28.01 -8.68
N GLY B 501 15.60 26.80 -8.12
CA GLY B 501 16.74 25.93 -8.35
C GLY B 501 18.09 26.43 -7.82
N LEU B 502 18.09 27.18 -6.74
CA LEU B 502 19.34 27.78 -6.31
C LEU B 502 20.20 26.69 -5.69
N VAL B 503 19.53 25.79 -4.93
CA VAL B 503 20.22 24.77 -4.13
C VAL B 503 19.59 23.40 -4.40
N ASP B 504 20.27 22.38 -3.94
CA ASP B 504 19.66 21.08 -3.81
C ASP B 504 19.01 20.98 -2.44
N ASP B 505 18.56 19.75 -2.10
CA ASP B 505 17.75 19.53 -0.92
C ASP B 505 18.60 19.54 0.33
N ARG B 506 19.91 19.68 0.15
CA ARG B 506 20.75 19.95 1.30
C ARG B 506 21.03 21.44 1.50
N ASP B 507 20.48 22.32 0.66
CA ASP B 507 20.78 23.76 0.66
C ASP B 507 22.24 23.98 0.19
N HIS B 508 22.76 23.06 -0.62
CA HIS B 508 24.02 23.24 -1.34
C HIS B 508 23.74 23.89 -2.70
N VAL B 509 24.57 24.89 -3.07
CA VAL B 509 24.37 25.63 -4.30
C VAL B 509 24.72 24.75 -5.51
N TRP B 510 23.81 24.68 -6.48
CA TRP B 510 24.16 24.26 -7.84
C TRP B 510 25.10 25.30 -8.50
N LEU B 511 26.35 24.94 -8.81
CA LEU B 511 27.38 25.88 -9.26
C LEU B 511 27.34 26.12 -10.77
N GLY B 512 28.12 27.11 -11.26
CA GLY B 512 28.32 27.37 -12.69
C GLY B 512 27.39 28.40 -13.30
N GLY B 513 26.47 28.94 -12.48
CA GLY B 513 25.51 29.91 -12.92
C GLY B 513 24.11 29.40 -12.59
N TYR B 514 23.23 30.30 -12.14
CA TYR B 514 21.91 29.93 -11.67
C TYR B 514 20.93 29.94 -12.84
N PRO B 515 19.85 29.12 -12.85
CA PRO B 515 19.67 27.97 -11.98
C PRO B 515 20.51 26.78 -12.40
N GLY B 516 21.42 26.35 -11.54
CA GLY B 516 22.57 25.53 -11.92
C GLY B 516 22.29 24.07 -12.28
N SER B 517 21.05 23.62 -12.14
CA SER B 517 20.69 22.25 -12.51
C SER B 517 19.81 22.26 -13.73
N ILE B 518 19.32 23.44 -14.14
CA ILE B 518 18.46 23.47 -15.32
C ILE B 518 18.80 24.62 -16.29
N ARG B 519 20.04 25.09 -16.35
CA ARG B 519 20.39 26.17 -17.27
C ARG B 519 20.02 25.78 -18.71
N ASP B 520 20.16 24.47 -19.04
CA ASP B 520 19.90 24.02 -20.39
C ASP B 520 18.40 24.12 -20.68
N VAL B 521 17.56 23.93 -19.65
CA VAL B 521 16.14 23.87 -19.91
C VAL B 521 15.58 25.26 -20.14
N VAL B 522 16.02 26.21 -19.32
CA VAL B 522 15.51 27.58 -19.41
C VAL B 522 16.40 28.40 -20.34
N GLY B 523 17.53 27.86 -20.78
CA GLY B 523 18.38 28.57 -21.71
C GLY B 523 18.81 29.95 -21.26
N VAL B 524 18.95 30.17 -19.94
CA VAL B 524 19.67 31.34 -19.47
C VAL B 524 20.80 30.91 -18.52
N ARG B 525 21.70 31.87 -18.28
CA ARG B 525 22.68 31.78 -17.21
C ARG B 525 22.64 33.08 -16.43
N VAL B 526 22.39 32.95 -15.11
CA VAL B 526 22.45 34.06 -14.18
C VAL B 526 23.75 33.98 -13.37
N GLU B 527 24.45 35.10 -13.27
CA GLU B 527 25.75 35.13 -12.62
C GLU B 527 25.62 35.71 -11.22
N GLU B 528 24.62 36.60 -11.02
CA GLU B 528 24.41 37.14 -9.68
C GLU B 528 23.04 37.78 -9.60
N PHE B 529 22.75 38.37 -8.44
CA PHE B 529 21.41 38.87 -8.20
C PHE B 529 21.47 40.37 -7.93
N ALA B 530 20.40 41.09 -8.25
CA ALA B 530 20.29 42.46 -7.80
C ALA B 530 19.04 42.64 -6.94
N PRO B 531 19.16 42.40 -5.63
CA PRO B 531 18.08 42.75 -4.71
C PRO B 531 17.82 44.23 -4.76
N MET B 532 16.57 44.60 -4.51
CA MET B 532 16.17 45.98 -4.53
C MET B 532 15.37 46.32 -3.29
N GLY B 533 15.38 47.62 -2.96
CA GLY B 533 14.52 48.10 -1.91
C GLY B 533 14.79 49.54 -1.55
N THR B 534 14.31 49.93 -0.36
CA THR B 534 14.25 51.29 0.09
C THR B 534 14.91 51.47 1.46
N ASP B 535 15.92 50.65 1.77
CA ASP B 535 16.56 50.55 3.07
C ASP B 535 17.42 51.75 3.41
N ALA B 536 17.88 52.50 2.41
CA ALA B 536 18.74 53.64 2.65
C ALA B 536 18.54 54.58 1.49
N PRO B 537 18.79 55.91 1.67
CA PRO B 537 18.63 56.86 0.59
C PRO B 537 19.51 56.42 -0.57
N GLY B 538 18.88 56.33 -1.75
CA GLY B 538 19.58 56.13 -3.00
C GLY B 538 19.63 54.68 -3.47
N THR B 539 19.02 53.75 -2.70
CA THR B 539 19.08 52.36 -3.09
C THR B 539 18.23 52.19 -4.34
N MET B 540 18.60 51.23 -5.18
CA MET B 540 17.78 50.88 -6.33
C MET B 540 16.52 50.16 -5.86
N ASP B 541 15.35 50.68 -6.19
CA ASP B 541 14.13 50.21 -5.58
C ASP B 541 13.14 49.71 -6.61
N HIS B 542 13.48 49.76 -7.91
CA HIS B 542 12.61 49.20 -8.94
C HIS B 542 13.43 49.04 -10.20
N LEU B 543 12.96 48.19 -11.12
CA LEU B 543 13.47 48.14 -12.46
C LEU B 543 12.31 48.07 -13.44
N ASP B 544 12.27 48.98 -14.40
CA ASP B 544 11.25 49.00 -15.43
C ASP B 544 11.53 47.92 -16.44
N LEU B 545 10.47 47.35 -17.05
CA LEU B 545 10.65 46.47 -18.19
C LEU B 545 10.02 47.12 -19.42
N ASP B 546 10.47 46.66 -20.58
CA ASP B 546 10.04 47.23 -21.84
C ASP B 546 8.68 46.67 -22.25
N ASN B 547 8.01 45.85 -21.41
CA ASN B 547 6.64 45.44 -21.74
C ASN B 547 5.65 46.24 -20.89
N GLY B 548 6.14 47.29 -20.24
CA GLY B 548 5.30 48.19 -19.48
C GLY B 548 5.02 47.69 -18.05
N THR B 549 5.85 46.76 -17.54
CA THR B 549 5.77 46.32 -16.15
C THR B 549 6.96 46.86 -15.38
N VAL B 550 6.92 46.72 -14.04
CA VAL B 550 7.97 47.17 -13.15
C VAL B 550 8.31 46.09 -12.14
N ALA B 551 9.61 45.81 -12.03
CA ALA B 551 10.12 44.82 -11.08
C ALA B 551 10.42 45.53 -9.78
N HIS B 552 10.09 44.85 -8.69
CA HIS B 552 10.52 45.24 -7.36
C HIS B 552 11.25 44.10 -6.65
N ASP B 553 11.99 44.46 -5.59
CA ASP B 553 12.53 43.53 -4.61
C ASP B 553 13.71 42.69 -5.11
N PHE B 554 13.70 42.22 -6.38
CA PHE B 554 14.69 41.23 -6.82
C PHE B 554 14.75 41.08 -8.35
N ALA B 555 15.97 41.11 -8.91
CA ALA B 555 16.18 40.85 -10.34
C ALA B 555 17.43 40.06 -10.55
N ASP B 556 17.34 39.12 -11.50
CA ASP B 556 18.47 38.31 -11.92
C ASP B 556 19.34 39.09 -12.88
N VAL B 557 20.66 38.86 -12.80
CA VAL B 557 21.60 39.39 -13.80
C VAL B 557 21.88 38.30 -14.81
N ILE B 558 21.05 38.27 -15.85
CA ILE B 558 21.21 37.29 -16.92
C ILE B 558 22.31 37.76 -17.84
N THR B 559 23.35 36.96 -18.06
CA THR B 559 24.48 37.39 -18.85
C THR B 559 24.62 36.54 -20.11
N SER B 560 23.76 35.53 -20.35
CA SER B 560 23.76 34.81 -21.63
C SER B 560 22.42 34.11 -21.79
N VAL B 561 22.05 33.98 -23.07
CA VAL B 561 20.79 33.44 -23.52
C VAL B 561 21.14 32.46 -24.62
N ALA B 562 20.55 31.26 -24.59
CA ALA B 562 20.94 30.21 -25.52
C ALA B 562 20.35 30.47 -26.91
N ASP B 563 21.01 29.91 -27.91
CA ASP B 563 20.55 30.09 -29.30
C ASP B 563 19.14 29.57 -29.45
N THR B 564 18.76 28.53 -28.71
CA THR B 564 17.41 28.01 -28.74
C THR B 564 16.39 28.94 -28.11
N ALA B 565 16.80 30.11 -27.60
CA ALA B 565 15.87 30.92 -26.80
C ALA B 565 15.87 32.33 -27.34
N HIS B 566 14.85 33.13 -26.99
CA HIS B 566 14.87 34.56 -27.27
C HIS B 566 14.29 35.33 -26.09
N VAL B 567 14.59 36.62 -26.12
CA VAL B 567 14.18 37.60 -25.17
C VAL B 567 12.83 38.17 -25.57
N VAL B 568 11.89 38.14 -24.61
CA VAL B 568 10.54 38.63 -24.77
C VAL B 568 10.46 39.98 -24.07
N ALA B 569 11.31 40.21 -23.07
CA ALA B 569 11.30 41.49 -22.43
C ALA B 569 12.64 41.74 -21.79
N SER B 570 12.99 43.02 -21.77
CA SER B 570 14.26 43.49 -21.29
C SER B 570 14.01 44.64 -20.32
N PHE B 571 15.02 44.90 -19.50
CA PHE B 571 14.86 45.94 -18.51
C PHE B 571 15.23 47.26 -19.17
N LYS B 572 14.71 48.32 -18.58
CA LYS B 572 15.16 49.68 -18.89
C LYS B 572 15.56 50.34 -17.58
N ALA B 573 16.75 50.91 -17.56
CA ALA B 573 17.31 51.50 -16.37
C ALA B 573 18.35 52.56 -16.70
N ASP B 574 18.72 53.31 -15.67
CA ASP B 574 19.88 54.18 -15.74
C ASP B 574 21.03 53.26 -16.11
N LYS B 575 21.92 53.80 -16.95
CA LYS B 575 22.94 53.00 -17.60
C LYS B 575 23.89 52.43 -16.54
N TRP B 576 24.17 53.22 -15.51
CA TRP B 576 25.11 52.87 -14.45
C TRP B 576 24.68 51.65 -13.65
N THR B 577 23.41 51.21 -13.75
CA THR B 577 22.99 50.05 -12.98
C THR B 577 23.42 48.75 -13.66
N GLY B 578 23.76 48.88 -14.95
CA GLY B 578 24.16 47.76 -15.77
C GLY B 578 22.94 47.00 -16.26
N PHE B 579 21.73 47.47 -15.93
CA PHE B 579 20.51 46.75 -16.32
C PHE B 579 19.91 47.28 -17.63
N ASP B 580 20.33 48.43 -18.16
CA ASP B 580 19.61 48.95 -19.31
C ASP B 580 19.80 48.01 -20.51
N GLY B 581 18.73 47.45 -21.07
CA GLY B 581 18.88 46.56 -22.22
C GLY B 581 19.05 45.10 -21.83
N ALA B 582 19.11 44.80 -20.53
CA ALA B 582 19.41 43.43 -20.14
C ALA B 582 18.14 42.58 -20.16
N PRO B 583 18.29 41.27 -20.42
CA PRO B 583 17.15 40.38 -20.47
C PRO B 583 16.46 40.24 -19.13
N ALA B 584 15.14 40.16 -19.21
CA ALA B 584 14.26 40.09 -18.08
C ALA B 584 13.35 38.87 -18.20
N ILE B 585 12.78 38.61 -19.38
CA ILE B 585 11.89 37.47 -19.59
C ILE B 585 12.30 36.81 -20.89
N THR B 586 12.46 35.50 -20.86
CA THR B 586 12.94 34.77 -22.03
C THR B 586 12.00 33.59 -22.26
N VAL B 587 12.05 33.05 -23.47
CA VAL B 587 11.44 31.77 -23.78
C VAL B 587 12.44 30.96 -24.57
N ASN B 588 12.51 29.65 -24.26
CA ASN B 588 13.47 28.72 -24.80
C ASN B 588 12.79 27.45 -25.32
N ASP B 589 13.27 26.90 -26.44
CA ASP B 589 12.80 25.64 -26.94
C ASP B 589 13.74 24.57 -26.41
N PHE B 590 13.16 23.48 -25.92
CA PHE B 590 13.94 22.43 -25.29
C PHE B 590 13.24 21.11 -25.57
N GLY B 591 13.82 20.31 -26.46
CA GLY B 591 13.13 19.18 -27.09
C GLY B 591 11.78 19.62 -27.66
N ASP B 592 10.72 18.92 -27.29
CA ASP B 592 9.39 19.18 -27.85
C ASP B 592 8.63 20.20 -27.01
N GLY B 593 9.19 20.65 -25.88
CA GLY B 593 8.49 21.60 -25.02
C GLY B 593 9.08 23.01 -25.03
N LYS B 594 8.57 23.87 -24.15
CA LYS B 594 9.12 25.23 -24.02
C LYS B 594 9.24 25.62 -22.54
N ALA B 595 10.21 26.50 -22.24
CA ALA B 595 10.41 27.02 -20.91
C ALA B 595 10.65 28.52 -20.95
N ALA B 596 9.74 29.25 -20.29
CA ALA B 596 9.79 30.68 -20.06
C ALA B 596 10.50 30.99 -18.74
N TYR B 597 11.41 31.99 -18.72
CA TYR B 597 12.13 32.36 -17.52
C TYR B 597 11.79 33.81 -17.20
N VAL B 598 11.23 34.05 -16.00
CA VAL B 598 10.85 35.36 -15.52
C VAL B 598 11.85 35.80 -14.46
N GLY B 599 12.76 36.67 -14.87
CA GLY B 599 13.99 36.96 -14.13
C GLY B 599 13.84 38.06 -13.08
N ALA B 600 12.62 38.22 -12.57
CA ALA B 600 12.41 39.26 -11.56
C ALA B 600 11.03 39.14 -11.00
N ARG B 601 10.87 39.78 -9.84
CA ARG B 601 9.59 39.79 -9.17
C ARG B 601 8.75 40.91 -9.77
N LEU B 602 7.65 40.51 -10.41
CA LEU B 602 6.79 41.47 -11.08
C LEU B 602 5.46 41.70 -10.37
N GLY B 603 5.18 40.89 -9.38
CA GLY B 603 3.93 41.05 -8.65
C GLY B 603 2.78 40.45 -9.47
N ARG B 604 1.66 40.27 -8.80
CA ARG B 604 0.39 40.01 -9.45
C ARG B 604 0.21 40.86 -10.68
N GLU B 605 0.38 42.19 -10.54
CA GLU B 605 0.07 43.11 -11.63
C GLU B 605 1.00 42.92 -12.81
N GLY B 606 2.28 42.74 -12.57
CA GLY B 606 3.23 42.64 -13.67
C GLY B 606 3.16 41.29 -14.31
N LEU B 607 2.88 40.24 -13.48
CA LEU B 607 2.67 38.94 -14.10
C LEU B 607 1.38 39.07 -14.90
N ALA B 608 0.32 39.68 -14.34
CA ALA B 608 -0.94 39.64 -15.04
C ALA B 608 -0.75 40.19 -16.46
N LYS B 609 0.14 41.17 -16.64
CA LYS B 609 0.25 41.93 -17.85
C LYS B 609 1.27 41.26 -18.78
N SER B 610 2.19 40.51 -18.20
CA SER B 610 3.21 39.85 -18.99
C SER B 610 2.65 38.55 -19.53
N LEU B 611 1.59 38.02 -18.91
CA LEU B 611 1.14 36.68 -19.29
C LEU B 611 0.54 36.54 -20.70
N PRO B 612 -0.29 37.47 -21.26
CA PRO B 612 -0.89 37.21 -22.58
C PRO B 612 0.14 36.79 -23.65
N ALA B 613 1.30 37.44 -23.70
CA ALA B 613 2.30 37.08 -24.70
C ALA B 613 2.96 35.73 -24.39
N LEU B 614 2.99 35.34 -23.11
CA LEU B 614 3.67 34.12 -22.76
C LEU B 614 2.73 32.94 -22.94
N LEU B 615 1.48 33.08 -22.49
CA LEU B 615 0.45 32.11 -22.82
C LEU B 615 0.41 31.84 -24.33
N GLU B 616 0.61 32.88 -25.13
CA GLU B 616 0.55 32.71 -26.58
C GLU B 616 1.77 31.91 -27.04
N GLU B 617 2.98 32.35 -26.69
CA GLU B 617 4.15 31.59 -27.07
C GLU B 617 4.13 30.12 -26.65
N LEU B 618 3.64 29.86 -25.44
CA LEU B 618 3.67 28.52 -24.89
C LEU B 618 2.44 27.71 -25.35
N GLY B 619 1.54 28.27 -26.17
CA GLY B 619 0.40 27.53 -26.71
C GLY B 619 -0.74 27.32 -25.69
N ILE B 620 -0.81 28.16 -24.65
CA ILE B 620 -1.84 27.97 -23.63
C ILE B 620 -3.04 28.85 -23.93
N GLU B 621 -4.18 28.17 -24.13
CA GLU B 621 -5.37 28.78 -24.70
C GLU B 621 -6.20 29.31 -23.52
N THR B 622 -6.56 30.58 -23.59
CA THR B 622 -7.32 31.26 -22.56
C THR B 622 -8.56 31.91 -23.20
N SER B 623 -9.47 32.44 -22.38
CA SER B 623 -10.66 33.10 -22.89
C SER B 623 -10.29 34.41 -23.55
N ALA B 624 -11.15 34.84 -24.47
CA ALA B 624 -10.96 36.04 -25.27
C ALA B 624 -11.80 37.21 -24.73
N GLU B 625 -12.78 36.98 -23.83
CA GLU B 625 -13.55 38.05 -23.21
C GLU B 625 -12.60 38.99 -22.44
N ASP B 626 -12.78 40.30 -22.65
CA ASP B 626 -12.09 41.41 -21.98
C ASP B 626 -12.25 41.37 -20.46
N ASP B 627 -13.39 40.83 -19.98
CA ASP B 627 -13.77 40.75 -18.59
C ASP B 627 -13.39 39.38 -18.01
N ARG B 628 -12.53 38.65 -18.71
CA ARG B 628 -11.89 37.42 -18.25
C ARG B 628 -11.58 37.37 -16.75
N GLY B 629 -10.95 38.44 -16.22
CA GLY B 629 -10.37 38.43 -14.88
C GLY B 629 -11.37 38.75 -13.77
N GLU B 630 -12.58 39.15 -14.14
CA GLU B 630 -13.48 39.72 -13.16
C GLU B 630 -14.09 38.63 -12.29
N VAL B 631 -14.08 37.38 -12.76
CA VAL B 631 -14.81 36.34 -12.07
C VAL B 631 -13.88 35.14 -11.97
N LEU B 632 -13.77 34.50 -10.80
CA LEU B 632 -13.07 33.23 -10.76
C LEU B 632 -14.11 32.18 -11.03
N ARG B 633 -13.76 31.29 -11.96
CA ARG B 633 -14.57 30.14 -12.38
C ARG B 633 -13.91 28.88 -11.85
N VAL B 634 -14.67 28.14 -11.06
CA VAL B 634 -14.18 26.94 -10.42
C VAL B 634 -15.18 25.84 -10.73
N GLU B 635 -14.69 24.65 -11.14
CA GLU B 635 -15.56 23.56 -11.56
C GLU B 635 -15.23 22.25 -10.86
N ARG B 636 -16.30 21.51 -10.52
CA ARG B 636 -16.21 20.16 -10.01
C ARG B 636 -17.07 19.25 -10.87
N ALA B 637 -16.61 18.02 -11.13
CA ALA B 637 -17.27 17.07 -11.98
C ALA B 637 -16.94 15.69 -11.43
N ASP B 638 -17.87 14.73 -11.58
CA ASP B 638 -17.61 13.31 -11.37
C ASP B 638 -16.80 12.78 -12.55
N GLU B 639 -16.36 11.53 -12.37
CA GLU B 639 -15.50 10.80 -13.28
C GLU B 639 -16.05 10.81 -14.71
N THR B 640 -17.36 10.56 -14.84
CA THR B 640 -17.99 10.39 -16.14
C THR B 640 -18.28 11.75 -16.79
N GLY B 641 -18.88 12.69 -16.05
CA GLY B 641 -19.21 14.00 -16.61
C GLY B 641 -20.69 14.35 -16.48
N GLU B 642 -21.47 13.38 -16.01
CA GLU B 642 -22.90 13.50 -15.78
C GLU B 642 -23.27 14.64 -14.83
N ASN B 643 -22.43 14.86 -13.80
CA ASN B 643 -22.64 15.85 -12.76
C ASN B 643 -21.46 16.81 -12.80
N HIS B 644 -21.73 18.01 -13.25
CA HIS B 644 -20.71 19.00 -13.52
C HIS B 644 -21.24 20.30 -12.96
N PHE B 645 -20.50 20.96 -12.00
CA PHE B 645 -20.92 22.25 -11.43
C PHE B 645 -19.90 23.34 -11.70
N VAL B 646 -20.38 24.59 -11.88
CA VAL B 646 -19.52 25.75 -12.05
C VAL B 646 -19.85 26.80 -10.97
N PHE B 647 -18.85 27.17 -10.19
CA PHE B 647 -18.96 28.21 -9.19
C PHE B 647 -18.27 29.45 -9.75
N LEU B 648 -18.97 30.60 -9.71
CA LEU B 648 -18.51 31.86 -10.25
C LEU B 648 -18.48 32.94 -9.15
N PHE B 649 -17.28 33.44 -8.88
CA PHE B 649 -17.03 34.40 -7.85
C PHE B 649 -16.59 35.72 -8.43
N ASN B 650 -17.29 36.77 -8.02
CA ASN B 650 -16.85 38.12 -8.34
C ASN B 650 -15.57 38.36 -7.55
N ARG B 651 -14.50 38.66 -8.26
CA ARG B 651 -13.26 39.05 -7.62
C ARG B 651 -13.12 40.56 -7.52
N THR B 652 -14.17 41.37 -7.82
CA THR B 652 -14.02 42.82 -7.95
C THR B 652 -15.07 43.58 -7.10
N HIS B 653 -14.93 44.92 -7.13
CA HIS B 653 -15.89 45.87 -6.56
C HIS B 653 -16.87 46.45 -7.60
N ASP B 654 -16.99 45.79 -8.74
CA ASP B 654 -17.95 46.15 -9.79
C ASP B 654 -18.99 45.05 -9.85
N VAL B 655 -20.08 45.35 -10.54
CA VAL B 655 -21.04 44.31 -10.87
C VAL B 655 -20.47 43.49 -12.02
N ALA B 656 -20.36 42.17 -11.85
CA ALA B 656 -19.89 41.33 -12.93
C ALA B 656 -21.10 40.63 -13.57
N VAL B 657 -21.06 40.55 -14.90
CA VAL B 657 -22.16 40.02 -15.68
C VAL B 657 -21.64 38.72 -16.29
N VAL B 658 -22.33 37.60 -16.05
CA VAL B 658 -21.83 36.33 -16.56
C VAL B 658 -22.92 35.61 -17.30
N ASP B 659 -22.46 34.53 -17.97
CA ASP B 659 -23.34 33.65 -18.69
C ASP B 659 -23.79 32.51 -17.77
N VAL B 660 -25.09 32.24 -17.76
CA VAL B 660 -25.63 31.15 -16.96
C VAL B 660 -25.82 29.94 -17.85
N GLU B 661 -24.90 28.98 -17.77
CA GLU B 661 -24.81 27.90 -18.74
C GLU B 661 -25.43 26.60 -18.23
N GLY B 662 -26.41 26.67 -17.32
CA GLY B 662 -27.14 25.47 -16.93
C GLY B 662 -28.19 25.89 -15.91
N GLU B 663 -28.67 24.95 -15.08
CA GLU B 663 -29.61 25.29 -14.04
C GLU B 663 -28.87 26.06 -12.94
N PRO B 664 -29.24 27.31 -12.64
CA PRO B 664 -28.71 28.01 -11.48
C PRO B 664 -29.24 27.38 -10.20
N LEU B 665 -28.37 26.89 -9.31
CA LEU B 665 -28.86 26.27 -8.09
C LEU B 665 -28.69 27.17 -6.87
N VAL B 666 -27.60 27.94 -6.76
CA VAL B 666 -27.49 28.82 -5.61
C VAL B 666 -26.92 30.15 -6.06
N ALA B 667 -27.55 31.21 -5.56
CA ALA B 667 -27.20 32.58 -5.87
C ALA B 667 -27.09 33.40 -4.57
N SER B 668 -25.92 33.98 -4.31
CA SER B 668 -25.74 34.92 -3.22
C SER B 668 -25.19 36.22 -3.80
N LEU B 669 -26.01 37.28 -3.74
CA LEU B 669 -25.72 38.61 -4.26
C LEU B 669 -25.50 38.52 -5.77
N ALA B 670 -26.37 37.74 -6.39
CA ALA B 670 -26.38 37.48 -7.80
C ALA B 670 -27.85 37.36 -8.20
N GLN B 671 -28.18 37.96 -9.36
CA GLN B 671 -29.53 38.01 -9.91
C GLN B 671 -29.53 37.41 -11.31
N VAL B 672 -30.32 36.37 -11.51
CA VAL B 672 -30.40 35.67 -12.79
C VAL B 672 -31.49 36.35 -13.62
N ASN B 673 -31.21 36.62 -14.89
CA ASN B 673 -32.22 36.84 -15.91
C ASN B 673 -32.30 35.55 -16.71
N GLU B 674 -33.39 34.76 -16.55
CA GLU B 674 -33.53 33.51 -17.30
C GLU B 674 -34.17 33.87 -18.64
N SER B 675 -33.53 33.48 -19.74
CA SER B 675 -33.79 34.11 -21.03
C SER B 675 -33.77 35.61 -20.77
N GLU B 676 -32.57 36.20 -20.53
CA GLU B 676 -31.36 36.12 -21.35
C GLU B 676 -30.31 35.04 -21.00
N HIS B 677 -30.54 34.19 -20.00
CA HIS B 677 -29.51 33.21 -19.64
C HIS B 677 -28.26 33.94 -19.10
N THR B 678 -28.50 34.98 -18.29
CA THR B 678 -27.44 35.89 -17.83
C THR B 678 -27.56 36.18 -16.32
N ALA B 679 -26.45 36.62 -15.70
CA ALA B 679 -26.53 37.01 -14.29
C ALA B 679 -25.66 38.21 -13.98
N ALA B 680 -26.16 39.04 -13.05
CA ALA B 680 -25.41 40.15 -12.49
C ALA B 680 -24.94 39.79 -11.09
N ILE B 681 -23.63 39.62 -10.91
CA ILE B 681 -23.07 39.23 -9.61
C ILE B 681 -22.49 40.44 -8.92
N GLN B 682 -23.11 40.87 -7.84
CA GLN B 682 -22.60 41.99 -7.05
C GLN B 682 -21.21 41.66 -6.49
N PRO B 683 -20.45 42.66 -6.01
CA PRO B 683 -19.26 42.39 -5.19
C PRO B 683 -19.59 41.41 -4.07
N ASN B 684 -18.65 40.49 -3.81
CA ASN B 684 -18.76 39.51 -2.73
C ASN B 684 -19.81 38.48 -3.06
N GLY B 685 -20.22 38.44 -4.34
CA GLY B 685 -21.30 37.58 -4.79
C GLY B 685 -20.77 36.33 -5.46
N VAL B 686 -21.64 35.30 -5.51
CA VAL B 686 -21.34 34.03 -6.11
C VAL B 686 -22.62 33.39 -6.70
N LEU B 687 -22.43 32.64 -7.79
CA LEU B 687 -23.48 31.86 -8.42
C LEU B 687 -22.93 30.46 -8.68
N VAL B 688 -23.75 29.45 -8.41
CA VAL B 688 -23.37 28.06 -8.67
C VAL B 688 -24.47 27.44 -9.54
N VAL B 689 -24.00 26.82 -10.62
CA VAL B 689 -24.80 26.34 -11.74
C VAL B 689 -24.52 24.85 -11.88
N LYS B 690 -25.55 24.06 -12.19
CA LYS B 690 -25.30 22.71 -12.69
C LYS B 690 -25.35 22.75 -14.23
N LEU B 691 -24.23 22.39 -14.88
CA LEU B 691 -24.20 22.35 -16.34
C LEU B 691 -24.91 21.08 -16.76
N ALA B 692 -25.30 20.99 -18.04
CA ALA B 692 -26.11 19.90 -18.58
C ALA B 692 -25.24 18.66 -18.88
N ALA B 693 -25.74 17.44 -18.59
CA ALA B 693 -25.08 16.18 -18.94
C ALA B 693 -24.91 16.05 -20.47
C2 BGC C . -1.70 -33.25 -9.55
C3 BGC C . -0.48 -33.37 -8.65
C4 BGC C . 0.78 -33.53 -9.47
C5 BGC C . 0.94 -32.43 -10.48
C6 BGC C . 2.07 -32.70 -11.46
C1 BGC C . -1.45 -32.09 -10.51
O1 BGC C . -2.45 -31.94 -11.43
O2 BGC C . -2.92 -33.01 -8.85
O3 BGC C . -0.54 -34.44 -7.71
O4 BGC C . 1.89 -33.45 -8.63
O5 BGC C . -0.26 -32.35 -11.27
O6 BGC C . 2.22 -31.58 -12.33
C1 GAL C . 2.65 -34.66 -8.69
C2 GAL C . 4.02 -34.21 -8.21
C3 GAL C . 4.93 -35.36 -8.29
C4 GAL C . 4.42 -36.40 -7.30
C5 GAL C . 3.01 -36.85 -7.67
C6 GAL C . 2.38 -37.74 -6.58
O2 GAL C . 4.57 -33.11 -8.93
O3 GAL C . 6.19 -34.83 -7.95
O4 GAL C . 4.35 -35.78 -6.00
O5 GAL C . 2.14 -35.68 -7.81
O6 GAL C . 0.95 -37.57 -6.49
C1 NAG C . 7.31 -35.17 -8.74
C2 NAG C . 8.60 -34.80 -7.98
C3 NAG C . 9.79 -35.09 -8.89
C4 NAG C . 9.73 -36.53 -9.47
C5 NAG C . 8.37 -36.75 -10.13
C6 NAG C . 8.13 -38.16 -10.64
C7 NAG C . 8.02 -32.37 -7.85
C8 NAG C . 8.05 -31.18 -6.93
N2 NAG C . 8.70 -33.45 -7.44
O3 NAG C . 10.90 -34.87 -8.01
O4 NAG C . 10.70 -36.78 -10.50
O5 NAG C . 7.33 -36.53 -9.16
O6 NAG C . 8.18 -39.10 -9.56
O7 NAG C . 7.35 -32.34 -8.88
C1 GAL C . 12.12 -34.28 -8.59
C2 GAL C . 13.06 -33.72 -7.49
C3 GAL C . 14.55 -33.72 -7.89
C4 GAL C . 14.93 -34.75 -8.92
C5 GAL C . 13.89 -34.91 -10.01
C6 GAL C . 14.27 -35.91 -11.11
O2 GAL C . 12.58 -32.45 -7.13
O3 GAL C . 15.35 -34.05 -6.75
O4 GAL C . 14.98 -35.99 -8.24
O5 GAL C . 12.70 -35.36 -9.33
O6 GAL C . 14.44 -37.26 -10.71
C2 BGC D . 2.60 33.87 8.01
C3 BGC D . 2.00 32.61 8.68
C4 BGC D . 0.78 32.96 9.48
C5 BGC D . -0.23 33.83 8.72
C6 BGC D . -1.30 34.42 9.62
C1 BGC D . 1.50 34.56 7.20
O1 BGC D . 1.98 35.69 6.63
O2 BGC D . 3.71 33.53 7.19
O3 BGC D . 2.97 31.92 9.49
O4 BGC D . 0.11 31.75 9.83
O5 BGC D . 0.44 34.94 8.08
O6 BGC D . -2.10 35.31 8.86
C1 GAL D . 0.06 31.72 11.25
C2 GAL D . -1.14 30.84 11.53
C3 GAL D . -1.33 30.83 13.02
C4 GAL D . -0.08 30.30 13.72
C5 GAL D . 1.19 31.03 13.34
C6 GAL D . 2.38 30.22 13.83
O2 GAL D . -2.34 31.25 10.87
O3 GAL D . -2.40 29.97 13.32
O4 GAL D . 0.05 28.91 13.41
O5 GAL D . 1.28 31.22 11.87
O6 GAL D . 3.62 30.59 13.26
C1 NAG D . -3.43 30.58 14.08
C2 NAG D . -4.44 29.46 14.42
C3 NAG D . -5.53 29.98 15.35
C4 NAG D . -4.92 30.77 16.53
C5 NAG D . -3.92 31.82 16.01
C6 NAG D . -3.18 32.57 17.08
C7 NAG D . -5.05 29.17 12.00
C8 NAG D . -5.37 28.12 10.99
N2 NAG D . -5.04 28.76 13.29
O3 NAG D . -6.25 28.82 15.77
O4 NAG D . -5.90 31.44 17.30
O5 NAG D . -2.88 31.18 15.25
O6 NAG D . -2.50 31.70 17.98
O7 NAG D . -4.80 30.32 11.66
C1 GAL D . -7.70 28.92 15.97
C2 GAL D . -8.35 27.53 15.90
C3 GAL D . -9.72 27.39 16.63
C4 GAL D . -9.87 28.36 17.77
C5 GAL D . -9.29 29.75 17.44
C6 GAL D . -9.44 30.85 18.49
O2 GAL D . -8.41 27.15 14.53
O3 GAL D . -9.85 26.07 17.26
O4 GAL D . -9.12 27.74 18.83
O5 GAL D . -7.92 29.54 17.25
O6 GAL D . -8.87 30.64 19.79
#